data_8TQX
# 
_entry.id   8TQX 
# 
_audit_conform.dict_name       mmcif_pdbx.dic 
_audit_conform.dict_version    5.392 
_audit_conform.dict_location   http://mmcif.pdb.org/dictionaries/ascii/mmcif_pdbx.dic 
# 
loop_
_database_2.database_id 
_database_2.database_code 
_database_2.pdbx_database_accession 
_database_2.pdbx_DOI 
PDB   8TQX         pdb_00008tqx 10.2210/pdb8tqx/pdb 
WWPDB D_1000276477 ?            ?                   
# 
loop_
_pdbx_audit_revision_history.ordinal 
_pdbx_audit_revision_history.data_content_type 
_pdbx_audit_revision_history.major_revision 
_pdbx_audit_revision_history.minor_revision 
_pdbx_audit_revision_history.revision_date 
1 'Structure model' 1 0 2024-03-06 
2 'Structure model' 1 1 2024-05-29 
# 
_pdbx_audit_revision_details.ordinal             1 
_pdbx_audit_revision_details.revision_ordinal    1 
_pdbx_audit_revision_details.data_content_type   'Structure model' 
_pdbx_audit_revision_details.provider            repository 
_pdbx_audit_revision_details.type                'Initial release' 
_pdbx_audit_revision_details.description         ? 
_pdbx_audit_revision_details.details             ? 
# 
_pdbx_audit_revision_group.ordinal             1 
_pdbx_audit_revision_group.revision_ordinal    2 
_pdbx_audit_revision_group.data_content_type   'Structure model' 
_pdbx_audit_revision_group.group               'Database references' 
# 
_pdbx_audit_revision_category.ordinal             1 
_pdbx_audit_revision_category.revision_ordinal    2 
_pdbx_audit_revision_category.data_content_type   'Structure model' 
_pdbx_audit_revision_category.category            citation 
# 
loop_
_pdbx_audit_revision_item.ordinal 
_pdbx_audit_revision_item.revision_ordinal 
_pdbx_audit_revision_item.data_content_type 
_pdbx_audit_revision_item.item 
1 2 'Structure model' '_citation.journal_volume' 
2 2 'Structure model' '_citation.page_first'     
3 2 'Structure model' '_citation.page_last'      
# 
_pdbx_database_status.status_code                     REL 
_pdbx_database_status.status_code_sf                  REL 
_pdbx_database_status.status_code_mr                  ? 
_pdbx_database_status.entry_id                        8TQX 
_pdbx_database_status.recvd_initial_deposition_date   2023-08-08 
_pdbx_database_status.SG_entry                        N 
_pdbx_database_status.deposit_site                    RCSB 
_pdbx_database_status.process_site                    RCSB 
_pdbx_database_status.status_code_cs                  ? 
_pdbx_database_status.status_code_nmr_data            ? 
_pdbx_database_status.methods_development_category    ? 
_pdbx_database_status.pdb_format_compatible           Y 
# 
_pdbx_contact_author.id                 3 
_pdbx_contact_author.email              kaychoi@iu.edu 
_pdbx_contact_author.name_first         Kyung 
_pdbx_contact_author.name_last          Choi 
_pdbx_contact_author.name_mi            H 
_pdbx_contact_author.role               'principal investigator/group leader' 
_pdbx_contact_author.identifier_ORCID   0000-0003-0865-1265 
# 
loop_
_audit_author.name 
_audit_author.pdbx_ordinal 
_audit_author.identifier_ORCID 
'Tipo, J.'      1 0000-0002-7563-2956 
'Gottipati, K.' 2 0000-0001-5806-4654 
'Choi, K.H.'    3 0000-0003-0865-1265 
# 
_citation.abstract                  ? 
_citation.abstract_id_CAS           ? 
_citation.book_id_ISBN              ? 
_citation.book_publisher            ? 
_citation.book_publisher_city       ? 
_citation.book_title                ? 
_citation.coordinate_linkage        ? 
_citation.country                   UK 
_citation.database_id_Medline       ? 
_citation.details                   ? 
_citation.id                        primary 
_citation.journal_abbrev            Rna 
_citation.journal_id_ASTM           RNARFU 
_citation.journal_id_CSD            2122 
_citation.journal_id_ISSN           1469-9001 
_citation.journal_full              ? 
_citation.journal_issue             ? 
_citation.journal_volume            30 
_citation.language                  ? 
_citation.page_first                609 
_citation.page_last                 623 
_citation.title                     
'High-resolution RNA tertiary structures in Zika virus stem-loop A for the development of inhibitory small molecules.' 
_citation.year                      2024 
_citation.database_id_CSD           ? 
_citation.pdbx_database_id_DOI      10.1261/rna.079796.123 
_citation.pdbx_database_id_PubMed   38383158 
_citation.pdbx_database_id_patent   ? 
_citation.unpublished_flag          ? 
# 
loop_
_citation_author.citation_id 
_citation_author.name 
_citation_author.ordinal 
_citation_author.identifier_ORCID 
primary 'Tipo, J.'      1 ? 
primary 'Gottipati, K.' 2 ? 
primary 'Choi, K.H.'    3 ? 
# 
loop_
_entity.id 
_entity.type 
_entity.src_method 
_entity.pdbx_description 
_entity.formula_weight 
_entity.pdbx_number_of_molecules 
_entity.pdbx_ec 
_entity.pdbx_mutation 
_entity.pdbx_fragment 
_entity.details 
1 polymer     syn 'Zika virus stem-loop A (SLA) bottom stem' 6054.634 2 ? ? ? 
'A GGGCCC linker sequence is used to connect the antiparallel strands of the bottom stem' 
2 non-polymer syn 'MAGNESIUM ION'                            24.305   1 ? ? ? ? 
3 non-polymer syn GLYCEROL                                   92.094   1 ? ? ? ? 
4 water       nat water                                      18.015   1 ? ? ? ? 
# 
_entity_poly.entity_id                      1 
_entity_poly.type                           polyribonucleotide 
_entity_poly.nstd_linkage                   no 
_entity_poly.nstd_monomer                   no 
_entity_poly.pdbx_seq_one_letter_code       UGAUCUGGGCCCAGUAUCA 
_entity_poly.pdbx_seq_one_letter_code_can   UGAUCUGGGCCCAGUAUCA 
_entity_poly.pdbx_strand_id                 A,D 
_entity_poly.pdbx_target_identifier         ? 
# 
loop_
_pdbx_entity_nonpoly.entity_id 
_pdbx_entity_nonpoly.name 
_pdbx_entity_nonpoly.comp_id 
2 'MAGNESIUM ION' MG  
3 GLYCEROL        GOL 
4 water           HOH 
# 
loop_
_entity_poly_seq.entity_id 
_entity_poly_seq.num 
_entity_poly_seq.mon_id 
_entity_poly_seq.hetero 
1 1  U n 
1 2  G n 
1 3  A n 
1 4  U n 
1 5  C n 
1 6  U n 
1 7  G n 
1 8  G n 
1 9  G n 
1 10 C n 
1 11 C n 
1 12 C n 
1 13 A n 
1 14 G n 
1 15 U n 
1 16 A n 
1 17 U n 
1 18 C n 
1 19 A n 
# 
_pdbx_entity_src_syn.entity_id              1 
_pdbx_entity_src_syn.pdbx_src_id            1 
_pdbx_entity_src_syn.pdbx_alt_source_flag   sample 
_pdbx_entity_src_syn.pdbx_beg_seq_num       1 
_pdbx_entity_src_syn.pdbx_end_seq_num       19 
_pdbx_entity_src_syn.organism_scientific    'Zika virus' 
_pdbx_entity_src_syn.organism_common_name   ? 
_pdbx_entity_src_syn.ncbi_taxonomy_id       64320 
_pdbx_entity_src_syn.details                ? 
# 
loop_
_chem_comp.id 
_chem_comp.type 
_chem_comp.mon_nstd_flag 
_chem_comp.name 
_chem_comp.pdbx_synonyms 
_chem_comp.formula 
_chem_comp.formula_weight 
A   'RNA linking' y "ADENOSINE-5'-MONOPHOSPHATE" ?                               'C10 H14 N5 O7 P' 347.221 
C   'RNA linking' y "CYTIDINE-5'-MONOPHOSPHATE"  ?                               'C9 H14 N3 O8 P'  323.197 
G   'RNA linking' y "GUANOSINE-5'-MONOPHOSPHATE" ?                               'C10 H14 N5 O8 P' 363.221 
GOL non-polymer   . GLYCEROL                     'GLYCERIN; PROPANE-1,2,3-TRIOL' 'C3 H8 O3'        92.094  
HOH non-polymer   . WATER                        ?                               'H2 O'            18.015  
MG  non-polymer   . 'MAGNESIUM ION'              ?                               'Mg 2'            24.305  
U   'RNA linking' y "URIDINE-5'-MONOPHOSPHATE"   ?                               'C9 H13 N2 O9 P'  324.181 
# 
loop_
_pdbx_poly_seq_scheme.asym_id 
_pdbx_poly_seq_scheme.entity_id 
_pdbx_poly_seq_scheme.seq_id 
_pdbx_poly_seq_scheme.mon_id 
_pdbx_poly_seq_scheme.ndb_seq_num 
_pdbx_poly_seq_scheme.pdb_seq_num 
_pdbx_poly_seq_scheme.auth_seq_num 
_pdbx_poly_seq_scheme.pdb_mon_id 
_pdbx_poly_seq_scheme.auth_mon_id 
_pdbx_poly_seq_scheme.pdb_strand_id 
_pdbx_poly_seq_scheme.pdb_ins_code 
_pdbx_poly_seq_scheme.hetero 
A 1 1  U 1  1  1  U U A . n 
A 1 2  G 2  2  2  G G A . n 
A 1 3  A 3  3  3  A A A . n 
A 1 4  U 4  4  4  U U A . n 
A 1 5  C 5  5  5  C C A . n 
A 1 6  U 6  6  6  U U A . n 
A 1 7  G 7  7  7  G G A . n 
A 1 8  G 8  8  8  G G A . n 
A 1 9  G 9  9  9  G G A . n 
A 1 10 C 10 10 10 C C A . n 
A 1 11 C 11 11 11 C C A . n 
A 1 12 C 12 12 12 C C A . n 
A 1 13 A 13 13 13 A A A . n 
A 1 14 G 14 14 14 G G A . n 
A 1 15 U 15 15 15 U U A . n 
A 1 16 A 16 16 16 A A A . n 
A 1 17 U 17 17 17 U U A . n 
A 1 18 C 18 18 18 C C A . n 
A 1 19 A 19 19 19 A A A . n 
B 1 1  U 1  1  1  U U D . n 
B 1 2  G 2  2  2  G G D . n 
B 1 3  A 3  3  3  A A D . n 
B 1 4  U 4  4  4  U U D . n 
B 1 5  C 5  5  5  C C D . n 
B 1 6  U 6  6  6  U U D . n 
B 1 7  G 7  7  7  G G D . n 
B 1 8  G 8  8  8  G G D . n 
B 1 9  G 9  9  9  G G D . n 
B 1 10 C 10 10 10 C C D . n 
B 1 11 C 11 11 11 C C D . n 
B 1 12 C 12 12 12 C C D . n 
B 1 13 A 13 13 13 A A D . n 
B 1 14 G 14 14 14 G G D . n 
B 1 15 U 15 15 15 U U D . n 
B 1 16 A 16 16 16 A A D . n 
B 1 17 U 17 17 17 U U D . n 
B 1 18 C 18 18 18 C C D . n 
B 1 19 A 19 19 19 A A D . n 
# 
loop_
_pdbx_nonpoly_scheme.asym_id 
_pdbx_nonpoly_scheme.entity_id 
_pdbx_nonpoly_scheme.mon_id 
_pdbx_nonpoly_scheme.ndb_seq_num 
_pdbx_nonpoly_scheme.pdb_seq_num 
_pdbx_nonpoly_scheme.auth_seq_num 
_pdbx_nonpoly_scheme.pdb_mon_id 
_pdbx_nonpoly_scheme.auth_mon_id 
_pdbx_nonpoly_scheme.pdb_strand_id 
_pdbx_nonpoly_scheme.pdb_ins_code 
C 2 MG  1 101 1   MG  MG  A . 
D 3 GOL 1 101 101 GOL GOL D . 
E 4 HOH 1 201 1   HOH HOH A . 
# 
loop_
_software.citation_id 
_software.classification 
_software.compiler_name 
_software.compiler_version 
_software.contact_author 
_software.contact_author_email 
_software.date 
_software.description 
_software.dependencies 
_software.hardware 
_software.language 
_software.location 
_software.mods 
_software.name 
_software.os 
_software.os_version 
_software.type 
_software.version 
_software.pdbx_ordinal 
? 'data collection' ? ? ? ? ? ? ? ? ? ? ? Blu-Ice  ? ? ? .           1 
? 'data processing' ? ? ? ? ? ? ? ? ? ? ? ELVES    ? ? ? .           2 
? 'data reduction'  ? ? ? ? ? ? ? ? ? ? ? HKL-2000 ? ? ? .           3 
? 'data scaling'    ? ? ? ? ? ? ? ? ? ? ? HKL-2000 ? ? ? .           4 
? 'model building'  ? ? ? ? ? ? ? ? ? ? ? PHENIX   ? ? ? .           5 
? refinement        ? ? ? ? ? ? ? ? ? ? ? PHENIX   ? ? ? 1.20.1_4487 6 
? phasing           ? ? ? ? ? ? ? ? ? ? ? PHASER   ? ? ? .           7 
# 
_cell.angle_alpha                  90.000 
_cell.angle_alpha_esd              ? 
_cell.angle_beta                   90.000 
_cell.angle_beta_esd               ? 
_cell.angle_gamma                  90.000 
_cell.angle_gamma_esd              ? 
_cell.entry_id                     8TQX 
_cell.details                      ? 
_cell.formula_units_Z              ? 
_cell.length_a                     28.322 
_cell.length_a_esd                 ? 
_cell.length_b                     41.947 
_cell.length_b_esd                 ? 
_cell.length_c                     97.659 
_cell.length_c_esd                 ? 
_cell.volume                       116021.132 
_cell.volume_esd                   ? 
_cell.Z_PDB                        8 
_cell.reciprocal_angle_alpha       ? 
_cell.reciprocal_angle_beta        ? 
_cell.reciprocal_angle_gamma       ? 
_cell.reciprocal_angle_alpha_esd   ? 
_cell.reciprocal_angle_beta_esd    ? 
_cell.reciprocal_angle_gamma_esd   ? 
_cell.reciprocal_length_a          ? 
_cell.reciprocal_length_b          ? 
_cell.reciprocal_length_c          ? 
_cell.reciprocal_length_a_esd      ? 
_cell.reciprocal_length_b_esd      ? 
_cell.reciprocal_length_c_esd      ? 
_cell.pdbx_unique_axis             ? 
_cell.pdbx_esd_method              ? 
# 
_symmetry.entry_id                         8TQX 
_symmetry.cell_setting                     ? 
_symmetry.Int_Tables_number                19 
_symmetry.space_group_name_Hall            'P 2ac 2ab' 
_symmetry.space_group_name_H-M             'P 21 21 21' 
_symmetry.pdbx_full_space_group_name_H-M   ? 
# 
_exptl.absorpt_coefficient_mu     ? 
_exptl.absorpt_correction_T_max   ? 
_exptl.absorpt_correction_T_min   ? 
_exptl.absorpt_correction_type    ? 
_exptl.absorpt_process_details    ? 
_exptl.entry_id                   8TQX 
_exptl.crystals_number            1 
_exptl.details                    ? 
_exptl.method                     'X-RAY DIFFRACTION' 
_exptl.method_details             ? 
# 
_exptl_crystal.colour                       ? 
_exptl_crystal.density_diffrn               ? 
_exptl_crystal.density_Matthews             2.40 
_exptl_crystal.density_method               ? 
_exptl_crystal.density_percent_sol          48.65 
_exptl_crystal.description                  ? 
_exptl_crystal.F_000                        ? 
_exptl_crystal.id                           1 
_exptl_crystal.preparation                  ? 
_exptl_crystal.size_max                     ? 
_exptl_crystal.size_mid                     ? 
_exptl_crystal.size_min                     ? 
_exptl_crystal.size_rad                     ? 
_exptl_crystal.colour_lustre                ? 
_exptl_crystal.colour_modifier              ? 
_exptl_crystal.colour_primary               ? 
_exptl_crystal.density_meas                 ? 
_exptl_crystal.density_meas_esd             ? 
_exptl_crystal.density_meas_gt              ? 
_exptl_crystal.density_meas_lt              ? 
_exptl_crystal.density_meas_temp            ? 
_exptl_crystal.density_meas_temp_esd        ? 
_exptl_crystal.density_meas_temp_gt         ? 
_exptl_crystal.density_meas_temp_lt         ? 
_exptl_crystal.pdbx_crystal_image_url       ? 
_exptl_crystal.pdbx_crystal_image_format    ? 
_exptl_crystal.pdbx_mosaicity               ? 
_exptl_crystal.pdbx_mosaicity_esd           ? 
_exptl_crystal.pdbx_mosaic_method           ? 
_exptl_crystal.pdbx_mosaic_block_size       ? 
_exptl_crystal.pdbx_mosaic_block_size_esd   ? 
# 
_exptl_crystal_grow.apparatus       ? 
_exptl_crystal_grow.atmosphere      ? 
_exptl_crystal_grow.crystal_id      1 
_exptl_crystal_grow.details         ? 
_exptl_crystal_grow.method          'VAPOR DIFFUSION, HANGING DROP' 
_exptl_crystal_grow.method_ref      ? 
_exptl_crystal_grow.pH              ? 
_exptl_crystal_grow.pressure        ? 
_exptl_crystal_grow.pressure_esd    ? 
_exptl_crystal_grow.seeding         ? 
_exptl_crystal_grow.seeding_ref     ? 
_exptl_crystal_grow.temp_details    ? 
_exptl_crystal_grow.temp_esd        ? 
_exptl_crystal_grow.time            ? 
_exptl_crystal_grow.pdbx_details    'Bis-Tris propane, magnesium chloride (MgCl2), and polyethylene glycol (PEG) 3350' 
_exptl_crystal_grow.pdbx_pH_range   6.5-7.5 
_exptl_crystal_grow.temp            291.15 
# 
_diffrn.ambient_environment              ? 
_diffrn.ambient_temp                     100 
_diffrn.ambient_temp_details             ? 
_diffrn.ambient_temp_esd                 ? 
_diffrn.crystal_id                       1 
_diffrn.crystal_support                  ? 
_diffrn.crystal_treatment                ? 
_diffrn.details                          ? 
_diffrn.id                               1 
_diffrn.ambient_pressure                 ? 
_diffrn.ambient_pressure_esd             ? 
_diffrn.ambient_pressure_gt              ? 
_diffrn.ambient_pressure_lt              ? 
_diffrn.ambient_temp_gt                  ? 
_diffrn.ambient_temp_lt                  ? 
_diffrn.pdbx_serial_crystal_experiment   N 
# 
_diffrn_detector.details                      ? 
_diffrn_detector.detector                     CCD 
_diffrn_detector.diffrn_id                    1 
_diffrn_detector.type                         'ADSC QUANTUM 315r' 
_diffrn_detector.area_resol_mean              ? 
_diffrn_detector.dtime                        ? 
_diffrn_detector.pdbx_frames_total            ? 
_diffrn_detector.pdbx_collection_time_total   ? 
_diffrn_detector.pdbx_collection_date         2022-03-24 
_diffrn_detector.pdbx_frequency               ? 
_diffrn_detector.id                           ? 
_diffrn_detector.number_of_axes               ? 
# 
_diffrn_radiation.collimation                      ? 
_diffrn_radiation.diffrn_id                        1 
_diffrn_radiation.filter_edge                      ? 
_diffrn_radiation.inhomogeneity                    ? 
_diffrn_radiation.monochromator                    ? 
_diffrn_radiation.polarisn_norm                    ? 
_diffrn_radiation.polarisn_ratio                   ? 
_diffrn_radiation.probe                            ? 
_diffrn_radiation.type                             ? 
_diffrn_radiation.xray_symbol                      ? 
_diffrn_radiation.wavelength_id                    1 
_diffrn_radiation.pdbx_monochromatic_or_laue_m_l   M 
_diffrn_radiation.pdbx_wavelength_list             ? 
_diffrn_radiation.pdbx_wavelength                  ? 
_diffrn_radiation.pdbx_diffrn_protocol             'SINGLE WAVELENGTH' 
_diffrn_radiation.pdbx_analyzer                    ? 
_diffrn_radiation.pdbx_scattering_type             x-ray 
# 
_diffrn_radiation_wavelength.id           1 
_diffrn_radiation_wavelength.wavelength   0.99 
_diffrn_radiation_wavelength.wt           1.0 
# 
_diffrn_source.current                     ? 
_diffrn_source.details                     ? 
_diffrn_source.diffrn_id                   1 
_diffrn_source.power                       ? 
_diffrn_source.size                        ? 
_diffrn_source.source                      SYNCHROTRON 
_diffrn_source.target                      ? 
_diffrn_source.type                        'ALS BEAMLINE 8.2.2' 
_diffrn_source.voltage                     ? 
_diffrn_source.take-off_angle              ? 
_diffrn_source.pdbx_wavelength_list        0.99 
_diffrn_source.pdbx_wavelength             ? 
_diffrn_source.pdbx_synchrotron_beamline   8.2.2 
_diffrn_source.pdbx_synchrotron_site       ALS 
# 
_reflns.B_iso_Wilson_estimate                          56.15 
_reflns.entry_id                                       8TQX 
_reflns.data_reduction_details                         ? 
_reflns.data_reduction_method                          ? 
_reflns.d_resolution_high                              2.05 
_reflns.d_resolution_low                               50 
_reflns.details                                        ? 
_reflns.limit_h_max                                    ? 
_reflns.limit_h_min                                    ? 
_reflns.limit_k_max                                    ? 
_reflns.limit_k_min                                    ? 
_reflns.limit_l_max                                    ? 
_reflns.limit_l_min                                    ? 
_reflns.number_all                                     ? 
_reflns.number_obs                                     7321 
_reflns.observed_criterion                             ? 
_reflns.observed_criterion_F_max                       ? 
_reflns.observed_criterion_F_min                       ? 
_reflns.observed_criterion_I_max                       ? 
_reflns.observed_criterion_I_min                       ? 
_reflns.observed_criterion_sigma_F                     ? 
_reflns.observed_criterion_sigma_I                     ? 
_reflns.percent_possible_obs                           94.4 
_reflns.R_free_details                                 ? 
_reflns.Rmerge_F_all                                   ? 
_reflns.Rmerge_F_obs                                   ? 
_reflns.Friedel_coverage                               ? 
_reflns.number_gt                                      ? 
_reflns.threshold_expression                           ? 
_reflns.pdbx_redundancy                                10.7 
_reflns.pdbx_netI_over_av_sigmaI                       ? 
_reflns.pdbx_netI_over_sigmaI                          23.22 
_reflns.pdbx_res_netI_over_av_sigmaI_2                 ? 
_reflns.pdbx_res_netI_over_sigmaI_2                    ? 
_reflns.pdbx_chi_squared                               0.946 
_reflns.pdbx_scaling_rejects                           ? 
_reflns.pdbx_d_res_high_opt                            ? 
_reflns.pdbx_d_res_low_opt                             ? 
_reflns.pdbx_d_res_opt_method                          ? 
_reflns.phase_calculation_details                      ? 
_reflns.pdbx_Rrim_I_all                                0.080 
_reflns.pdbx_Rpim_I_all                                0.022 
_reflns.pdbx_d_opt                                     ? 
_reflns.pdbx_number_measured_all                       ? 
_reflns.pdbx_diffrn_id                                 1 
_reflns.pdbx_ordinal                                   1 
_reflns.pdbx_CC_half                                   0.989 
_reflns.pdbx_CC_star                                   0.997 
_reflns.pdbx_R_split                                   ? 
_reflns.pdbx_Rmerge_I_obs                              0.076 
_reflns.pdbx_Rmerge_I_all                              ? 
_reflns.pdbx_Rsym_value                                ? 
_reflns.pdbx_CC_split_method                           ? 
_reflns.pdbx_aniso_diffraction_limit_axis_1_ortho[1]   ? 
_reflns.pdbx_aniso_diffraction_limit_axis_1_ortho[2]   ? 
_reflns.pdbx_aniso_diffraction_limit_axis_1_ortho[3]   ? 
_reflns.pdbx_aniso_diffraction_limit_axis_2_ortho[1]   ? 
_reflns.pdbx_aniso_diffraction_limit_axis_2_ortho[2]   ? 
_reflns.pdbx_aniso_diffraction_limit_axis_2_ortho[3]   ? 
_reflns.pdbx_aniso_diffraction_limit_axis_3_ortho[1]   ? 
_reflns.pdbx_aniso_diffraction_limit_axis_3_ortho[2]   ? 
_reflns.pdbx_aniso_diffraction_limit_axis_3_ortho[3]   ? 
_reflns.pdbx_aniso_diffraction_limit_1                 ? 
_reflns.pdbx_aniso_diffraction_limit_2                 ? 
_reflns.pdbx_aniso_diffraction_limit_3                 ? 
_reflns.pdbx_aniso_B_tensor_eigenvector_1_ortho[1]     ? 
_reflns.pdbx_aniso_B_tensor_eigenvector_1_ortho[2]     ? 
_reflns.pdbx_aniso_B_tensor_eigenvector_1_ortho[3]     ? 
_reflns.pdbx_aniso_B_tensor_eigenvector_2_ortho[1]     ? 
_reflns.pdbx_aniso_B_tensor_eigenvector_2_ortho[2]     ? 
_reflns.pdbx_aniso_B_tensor_eigenvector_2_ortho[3]     ? 
_reflns.pdbx_aniso_B_tensor_eigenvector_3_ortho[1]     ? 
_reflns.pdbx_aniso_B_tensor_eigenvector_3_ortho[2]     ? 
_reflns.pdbx_aniso_B_tensor_eigenvector_3_ortho[3]     ? 
_reflns.pdbx_aniso_B_tensor_eigenvalue_1               ? 
_reflns.pdbx_aniso_B_tensor_eigenvalue_2               ? 
_reflns.pdbx_aniso_B_tensor_eigenvalue_3               ? 
_reflns.pdbx_orthogonalization_convention              ? 
_reflns.pdbx_percent_possible_ellipsoidal              ? 
_reflns.pdbx_percent_possible_spherical                ? 
_reflns.pdbx_percent_possible_ellipsoidal_anomalous    ? 
_reflns.pdbx_percent_possible_spherical_anomalous      ? 
_reflns.pdbx_redundancy_anomalous                      ? 
_reflns.pdbx_CC_half_anomalous                         ? 
_reflns.pdbx_absDiff_over_sigma_anomalous              ? 
_reflns.pdbx_percent_possible_anomalous                ? 
_reflns.pdbx_observed_signal_threshold                 ? 
_reflns.pdbx_signal_type                               ? 
_reflns.pdbx_signal_details                            ? 
_reflns.pdbx_signal_software_id                        ? 
# 
_reflns_shell.d_res_high                                    2.05 
_reflns_shell.d_res_low                                     2.09 
_reflns_shell.meanI_over_sigI_all                           ? 
_reflns_shell.meanI_over_sigI_obs                           1.42 
_reflns_shell.number_measured_all                           ? 
_reflns_shell.number_measured_obs                           ? 
_reflns_shell.number_possible                               ? 
_reflns_shell.number_unique_all                             ? 
_reflns_shell.number_unique_obs                             314 
_reflns_shell.percent_possible_obs                          ? 
_reflns_shell.Rmerge_F_all                                  ? 
_reflns_shell.Rmerge_F_obs                                  ? 
_reflns_shell.meanI_over_sigI_gt                            ? 
_reflns_shell.meanI_over_uI_all                             ? 
_reflns_shell.meanI_over_uI_gt                              ? 
_reflns_shell.number_measured_gt                            ? 
_reflns_shell.number_unique_gt                              ? 
_reflns_shell.percent_possible_gt                           ? 
_reflns_shell.Rmerge_F_gt                                   ? 
_reflns_shell.Rmerge_I_gt                                   ? 
_reflns_shell.pdbx_redundancy                               6.7 
_reflns_shell.pdbx_chi_squared                              1.085 
_reflns_shell.pdbx_netI_over_sigmaI_all                     ? 
_reflns_shell.pdbx_netI_over_sigmaI_obs                     ? 
_reflns_shell.pdbx_Rrim_I_all                               ? 
_reflns_shell.pdbx_Rpim_I_all                               0.484 
_reflns_shell.pdbx_rejects                                  ? 
_reflns_shell.pdbx_ordinal                                  1 
_reflns_shell.pdbx_diffrn_id                                1 
_reflns_shell.pdbx_CC_half                                  0.724 
_reflns_shell.pdbx_CC_star                                  0.916 
_reflns_shell.pdbx_R_split                                  ? 
_reflns_shell.percent_possible_all                          83.3 
_reflns_shell.Rmerge_I_all                                  ? 
_reflns_shell.Rmerge_I_obs                                  ? 
_reflns_shell.pdbx_Rsym_value                               ? 
_reflns_shell.pdbx_percent_possible_ellipsoidal             ? 
_reflns_shell.pdbx_percent_possible_spherical               ? 
_reflns_shell.pdbx_percent_possible_ellipsoidal_anomalous   ? 
_reflns_shell.pdbx_percent_possible_spherical_anomalous     ? 
_reflns_shell.pdbx_redundancy_anomalous                     ? 
_reflns_shell.pdbx_CC_half_anomalous                        ? 
_reflns_shell.pdbx_absDiff_over_sigma_anomalous             ? 
_reflns_shell.pdbx_percent_possible_anomalous               ? 
# 
_refine.aniso_B[1][1]                            ? 
_refine.aniso_B[1][2]                            ? 
_refine.aniso_B[1][3]                            ? 
_refine.aniso_B[2][2]                            ? 
_refine.aniso_B[2][3]                            ? 
_refine.aniso_B[3][3]                            ? 
_refine.B_iso_max                                ? 
_refine.B_iso_mean                               59.08 
_refine.B_iso_min                                ? 
_refine.correlation_coeff_Fo_to_Fc               ? 
_refine.correlation_coeff_Fo_to_Fc_free          ? 
_refine.details                                  ? 
_refine.diff_density_max                         ? 
_refine.diff_density_max_esd                     ? 
_refine.diff_density_min                         ? 
_refine.diff_density_min_esd                     ? 
_refine.diff_density_rms                         ? 
_refine.diff_density_rms_esd                     ? 
_refine.entry_id                                 8TQX 
_refine.pdbx_refine_id                           'X-RAY DIFFRACTION' 
_refine.ls_abs_structure_details                 ? 
_refine.ls_abs_structure_Flack                   ? 
_refine.ls_abs_structure_Flack_esd               ? 
_refine.ls_abs_structure_Rogers                  ? 
_refine.ls_abs_structure_Rogers_esd              ? 
_refine.ls_d_res_high                            2.09 
_refine.ls_d_res_low                             48.83 
_refine.ls_extinction_coef                       ? 
_refine.ls_extinction_coef_esd                   ? 
_refine.ls_extinction_expression                 ? 
_refine.ls_extinction_method                     ? 
_refine.ls_goodness_of_fit_all                   ? 
_refine.ls_goodness_of_fit_all_esd               ? 
_refine.ls_goodness_of_fit_obs                   ? 
_refine.ls_goodness_of_fit_obs_esd               ? 
_refine.ls_hydrogen_treatment                    ? 
_refine.ls_matrix_type                           ? 
_refine.ls_number_constraints                    ? 
_refine.ls_number_parameters                     ? 
_refine.ls_number_reflns_all                     ? 
_refine.ls_number_reflns_obs                     6911 
_refine.ls_number_reflns_R_free                  692 
_refine.ls_number_reflns_R_work                  6219 
_refine.ls_number_restraints                     ? 
_refine.ls_percent_reflns_obs                    93.92 
_refine.ls_percent_reflns_R_free                 10.01 
_refine.ls_R_factor_all                          ? 
_refine.ls_R_factor_obs                          0.2525 
_refine.ls_R_factor_R_free                       0.2784 
_refine.ls_R_factor_R_free_error                 ? 
_refine.ls_R_factor_R_free_error_details         ? 
_refine.ls_R_factor_R_work                       0.2487 
_refine.ls_R_Fsqd_factor_obs                     ? 
_refine.ls_R_I_factor_obs                        ? 
_refine.ls_redundancy_reflns_all                 ? 
_refine.ls_redundancy_reflns_obs                 ? 
_refine.ls_restrained_S_all                      ? 
_refine.ls_restrained_S_obs                      ? 
_refine.ls_shift_over_esd_max                    ? 
_refine.ls_shift_over_esd_mean                   ? 
_refine.ls_structure_factor_coef                 ? 
_refine.ls_weighting_details                     ? 
_refine.ls_weighting_scheme                      ? 
_refine.ls_wR_factor_all                         ? 
_refine.ls_wR_factor_obs                         ? 
_refine.ls_wR_factor_R_free                      ? 
_refine.ls_wR_factor_R_work                      ? 
_refine.occupancy_max                            ? 
_refine.occupancy_min                            ? 
_refine.solvent_model_details                    'FLAT BULK SOLVENT MODEL' 
_refine.solvent_model_param_bsol                 ? 
_refine.solvent_model_param_ksol                 ? 
_refine.pdbx_R_complete                          ? 
_refine.ls_R_factor_gt                           ? 
_refine.ls_goodness_of_fit_gt                    ? 
_refine.ls_goodness_of_fit_ref                   ? 
_refine.ls_shift_over_su_max                     ? 
_refine.ls_shift_over_su_max_lt                  ? 
_refine.ls_shift_over_su_mean                    ? 
_refine.ls_shift_over_su_mean_lt                 ? 
_refine.pdbx_ls_sigma_I                          ? 
_refine.pdbx_ls_sigma_F                          1.34 
_refine.pdbx_ls_sigma_Fsqd                       ? 
_refine.pdbx_data_cutoff_high_absF               ? 
_refine.pdbx_data_cutoff_high_rms_absF           ? 
_refine.pdbx_data_cutoff_low_absF                ? 
_refine.pdbx_isotropic_thermal_model             ? 
_refine.pdbx_ls_cross_valid_method               'FREE R-VALUE' 
_refine.pdbx_method_to_determine_struct          'MOLECULAR REPLACEMENT' 
_refine.pdbx_starting_model                      ? 
_refine.pdbx_stereochemistry_target_values       'GeoStd + Monomer Library + CDL v1.2' 
_refine.pdbx_R_Free_selection_details            ? 
_refine.pdbx_stereochem_target_val_spec_case     ? 
_refine.pdbx_overall_ESU_R                       ? 
_refine.pdbx_overall_ESU_R_Free                  ? 
_refine.pdbx_solvent_vdw_probe_radii             1.1100 
_refine.pdbx_solvent_ion_probe_radii             ? 
_refine.pdbx_solvent_shrinkage_radii             0.9000 
_refine.pdbx_real_space_R                        ? 
_refine.pdbx_density_correlation                 ? 
_refine.pdbx_pd_number_of_powder_patterns        ? 
_refine.pdbx_pd_number_of_points                 ? 
_refine.pdbx_pd_meas_number_of_points            ? 
_refine.pdbx_pd_proc_ls_prof_R_factor            ? 
_refine.pdbx_pd_proc_ls_prof_wR_factor           ? 
_refine.pdbx_pd_Marquardt_correlation_coeff      ? 
_refine.pdbx_pd_Fsqrd_R_factor                   ? 
_refine.pdbx_pd_ls_matrix_band_width             ? 
_refine.pdbx_overall_phase_error                 45.5398 
_refine.pdbx_overall_SU_R_free_Cruickshank_DPI   ? 
_refine.pdbx_overall_SU_R_free_Blow_DPI          ? 
_refine.pdbx_overall_SU_R_Blow_DPI               ? 
_refine.pdbx_TLS_residual_ADP_flag               ? 
_refine.pdbx_diffrn_id                           1 
_refine.overall_SU_B                             ? 
_refine.overall_SU_ML                            0.3917 
_refine.overall_SU_R_Cruickshank_DPI             ? 
_refine.overall_SU_R_free                        ? 
_refine.overall_FOM_free_R_set                   ? 
_refine.overall_FOM_work_R_set                   ? 
_refine.pdbx_average_fsc_overall                 ? 
_refine.pdbx_average_fsc_work                    ? 
_refine.pdbx_average_fsc_free                    ? 
# 
_refine_hist.pdbx_refine_id                   'X-RAY DIFFRACTION' 
_refine_hist.cycle_id                         LAST 
_refine_hist.details                          ? 
_refine_hist.d_res_high                       2.09 
_refine_hist.d_res_low                        48.83 
_refine_hist.number_atoms_solvent             1 
_refine_hist.number_atoms_total               808 
_refine_hist.number_reflns_all                ? 
_refine_hist.number_reflns_obs                ? 
_refine_hist.number_reflns_R_free             ? 
_refine_hist.number_reflns_R_work             ? 
_refine_hist.R_factor_all                     ? 
_refine_hist.R_factor_obs                     ? 
_refine_hist.R_factor_R_free                  ? 
_refine_hist.R_factor_R_work                  ? 
_refine_hist.pdbx_number_residues_total       ? 
_refine_hist.pdbx_B_iso_mean_ligand           ? 
_refine_hist.pdbx_B_iso_mean_solvent          ? 
_refine_hist.pdbx_number_atoms_protein        0 
_refine_hist.pdbx_number_atoms_nucleic_acid   800 
_refine_hist.pdbx_number_atoms_ligand         7 
_refine_hist.pdbx_number_atoms_lipid          ? 
_refine_hist.pdbx_number_atoms_carb           ? 
_refine_hist.pdbx_pseudo_atom_details         ? 
# 
loop_
_refine_ls_restr.pdbx_refine_id 
_refine_ls_restr.criterion 
_refine_ls_restr.dev_ideal 
_refine_ls_restr.dev_ideal_target 
_refine_ls_restr.number 
_refine_ls_restr.rejects 
_refine_ls_restr.type 
_refine_ls_restr.weight 
_refine_ls_restr.pdbx_restraint_function 
'X-RAY DIFFRACTION' ? 0.0056  ? 897  ? f_bond_d           ? ? 
'X-RAY DIFFRACTION' ? 1.0425  ? 1391 ? f_angle_d          ? ? 
'X-RAY DIFFRACTION' ? 0.0394  ? 188  ? f_chiral_restr     ? ? 
'X-RAY DIFFRACTION' ? 0.0073  ? 38   ? f_plane_restr      ? ? 
'X-RAY DIFFRACTION' ? 10.3822 ? 450  ? f_dihedral_angle_d ? ? 
# 
loop_
_refine_ls_shell.pdbx_refine_id 
_refine_ls_shell.d_res_high 
_refine_ls_shell.d_res_low 
_refine_ls_shell.number_reflns_all 
_refine_ls_shell.number_reflns_obs 
_refine_ls_shell.number_reflns_R_free 
_refine_ls_shell.number_reflns_R_work 
_refine_ls_shell.percent_reflns_obs 
_refine_ls_shell.percent_reflns_R_free 
_refine_ls_shell.R_factor_all 
_refine_ls_shell.R_factor_obs 
_refine_ls_shell.R_factor_R_free_error 
_refine_ls_shell.R_factor_R_work 
_refine_ls_shell.redundancy_reflns_all 
_refine_ls_shell.redundancy_reflns_obs 
_refine_ls_shell.wR_factor_all 
_refine_ls_shell.wR_factor_obs 
_refine_ls_shell.wR_factor_R_free 
_refine_ls_shell.wR_factor_R_work 
_refine_ls_shell.pdbx_R_complete 
_refine_ls_shell.pdbx_total_number_of_bins_used 
_refine_ls_shell.pdbx_phase_error 
_refine_ls_shell.pdbx_fsc_work 
_refine_ls_shell.pdbx_fsc_free 
_refine_ls_shell.R_factor_R_free 
'X-RAY DIFFRACTION' 2.09 2.25  . . 121 1098 85.97 . . . . 0.4880 . . . . . . . . . . . 0.5335 
'X-RAY DIFFRACTION' 2.25 2.48  . . 130 1165 89.74 . . . . 0.4147 . . . . . . . . . . . 0.4908 
'X-RAY DIFFRACTION' 2.48 2.84  . . 142 1285 97.41 . . . . 0.3780 . . . . . . . . . . . 0.4322 
'X-RAY DIFFRACTION' 2.84 3.57  . . 144 1283 97.21 . . . . 0.2663 . . . . . . . . . . . 0.2851 
'X-RAY DIFFRACTION' 3.57 48.83 . . 155 1388 98.72 . . . . 0.1895 . . . . . . . . . . . 0.2162 
# 
_struct.entry_id                     8TQX 
_struct.title                        'Crystal structure of the Zika virus stem-loop A (SLA) bottom stem' 
_struct.pdbx_model_details           ? 
_struct.pdbx_formula_weight          ? 
_struct.pdbx_formula_weight_method   ? 
_struct.pdbx_model_type_details      ? 
_struct.pdbx_CASP_flag               N 
# 
_struct_keywords.entry_id        8TQX 
_struct_keywords.text            'Zika virus, Flavivirus, RNA structure, stem-loop A, RNA' 
_struct_keywords.pdbx_keywords   RNA 
# 
loop_
_struct_asym.id 
_struct_asym.pdbx_blank_PDB_chainid_flag 
_struct_asym.pdbx_modified 
_struct_asym.entity_id 
_struct_asym.details 
A N N 1 ? 
B N N 1 ? 
C N N 2 ? 
D N N 3 ? 
E N N 4 ? 
# 
_struct_ref.id                         1 
_struct_ref.db_name                    PDB 
_struct_ref.db_code                    8TQX 
_struct_ref.pdbx_db_accession          8TQX 
_struct_ref.pdbx_db_isoform            ? 
_struct_ref.entity_id                  1 
_struct_ref.pdbx_seq_one_letter_code   ? 
_struct_ref.pdbx_align_begin           1 
# 
loop_
_struct_ref_seq.align_id 
_struct_ref_seq.ref_id 
_struct_ref_seq.pdbx_PDB_id_code 
_struct_ref_seq.pdbx_strand_id 
_struct_ref_seq.seq_align_beg 
_struct_ref_seq.pdbx_seq_align_beg_ins_code 
_struct_ref_seq.seq_align_end 
_struct_ref_seq.pdbx_seq_align_end_ins_code 
_struct_ref_seq.pdbx_db_accession 
_struct_ref_seq.db_align_beg 
_struct_ref_seq.pdbx_db_align_beg_ins_code 
_struct_ref_seq.db_align_end 
_struct_ref_seq.pdbx_db_align_end_ins_code 
_struct_ref_seq.pdbx_auth_seq_align_beg 
_struct_ref_seq.pdbx_auth_seq_align_end 
1 1 8TQX A 1 ? 19 ? 8TQX 1 ? 19 ? 1 19 
2 1 8TQX D 1 ? 19 ? 8TQX 1 ? 19 ? 1 19 
# 
_pdbx_struct_assembly.id                   1 
_pdbx_struct_assembly.details              author_and_software_defined_assembly 
_pdbx_struct_assembly.method_details       PISA 
_pdbx_struct_assembly.oligomeric_details   dimeric 
_pdbx_struct_assembly.oligomeric_count     2 
# 
loop_
_pdbx_struct_assembly_prop.biol_id 
_pdbx_struct_assembly_prop.type 
_pdbx_struct_assembly_prop.value 
_pdbx_struct_assembly_prop.details 
1 'ABSA (A^2)' 2010 ? 
1 MORE         -12  ? 
1 'SSA (A^2)'  7210 ? 
# 
_pdbx_struct_assembly_gen.assembly_id       1 
_pdbx_struct_assembly_gen.oper_expression   1 
_pdbx_struct_assembly_gen.asym_id_list      A,B,C,D,E 
# 
_pdbx_struct_oper_list.id                   1 
_pdbx_struct_oper_list.type                 'identity operation' 
_pdbx_struct_oper_list.name                 1_555 
_pdbx_struct_oper_list.symmetry_operation   x,y,z 
_pdbx_struct_oper_list.matrix[1][1]         1.0000000000 
_pdbx_struct_oper_list.matrix[1][2]         0.0000000000 
_pdbx_struct_oper_list.matrix[1][3]         0.0000000000 
_pdbx_struct_oper_list.vector[1]            0.0000000000 
_pdbx_struct_oper_list.matrix[2][1]         0.0000000000 
_pdbx_struct_oper_list.matrix[2][2]         1.0000000000 
_pdbx_struct_oper_list.matrix[2][3]         0.0000000000 
_pdbx_struct_oper_list.vector[2]            0.0000000000 
_pdbx_struct_oper_list.matrix[3][1]         0.0000000000 
_pdbx_struct_oper_list.matrix[3][2]         0.0000000000 
_pdbx_struct_oper_list.matrix[3][3]         1.0000000000 
_pdbx_struct_oper_list.vector[3]            0.0000000000 
# 
loop_
_struct_conn.id 
_struct_conn.conn_type_id 
_struct_conn.pdbx_leaving_atom_flag 
_struct_conn.pdbx_PDB_id 
_struct_conn.ptnr1_label_asym_id 
_struct_conn.ptnr1_label_comp_id 
_struct_conn.ptnr1_label_seq_id 
_struct_conn.ptnr1_label_atom_id 
_struct_conn.pdbx_ptnr1_label_alt_id 
_struct_conn.pdbx_ptnr1_PDB_ins_code 
_struct_conn.pdbx_ptnr1_standard_comp_id 
_struct_conn.ptnr1_symmetry 
_struct_conn.ptnr2_label_asym_id 
_struct_conn.ptnr2_label_comp_id 
_struct_conn.ptnr2_label_seq_id 
_struct_conn.ptnr2_label_atom_id 
_struct_conn.pdbx_ptnr2_label_alt_id 
_struct_conn.pdbx_ptnr2_PDB_ins_code 
_struct_conn.ptnr1_auth_asym_id 
_struct_conn.ptnr1_auth_comp_id 
_struct_conn.ptnr1_auth_seq_id 
_struct_conn.ptnr2_auth_asym_id 
_struct_conn.ptnr2_auth_comp_id 
_struct_conn.ptnr2_auth_seq_id 
_struct_conn.ptnr2_symmetry 
_struct_conn.pdbx_ptnr3_label_atom_id 
_struct_conn.pdbx_ptnr3_label_seq_id 
_struct_conn.pdbx_ptnr3_label_comp_id 
_struct_conn.pdbx_ptnr3_label_asym_id 
_struct_conn.pdbx_ptnr3_label_alt_id 
_struct_conn.pdbx_ptnr3_PDB_ins_code 
_struct_conn.details 
_struct_conn.pdbx_dist_value 
_struct_conn.pdbx_value_order 
_struct_conn.pdbx_role 
hydrog1  hydrog ? ? A U 1  N3 ? ? ? 1_555 B A 19 N1 ? ? A U 1  D A 19 1_555 ? ? ? ? ? ? WATSON-CRICK ? ? ? 
hydrog2  hydrog ? ? A U 1  O4 ? ? ? 1_555 B A 19 N6 ? ? A U 1  D A 19 1_555 ? ? ? ? ? ? WATSON-CRICK ? ? ? 
hydrog3  hydrog ? ? A G 2  N1 ? ? ? 1_555 B C 18 N3 ? ? A G 2  D C 18 1_555 ? ? ? ? ? ? WATSON-CRICK ? ? ? 
hydrog4  hydrog ? ? A G 2  N2 ? ? ? 1_555 B C 18 O2 ? ? A G 2  D C 18 1_555 ? ? ? ? ? ? WATSON-CRICK ? ? ? 
hydrog5  hydrog ? ? A G 2  O6 ? ? ? 1_555 B C 18 N4 ? ? A G 2  D C 18 1_555 ? ? ? ? ? ? WATSON-CRICK ? ? ? 
hydrog6  hydrog ? ? A A 3  N1 ? ? ? 1_555 B U 17 N3 ? ? A A 3  D U 17 1_555 ? ? ? ? ? ? WATSON-CRICK ? ? ? 
hydrog7  hydrog ? ? A A 3  N6 ? ? ? 1_555 B U 17 O4 ? ? A A 3  D U 17 1_555 ? ? ? ? ? ? WATSON-CRICK ? ? ? 
hydrog8  hydrog ? ? A U 4  N3 ? ? ? 1_555 B A 16 N1 ? ? A U 4  D A 16 1_555 ? ? ? ? ? ? WATSON-CRICK ? ? ? 
hydrog9  hydrog ? ? A U 4  O4 ? ? ? 1_555 B A 16 N6 ? ? A U 4  D A 16 1_555 ? ? ? ? ? ? WATSON-CRICK ? ? ? 
hydrog10 hydrog ? ? A C 5  N3 ? ? ? 1_555 B G 14 N1 ? ? A C 5  D G 14 1_555 ? ? ? ? ? ? WATSON-CRICK ? ? ? 
hydrog11 hydrog ? ? A C 5  N4 ? ? ? 1_555 B G 14 O6 ? ? A C 5  D G 14 1_555 ? ? ? ? ? ? WATSON-CRICK ? ? ? 
hydrog12 hydrog ? ? A C 5  O2 ? ? ? 1_555 B G 14 N2 ? ? A C 5  D G 14 1_555 ? ? ? ? ? ? WATSON-CRICK ? ? ? 
hydrog13 hydrog ? ? A U 6  N3 ? ? ? 1_555 B A 13 N1 ? ? A U 6  D A 13 1_555 ? ? ? ? ? ? WATSON-CRICK ? ? ? 
hydrog14 hydrog ? ? A U 6  O4 ? ? ? 1_555 B A 13 N6 ? ? A U 6  D A 13 1_555 ? ? ? ? ? ? WATSON-CRICK ? ? ? 
hydrog15 hydrog ? ? A G 7  N1 ? ? ? 1_555 B C 12 N3 ? ? A G 7  D C 12 1_555 ? ? ? ? ? ? WATSON-CRICK ? ? ? 
hydrog16 hydrog ? ? A G 7  N2 ? ? ? 1_555 B C 12 O2 ? ? A G 7  D C 12 1_555 ? ? ? ? ? ? WATSON-CRICK ? ? ? 
hydrog17 hydrog ? ? A G 7  O6 ? ? ? 1_555 B C 12 N4 ? ? A G 7  D C 12 1_555 ? ? ? ? ? ? WATSON-CRICK ? ? ? 
hydrog18 hydrog ? ? A G 8  N1 ? ? ? 1_555 B C 11 N3 ? ? A G 8  D C 11 1_555 ? ? ? ? ? ? WATSON-CRICK ? ? ? 
hydrog19 hydrog ? ? A G 8  N2 ? ? ? 1_555 B C 11 O2 ? ? A G 8  D C 11 1_555 ? ? ? ? ? ? WATSON-CRICK ? ? ? 
hydrog20 hydrog ? ? A G 8  O6 ? ? ? 1_555 B C 11 N4 ? ? A G 8  D C 11 1_555 ? ? ? ? ? ? WATSON-CRICK ? ? ? 
hydrog21 hydrog ? ? A G 9  N1 ? ? ? 1_555 B C 10 N3 ? ? A G 9  D C 10 1_555 ? ? ? ? ? ? WATSON-CRICK ? ? ? 
hydrog22 hydrog ? ? A G 9  N2 ? ? ? 1_555 B C 10 O2 ? ? A G 9  D C 10 1_555 ? ? ? ? ? ? WATSON-CRICK ? ? ? 
hydrog23 hydrog ? ? A G 9  O6 ? ? ? 1_555 B C 10 N4 ? ? A G 9  D C 10 1_555 ? ? ? ? ? ? WATSON-CRICK ? ? ? 
hydrog24 hydrog ? ? A C 10 N3 ? ? ? 1_555 B G 9  N1 ? ? A C 10 D G 9  1_555 ? ? ? ? ? ? WATSON-CRICK ? ? ? 
hydrog25 hydrog ? ? A C 10 N4 ? ? ? 1_555 B G 9  O6 ? ? A C 10 D G 9  1_555 ? ? ? ? ? ? WATSON-CRICK ? ? ? 
hydrog26 hydrog ? ? A C 10 O2 ? ? ? 1_555 B G 9  N2 ? ? A C 10 D G 9  1_555 ? ? ? ? ? ? WATSON-CRICK ? ? ? 
hydrog27 hydrog ? ? A C 11 N3 ? ? ? 1_555 B G 8  N1 ? ? A C 11 D G 8  1_555 ? ? ? ? ? ? WATSON-CRICK ? ? ? 
hydrog28 hydrog ? ? A C 11 N4 ? ? ? 1_555 B G 8  O6 ? ? A C 11 D G 8  1_555 ? ? ? ? ? ? WATSON-CRICK ? ? ? 
hydrog29 hydrog ? ? A C 11 O2 ? ? ? 1_555 B G 8  N2 ? ? A C 11 D G 8  1_555 ? ? ? ? ? ? WATSON-CRICK ? ? ? 
hydrog30 hydrog ? ? A C 12 N3 ? ? ? 1_555 B G 7  N1 ? ? A C 12 D G 7  1_555 ? ? ? ? ? ? WATSON-CRICK ? ? ? 
hydrog31 hydrog ? ? A C 12 N4 ? ? ? 1_555 B G 7  O6 ? ? A C 12 D G 7  1_555 ? ? ? ? ? ? WATSON-CRICK ? ? ? 
hydrog32 hydrog ? ? A C 12 O2 ? ? ? 1_555 B G 7  N2 ? ? A C 12 D G 7  1_555 ? ? ? ? ? ? WATSON-CRICK ? ? ? 
hydrog33 hydrog ? ? A A 13 N1 ? ? ? 1_555 B U 6  N3 ? ? A A 13 D U 6  1_555 ? ? ? ? ? ? WATSON-CRICK ? ? ? 
hydrog34 hydrog ? ? A A 13 N6 ? ? ? 1_555 B U 6  O4 ? ? A A 13 D U 6  1_555 ? ? ? ? ? ? WATSON-CRICK ? ? ? 
hydrog35 hydrog ? ? A G 14 N1 ? ? ? 1_555 B C 5  N3 ? ? A G 14 D C 5  1_555 ? ? ? ? ? ? WATSON-CRICK ? ? ? 
hydrog36 hydrog ? ? A G 14 N2 ? ? ? 1_555 B C 5  O2 ? ? A G 14 D C 5  1_555 ? ? ? ? ? ? WATSON-CRICK ? ? ? 
hydrog37 hydrog ? ? A G 14 O6 ? ? ? 1_555 B C 5  N4 ? ? A G 14 D C 5  1_555 ? ? ? ? ? ? WATSON-CRICK ? ? ? 
hydrog38 hydrog ? ? A A 16 N1 ? ? ? 1_555 B U 4  N3 ? ? A A 16 D U 4  1_555 ? ? ? ? ? ? WATSON-CRICK ? ? ? 
hydrog39 hydrog ? ? A A 16 N6 ? ? ? 1_555 B U 4  O4 ? ? A A 16 D U 4  1_555 ? ? ? ? ? ? WATSON-CRICK ? ? ? 
hydrog40 hydrog ? ? A U 17 N3 ? ? ? 1_555 B A 3  N1 ? ? A U 17 D A 3  1_555 ? ? ? ? ? ? WATSON-CRICK ? ? ? 
hydrog41 hydrog ? ? A U 17 O4 ? ? ? 1_555 B A 3  N6 ? ? A U 17 D A 3  1_555 ? ? ? ? ? ? WATSON-CRICK ? ? ? 
hydrog42 hydrog ? ? A C 18 N3 ? ? ? 1_555 B G 2  N1 ? ? A C 18 D G 2  1_555 ? ? ? ? ? ? WATSON-CRICK ? ? ? 
hydrog43 hydrog ? ? A C 18 N4 ? ? ? 1_555 B G 2  O6 ? ? A C 18 D G 2  1_555 ? ? ? ? ? ? WATSON-CRICK ? ? ? 
hydrog44 hydrog ? ? A C 18 O2 ? ? ? 1_555 B G 2  N2 ? ? A C 18 D G 2  1_555 ? ? ? ? ? ? WATSON-CRICK ? ? ? 
hydrog45 hydrog ? ? A A 19 N1 ? ? ? 1_555 B U 1  N3 ? ? A A 19 D U 1  1_555 ? ? ? ? ? ? WATSON-CRICK ? ? ? 
hydrog46 hydrog ? ? A A 19 N6 ? ? ? 1_555 B U 1  O4 ? ? A A 19 D U 1  1_555 ? ? ? ? ? ? WATSON-CRICK ? ? ? 
# 
_struct_conn_type.id          hydrog 
_struct_conn_type.criteria    ? 
_struct_conn_type.reference   ? 
# 
loop_
_space_group_symop.id 
_space_group_symop.operation_xyz 
1 x,y,z           
2 x+1/2,-y+1/2,-z 
3 -x,y+1/2,-z+1/2 
4 -x+1/2,-y,z+1/2 
# 
_pdbx_entry_details.entry_id                 8TQX 
_pdbx_entry_details.has_ligand_of_interest   N 
_pdbx_entry_details.compound_details         ? 
_pdbx_entry_details.source_details           ? 
_pdbx_entry_details.nonpolymer_details       ? 
_pdbx_entry_details.sequence_details         ? 
# 
loop_
_chem_comp_atom.comp_id 
_chem_comp_atom.atom_id 
_chem_comp_atom.type_symbol 
_chem_comp_atom.pdbx_aromatic_flag 
_chem_comp_atom.pdbx_stereo_config 
_chem_comp_atom.pdbx_ordinal 
A   OP3    O  N N 1   
A   P      P  N N 2   
A   OP1    O  N N 3   
A   OP2    O  N N 4   
A   "O5'"  O  N N 5   
A   "C5'"  C  N N 6   
A   "C4'"  C  N R 7   
A   "O4'"  O  N N 8   
A   "C3'"  C  N S 9   
A   "O3'"  O  N N 10  
A   "C2'"  C  N R 11  
A   "O2'"  O  N N 12  
A   "C1'"  C  N R 13  
A   N9     N  Y N 14  
A   C8     C  Y N 15  
A   N7     N  Y N 16  
A   C5     C  Y N 17  
A   C6     C  Y N 18  
A   N6     N  N N 19  
A   N1     N  Y N 20  
A   C2     C  Y N 21  
A   N3     N  Y N 22  
A   C4     C  Y N 23  
A   HOP3   H  N N 24  
A   HOP2   H  N N 25  
A   "H5'"  H  N N 26  
A   "H5''" H  N N 27  
A   "H4'"  H  N N 28  
A   "H3'"  H  N N 29  
A   "HO3'" H  N N 30  
A   "H2'"  H  N N 31  
A   "HO2'" H  N N 32  
A   "H1'"  H  N N 33  
A   H8     H  N N 34  
A   H61    H  N N 35  
A   H62    H  N N 36  
A   H2     H  N N 37  
C   OP3    O  N N 38  
C   P      P  N N 39  
C   OP1    O  N N 40  
C   OP2    O  N N 41  
C   "O5'"  O  N N 42  
C   "C5'"  C  N N 43  
C   "C4'"  C  N R 44  
C   "O4'"  O  N N 45  
C   "C3'"  C  N S 46  
C   "O3'"  O  N N 47  
C   "C2'"  C  N R 48  
C   "O2'"  O  N N 49  
C   "C1'"  C  N R 50  
C   N1     N  N N 51  
C   C2     C  N N 52  
C   O2     O  N N 53  
C   N3     N  N N 54  
C   C4     C  N N 55  
C   N4     N  N N 56  
C   C5     C  N N 57  
C   C6     C  N N 58  
C   HOP3   H  N N 59  
C   HOP2   H  N N 60  
C   "H5'"  H  N N 61  
C   "H5''" H  N N 62  
C   "H4'"  H  N N 63  
C   "H3'"  H  N N 64  
C   "HO3'" H  N N 65  
C   "H2'"  H  N N 66  
C   "HO2'" H  N N 67  
C   "H1'"  H  N N 68  
C   H41    H  N N 69  
C   H42    H  N N 70  
C   H5     H  N N 71  
C   H6     H  N N 72  
G   OP3    O  N N 73  
G   P      P  N N 74  
G   OP1    O  N N 75  
G   OP2    O  N N 76  
G   "O5'"  O  N N 77  
G   "C5'"  C  N N 78  
G   "C4'"  C  N R 79  
G   "O4'"  O  N N 80  
G   "C3'"  C  N S 81  
G   "O3'"  O  N N 82  
G   "C2'"  C  N R 83  
G   "O2'"  O  N N 84  
G   "C1'"  C  N R 85  
G   N9     N  Y N 86  
G   C8     C  Y N 87  
G   N7     N  Y N 88  
G   C5     C  Y N 89  
G   C6     C  N N 90  
G   O6     O  N N 91  
G   N1     N  N N 92  
G   C2     C  N N 93  
G   N2     N  N N 94  
G   N3     N  N N 95  
G   C4     C  Y N 96  
G   HOP3   H  N N 97  
G   HOP2   H  N N 98  
G   "H5'"  H  N N 99  
G   "H5''" H  N N 100 
G   "H4'"  H  N N 101 
G   "H3'"  H  N N 102 
G   "HO3'" H  N N 103 
G   "H2'"  H  N N 104 
G   "HO2'" H  N N 105 
G   "H1'"  H  N N 106 
G   H8     H  N N 107 
G   H1     H  N N 108 
G   H21    H  N N 109 
G   H22    H  N N 110 
GOL C1     C  N N 111 
GOL O1     O  N N 112 
GOL C2     C  N N 113 
GOL O2     O  N N 114 
GOL C3     C  N N 115 
GOL O3     O  N N 116 
GOL H11    H  N N 117 
GOL H12    H  N N 118 
GOL HO1    H  N N 119 
GOL H2     H  N N 120 
GOL HO2    H  N N 121 
GOL H31    H  N N 122 
GOL H32    H  N N 123 
GOL HO3    H  N N 124 
HOH O      O  N N 125 
HOH H1     H  N N 126 
HOH H2     H  N N 127 
MG  MG     MG N N 128 
U   OP3    O  N N 129 
U   P      P  N N 130 
U   OP1    O  N N 131 
U   OP2    O  N N 132 
U   "O5'"  O  N N 133 
U   "C5'"  C  N N 134 
U   "C4'"  C  N R 135 
U   "O4'"  O  N N 136 
U   "C3'"  C  N S 137 
U   "O3'"  O  N N 138 
U   "C2'"  C  N R 139 
U   "O2'"  O  N N 140 
U   "C1'"  C  N R 141 
U   N1     N  N N 142 
U   C2     C  N N 143 
U   O2     O  N N 144 
U   N3     N  N N 145 
U   C4     C  N N 146 
U   O4     O  N N 147 
U   C5     C  N N 148 
U   C6     C  N N 149 
U   HOP3   H  N N 150 
U   HOP2   H  N N 151 
U   "H5'"  H  N N 152 
U   "H5''" H  N N 153 
U   "H4'"  H  N N 154 
U   "H3'"  H  N N 155 
U   "HO3'" H  N N 156 
U   "H2'"  H  N N 157 
U   "HO2'" H  N N 158 
U   "H1'"  H  N N 159 
U   H3     H  N N 160 
U   H5     H  N N 161 
U   H6     H  N N 162 
# 
loop_
_chem_comp_bond.comp_id 
_chem_comp_bond.atom_id_1 
_chem_comp_bond.atom_id_2 
_chem_comp_bond.value_order 
_chem_comp_bond.pdbx_aromatic_flag 
_chem_comp_bond.pdbx_stereo_config 
_chem_comp_bond.pdbx_ordinal 
A   OP3   P      sing N N 1   
A   OP3   HOP3   sing N N 2   
A   P     OP1    doub N N 3   
A   P     OP2    sing N N 4   
A   P     "O5'"  sing N N 5   
A   OP2   HOP2   sing N N 6   
A   "O5'" "C5'"  sing N N 7   
A   "C5'" "C4'"  sing N N 8   
A   "C5'" "H5'"  sing N N 9   
A   "C5'" "H5''" sing N N 10  
A   "C4'" "O4'"  sing N N 11  
A   "C4'" "C3'"  sing N N 12  
A   "C4'" "H4'"  sing N N 13  
A   "O4'" "C1'"  sing N N 14  
A   "C3'" "O3'"  sing N N 15  
A   "C3'" "C2'"  sing N N 16  
A   "C3'" "H3'"  sing N N 17  
A   "O3'" "HO3'" sing N N 18  
A   "C2'" "O2'"  sing N N 19  
A   "C2'" "C1'"  sing N N 20  
A   "C2'" "H2'"  sing N N 21  
A   "O2'" "HO2'" sing N N 22  
A   "C1'" N9     sing N N 23  
A   "C1'" "H1'"  sing N N 24  
A   N9    C8     sing Y N 25  
A   N9    C4     sing Y N 26  
A   C8    N7     doub Y N 27  
A   C8    H8     sing N N 28  
A   N7    C5     sing Y N 29  
A   C5    C6     sing Y N 30  
A   C5    C4     doub Y N 31  
A   C6    N6     sing N N 32  
A   C6    N1     doub Y N 33  
A   N6    H61    sing N N 34  
A   N6    H62    sing N N 35  
A   N1    C2     sing Y N 36  
A   C2    N3     doub Y N 37  
A   C2    H2     sing N N 38  
A   N3    C4     sing Y N 39  
C   OP3   P      sing N N 40  
C   OP3   HOP3   sing N N 41  
C   P     OP1    doub N N 42  
C   P     OP2    sing N N 43  
C   P     "O5'"  sing N N 44  
C   OP2   HOP2   sing N N 45  
C   "O5'" "C5'"  sing N N 46  
C   "C5'" "C4'"  sing N N 47  
C   "C5'" "H5'"  sing N N 48  
C   "C5'" "H5''" sing N N 49  
C   "C4'" "O4'"  sing N N 50  
C   "C4'" "C3'"  sing N N 51  
C   "C4'" "H4'"  sing N N 52  
C   "O4'" "C1'"  sing N N 53  
C   "C3'" "O3'"  sing N N 54  
C   "C3'" "C2'"  sing N N 55  
C   "C3'" "H3'"  sing N N 56  
C   "O3'" "HO3'" sing N N 57  
C   "C2'" "O2'"  sing N N 58  
C   "C2'" "C1'"  sing N N 59  
C   "C2'" "H2'"  sing N N 60  
C   "O2'" "HO2'" sing N N 61  
C   "C1'" N1     sing N N 62  
C   "C1'" "H1'"  sing N N 63  
C   N1    C2     sing N N 64  
C   N1    C6     sing N N 65  
C   C2    O2     doub N N 66  
C   C2    N3     sing N N 67  
C   N3    C4     doub N N 68  
C   C4    N4     sing N N 69  
C   C4    C5     sing N N 70  
C   N4    H41    sing N N 71  
C   N4    H42    sing N N 72  
C   C5    C6     doub N N 73  
C   C5    H5     sing N N 74  
C   C6    H6     sing N N 75  
G   OP3   P      sing N N 76  
G   OP3   HOP3   sing N N 77  
G   P     OP1    doub N N 78  
G   P     OP2    sing N N 79  
G   P     "O5'"  sing N N 80  
G   OP2   HOP2   sing N N 81  
G   "O5'" "C5'"  sing N N 82  
G   "C5'" "C4'"  sing N N 83  
G   "C5'" "H5'"  sing N N 84  
G   "C5'" "H5''" sing N N 85  
G   "C4'" "O4'"  sing N N 86  
G   "C4'" "C3'"  sing N N 87  
G   "C4'" "H4'"  sing N N 88  
G   "O4'" "C1'"  sing N N 89  
G   "C3'" "O3'"  sing N N 90  
G   "C3'" "C2'"  sing N N 91  
G   "C3'" "H3'"  sing N N 92  
G   "O3'" "HO3'" sing N N 93  
G   "C2'" "O2'"  sing N N 94  
G   "C2'" "C1'"  sing N N 95  
G   "C2'" "H2'"  sing N N 96  
G   "O2'" "HO2'" sing N N 97  
G   "C1'" N9     sing N N 98  
G   "C1'" "H1'"  sing N N 99  
G   N9    C8     sing Y N 100 
G   N9    C4     sing Y N 101 
G   C8    N7     doub Y N 102 
G   C8    H8     sing N N 103 
G   N7    C5     sing Y N 104 
G   C5    C6     sing N N 105 
G   C5    C4     doub Y N 106 
G   C6    O6     doub N N 107 
G   C6    N1     sing N N 108 
G   N1    C2     sing N N 109 
G   N1    H1     sing N N 110 
G   C2    N2     sing N N 111 
G   C2    N3     doub N N 112 
G   N2    H21    sing N N 113 
G   N2    H22    sing N N 114 
G   N3    C4     sing N N 115 
GOL C1    O1     sing N N 116 
GOL C1    C2     sing N N 117 
GOL C1    H11    sing N N 118 
GOL C1    H12    sing N N 119 
GOL O1    HO1    sing N N 120 
GOL C2    O2     sing N N 121 
GOL C2    C3     sing N N 122 
GOL C2    H2     sing N N 123 
GOL O2    HO2    sing N N 124 
GOL C3    O3     sing N N 125 
GOL C3    H31    sing N N 126 
GOL C3    H32    sing N N 127 
GOL O3    HO3    sing N N 128 
HOH O     H1     sing N N 129 
HOH O     H2     sing N N 130 
U   OP3   P      sing N N 131 
U   OP3   HOP3   sing N N 132 
U   P     OP1    doub N N 133 
U   P     OP2    sing N N 134 
U   P     "O5'"  sing N N 135 
U   OP2   HOP2   sing N N 136 
U   "O5'" "C5'"  sing N N 137 
U   "C5'" "C4'"  sing N N 138 
U   "C5'" "H5'"  sing N N 139 
U   "C5'" "H5''" sing N N 140 
U   "C4'" "O4'"  sing N N 141 
U   "C4'" "C3'"  sing N N 142 
U   "C4'" "H4'"  sing N N 143 
U   "O4'" "C1'"  sing N N 144 
U   "C3'" "O3'"  sing N N 145 
U   "C3'" "C2'"  sing N N 146 
U   "C3'" "H3'"  sing N N 147 
U   "O3'" "HO3'" sing N N 148 
U   "C2'" "O2'"  sing N N 149 
U   "C2'" "C1'"  sing N N 150 
U   "C2'" "H2'"  sing N N 151 
U   "O2'" "HO2'" sing N N 152 
U   "C1'" N1     sing N N 153 
U   "C1'" "H1'"  sing N N 154 
U   N1    C2     sing N N 155 
U   N1    C6     sing N N 156 
U   C2    O2     doub N N 157 
U   C2    N3     sing N N 158 
U   N3    C4     sing N N 159 
U   N3    H3     sing N N 160 
U   C4    O4     doub N N 161 
U   C4    C5     sing N N 162 
U   C5    C6     doub N N 163 
U   C5    H5     sing N N 164 
U   C6    H6     sing N N 165 
# 
loop_
_ndb_struct_conf_na.entry_id 
_ndb_struct_conf_na.feature 
8TQX 'double helix'        
8TQX 'a-form double helix' 
# 
loop_
_ndb_struct_na_base_pair.model_number 
_ndb_struct_na_base_pair.i_label_asym_id 
_ndb_struct_na_base_pair.i_label_comp_id 
_ndb_struct_na_base_pair.i_label_seq_id 
_ndb_struct_na_base_pair.i_symmetry 
_ndb_struct_na_base_pair.j_label_asym_id 
_ndb_struct_na_base_pair.j_label_comp_id 
_ndb_struct_na_base_pair.j_label_seq_id 
_ndb_struct_na_base_pair.j_symmetry 
_ndb_struct_na_base_pair.shear 
_ndb_struct_na_base_pair.stretch 
_ndb_struct_na_base_pair.stagger 
_ndb_struct_na_base_pair.buckle 
_ndb_struct_na_base_pair.propeller 
_ndb_struct_na_base_pair.opening 
_ndb_struct_na_base_pair.pair_number 
_ndb_struct_na_base_pair.pair_name 
_ndb_struct_na_base_pair.i_auth_asym_id 
_ndb_struct_na_base_pair.i_auth_seq_id 
_ndb_struct_na_base_pair.i_PDB_ins_code 
_ndb_struct_na_base_pair.j_auth_asym_id 
_ndb_struct_na_base_pair.j_auth_seq_id 
_ndb_struct_na_base_pair.j_PDB_ins_code 
_ndb_struct_na_base_pair.hbond_type_28 
_ndb_struct_na_base_pair.hbond_type_12 
1 A U 1  1_555 B A 19 1_555 0.375  -0.058 0.347  -4.970 -2.861  4.950  1  A_U1:A19_D A 1  ? D 19 ? 20 1 
1 A G 2  1_555 B C 18 1_555 -0.370 -0.325 0.269  4.862  -4.573  -3.831 2  A_G2:C18_D A 2  ? D 18 ? 19 1 
1 A A 3  1_555 B U 17 1_555 0.090  0.111  0.046  9.014  -11.342 11.401 3  A_A3:U17_D A 3  ? D 17 ? 20 1 
1 A U 4  1_555 B A 16 1_555 -0.101 0.076  -0.428 18.263 -10.227 9.821  4  A_U4:A16_D A 4  ? D 16 ? 20 1 
1 A C 5  1_555 B G 14 1_555 -0.117 0.033  0.111  -2.428 -15.940 -0.394 5  A_C5:G14_D A 5  ? D 14 ? 19 1 
1 A U 6  1_555 B A 13 1_555 -0.352 -0.256 0.299  0.626  -12.424 2.560  6  A_U6:A13_D A 6  ? D 13 ? 20 1 
1 A G 7  1_555 B C 12 1_555 -0.084 -0.215 0.048  0.529  -12.794 -1.173 7  A_G7:C12_D A 7  ? D 12 ? 19 1 
1 A G 8  1_555 B C 11 1_555 -0.080 -0.243 0.025  -4.940 -15.202 0.045  8  A_G8:C11_D A 8  ? D 11 ? 19 1 
1 A G 9  1_555 B C 10 1_555 -0.521 -0.327 0.044  -7.752 -6.369  -2.558 9  A_G9:C10_D A 9  ? D 10 ? 19 1 
1 A C 10 1_555 B G 9  1_555 0.069  -0.097 0.128  -3.413 -8.851  3.196  10 A_C10:G9_D A 10 ? D 9  ? 19 1 
1 A C 11 1_555 B G 8  1_555 -0.032 -0.166 -0.037 1.219  -12.749 3.801  11 A_C11:G8_D A 11 ? D 8  ? 19 1 
1 A C 12 1_555 B G 7  1_555 0.393  -0.230 0.339  -7.204 -8.894  -4.454 12 A_C12:G7_D A 12 ? D 7  ? 19 1 
1 A A 13 1_555 B U 6  1_555 0.078  0.012  -0.115 -5.030 -15.419 1.787  13 A_A13:U6_D A 13 ? D 6  ? 20 1 
1 A G 14 1_555 B C 5  1_555 0.231  -0.044 -0.083 1.717  -11.973 -2.597 14 A_G14:C5_D A 14 ? D 5  ? 19 1 
1 A A 16 1_555 B U 4  1_555 0.247  -0.013 0.138  -8.930 -13.290 9.840  15 A_A16:U4_D A 16 ? D 4  ? 20 1 
1 A U 17 1_555 B A 3  1_555 -0.256 -0.035 -0.078 -3.136 -8.234  -4.629 16 A_U17:A3_D A 17 ? D 3  ? 20 1 
1 A C 18 1_555 B G 2  1_555 0.089  0.006  0.021  -0.049 -8.241  1.725  17 A_C18:G2_D A 18 ? D 2  ? 19 1 
1 A A 19 1_555 B U 1  1_555 -0.055 -0.006 0.062  9.270  -0.842  -4.655 18 A_A19:U1_D A 19 ? D 1  ? 20 1 
# 
loop_
_ndb_struct_na_base_pair_step.model_number 
_ndb_struct_na_base_pair_step.i_label_asym_id_1 
_ndb_struct_na_base_pair_step.i_label_comp_id_1 
_ndb_struct_na_base_pair_step.i_label_seq_id_1 
_ndb_struct_na_base_pair_step.i_symmetry_1 
_ndb_struct_na_base_pair_step.j_label_asym_id_1 
_ndb_struct_na_base_pair_step.j_label_comp_id_1 
_ndb_struct_na_base_pair_step.j_label_seq_id_1 
_ndb_struct_na_base_pair_step.j_symmetry_1 
_ndb_struct_na_base_pair_step.i_label_asym_id_2 
_ndb_struct_na_base_pair_step.i_label_comp_id_2 
_ndb_struct_na_base_pair_step.i_label_seq_id_2 
_ndb_struct_na_base_pair_step.i_symmetry_2 
_ndb_struct_na_base_pair_step.j_label_asym_id_2 
_ndb_struct_na_base_pair_step.j_label_comp_id_2 
_ndb_struct_na_base_pair_step.j_label_seq_id_2 
_ndb_struct_na_base_pair_step.j_symmetry_2 
_ndb_struct_na_base_pair_step.shift 
_ndb_struct_na_base_pair_step.slide 
_ndb_struct_na_base_pair_step.rise 
_ndb_struct_na_base_pair_step.tilt 
_ndb_struct_na_base_pair_step.roll 
_ndb_struct_na_base_pair_step.twist 
_ndb_struct_na_base_pair_step.x_displacement 
_ndb_struct_na_base_pair_step.y_displacement 
_ndb_struct_na_base_pair_step.helical_rise 
_ndb_struct_na_base_pair_step.inclination 
_ndb_struct_na_base_pair_step.tip 
_ndb_struct_na_base_pair_step.helical_twist 
_ndb_struct_na_base_pair_step.step_number 
_ndb_struct_na_base_pair_step.step_name 
_ndb_struct_na_base_pair_step.i_auth_asym_id_1 
_ndb_struct_na_base_pair_step.i_auth_seq_id_1 
_ndb_struct_na_base_pair_step.i_PDB_ins_code_1 
_ndb_struct_na_base_pair_step.j_auth_asym_id_1 
_ndb_struct_na_base_pair_step.j_auth_seq_id_1 
_ndb_struct_na_base_pair_step.j_PDB_ins_code_1 
_ndb_struct_na_base_pair_step.i_auth_asym_id_2 
_ndb_struct_na_base_pair_step.i_auth_seq_id_2 
_ndb_struct_na_base_pair_step.i_PDB_ins_code_2 
_ndb_struct_na_base_pair_step.j_auth_asym_id_2 
_ndb_struct_na_base_pair_step.j_auth_seq_id_2 
_ndb_struct_na_base_pair_step.j_PDB_ins_code_2 
1 A U 1  1_555 B A 19 1_555 A G 2  1_555 B C 18 1_555 -0.890 -1.920 2.946 1.193  1.623  25.625 -4.717 2.294  2.777 3.652  -2.685  
25.703 1  AA_U1G2:C18A19_DD A 1  ? D 19 ? A 2  ? D 18 ? 
1 A G 2  1_555 B C 18 1_555 A A 3  1_555 B U 17 1_555 0.959  -1.414 3.115 2.878  6.369  34.703 -3.196 -1.185 2.887 10.546 -4.765  
35.378 2  AA_G2A3:U17C18_DD A 2  ? D 18 ? A 3  ? D 17 ? 
1 A A 3  1_555 B U 17 1_555 A U 4  1_555 B A 16 1_555 0.057  -1.782 2.991 0.670  4.683  26.205 -4.934 0.028  2.639 10.223 -1.462  
26.622 3  AA_A3U4:A16U17_DD A 3  ? D 17 ? A 4  ? D 16 ? 
1 A U 4  1_555 B A 16 1_555 A C 5  1_555 B G 14 1_555 1.208  -1.729 3.526 -0.844 9.409  48.679 -2.779 -1.506 3.141 11.291 1.013   
49.532 4  AA_U4C5:G14A16_DD A 4  ? D 16 ? A 5  ? D 14 ? 
1 A C 5  1_555 B G 14 1_555 A U 6  1_555 B A 13 1_555 0.115  -1.374 3.132 -5.163 11.256 32.181 -3.881 -0.909 2.479 19.432 8.913   
34.422 5  AA_C5U6:A13G14_DD A 5  ? D 14 ? A 6  ? D 13 ? 
1 A U 6  1_555 B A 13 1_555 A G 7  1_555 B C 12 1_555 -0.449 -1.599 3.132 -1.125 9.613  32.512 -4.124 0.609  2.582 16.713 1.956   
33.885 6  AA_U6G7:C12A13_DD A 6  ? D 13 ? A 7  ? D 12 ? 
1 A G 7  1_555 B C 12 1_555 A G 8  1_555 B C 11 1_555 0.650  -2.277 3.438 -0.256 5.006  28.284 -5.706 -1.369 2.993 10.143 0.518   
28.716 7  AA_G7G8:C11C12_DD A 7  ? D 12 ? A 8  ? D 11 ? 
1 A G 8  1_555 B C 11 1_555 A G 9  1_555 B C 10 1_555 -0.762 -2.054 3.110 -4.104 7.693  30.687 -4.990 0.721  2.609 14.181 7.565   
31.873 8  AA_G8G9:C10C11_DD A 8  ? D 11 ? A 9  ? D 10 ? 
1 A G 9  1_555 B C 10 1_555 A C 10 1_555 B G 9  1_555 -0.008 -1.299 3.171 0.224  4.368  34.161 -2.838 0.047  2.986 7.398  -0.380  
34.431 9  AA_G9C10:G9C10_DD A 9  ? D 10 ? A 10 ? D 9  ? 
1 A C 10 1_555 B G 9  1_555 A C 11 1_555 B G 8  1_555 0.805  -1.461 3.073 2.508  6.950  30.547 -3.873 -1.064 2.738 12.954 -4.675  
31.408 10 AA_C10C11:G8G9_DD A 10 ? D 9  ? A 11 ? D 8  ? 
1 A C 11 1_555 B G 8  1_555 A C 12 1_555 B G 7  1_555 -0.628 -1.993 3.523 -1.402 12.065 33.529 -4.981 0.826  2.692 20.112 2.338   
35.601 11 AA_C11C12:G7G8_DD A 11 ? D 8  ? A 12 ? D 7  ? 
1 A C 12 1_555 B G 7  1_555 A A 13 1_555 B U 6  1_555 0.838  -1.742 3.118 5.806  13.025 25.139 -5.988 -0.572 2.117 27.302 -12.169 
28.845 12 AA_C12A13:U6G7_DD A 12 ? D 7  ? A 13 ? D 6  ? 
1 A A 13 1_555 B U 6  1_555 A G 14 1_555 B C 5  1_555 -0.313 -0.983 3.147 2.357  12.366 34.644 -3.091 0.788  2.629 19.968 -3.806  
36.794 13 AA_A13G14:C5U6_DD A 13 ? D 6  ? A 14 ? D 5  ? 
1 A G 14 1_555 B C 5  1_555 A A 16 1_555 B U 4  1_555 -1.007 -1.659 3.338 -3.357 6.320  46.279 -2.613 0.989  3.159 7.985  4.241   
46.799 14 AA_G14A16:U4C5_DD A 14 ? D 5  ? A 16 ? D 4  ? 
1 A A 16 1_555 B U 4  1_555 A U 17 1_555 B A 3  1_555 -0.663 -2.449 3.138 3.960  2.193  23.039 -6.692 2.844  2.744 5.424  -9.794  
23.474 15 AA_A16U17:A3U4_DD A 16 ? D 4  ? A 17 ? D 3  ? 
1 A U 17 1_555 B A 3  1_555 A C 18 1_555 B G 2  1_555 0.477  -1.949 3.139 1.374  5.045  30.666 -4.520 -0.650 2.808 9.453  -2.575  
31.098 16 AA_U17C18:G2A3_DD A 17 ? D 3  ? A 18 ? D 2  ? 
1 A C 18 1_555 B G 2  1_555 A A 19 1_555 B U 1  1_555 0.230  -1.618 3.076 1.930  7.405  27.411 -4.787 -0.079 2.569 15.253 -3.976  
28.439 17 AA_C18A19:U1G2_DD A 18 ? D 2  ? A 19 ? D 1  ? 
# 
_pdbx_audit_support.funding_organization   
'National Institutes of Health/National Institute Of Allergy and Infectious Diseases (NIH/NIAID)' 
_pdbx_audit_support.country                'United States' 
_pdbx_audit_support.grant_number           'R01AI 187856' 
_pdbx_audit_support.ordinal                1 
# 
_pdbx_initial_refinement_model.id               1 
_pdbx_initial_refinement_model.entity_id_list   ? 
_pdbx_initial_refinement_model.type             'experimental model' 
_pdbx_initial_refinement_model.source_name      PDB 
_pdbx_initial_refinement_model.accession_code   3ND3 
_pdbx_initial_refinement_model.details          ? 
# 
_space_group.name_H-M_alt     'P 21 21 21' 
_space_group.name_Hall        'P 2ac 2ab' 
_space_group.IT_number        19 
_space_group.crystal_system   orthorhombic 
_space_group.id               1 
# 
_atom_sites.entry_id                    8TQX 
_atom_sites.Cartn_transf_matrix[1][1]   ? 
_atom_sites.Cartn_transf_matrix[1][2]   ? 
_atom_sites.Cartn_transf_matrix[1][3]   ? 
_atom_sites.Cartn_transf_matrix[2][1]   ? 
_atom_sites.Cartn_transf_matrix[2][2]   ? 
_atom_sites.Cartn_transf_matrix[2][3]   ? 
_atom_sites.Cartn_transf_matrix[3][1]   ? 
_atom_sites.Cartn_transf_matrix[3][2]   ? 
_atom_sites.Cartn_transf_matrix[3][3]   ? 
_atom_sites.Cartn_transf_vector[1]      ? 
_atom_sites.Cartn_transf_vector[2]      ? 
_atom_sites.Cartn_transf_vector[3]      ? 
_atom_sites.Cartn_transform_axes        ? 
_atom_sites.fract_transf_matrix[1][1]   -0.00295291 
_atom_sites.fract_transf_matrix[1][2]   -0.02734230 
_atom_sites.fract_transf_matrix[1][3]   0.02214349 
_atom_sites.fract_transf_matrix[2][1]   0.02335287 
_atom_sites.fract_transf_matrix[2][2]   -0.00427703 
_atom_sites.fract_transf_matrix[2][3]   -0.00216700 
_atom_sites.fract_transf_matrix[3][1]   0.00187295 
_atom_sites.fract_transf_matrix[3][2]   0.00621297 
_atom_sites.fract_transf_matrix[3][3]   0.00792140 
_atom_sites.fract_transf_vector[1]      -0.184252 
_atom_sites.fract_transf_vector[2]      -0.055360 
_atom_sites.fract_transf_vector[3]      0.088723 
_atom_sites.solution_primary            ? 
_atom_sites.solution_secondary          ? 
_atom_sites.solution_hydrogens          ? 
_atom_sites.special_details             ? 
# 
loop_
_atom_type.symbol 
_atom_type.scat_dispersion_real 
_atom_type.scat_dispersion_imag 
_atom_type.scat_Cromer_Mann_a1 
_atom_type.scat_Cromer_Mann_a2 
_atom_type.scat_Cromer_Mann_a3 
_atom_type.scat_Cromer_Mann_a4 
_atom_type.scat_Cromer_Mann_b1 
_atom_type.scat_Cromer_Mann_b2 
_atom_type.scat_Cromer_Mann_b3 
_atom_type.scat_Cromer_Mann_b4 
_atom_type.scat_Cromer_Mann_c 
_atom_type.scat_source 
_atom_type.scat_dispersion_source 
C  ? ? 3.54356 2.42580 ? ? 25.62398 1.50364  ? ? 0.0 
;2-Gaussian fit: Grosse-Kunstleve RW, Sauter NK, Adams PD: Newsletter of the IUCr Commission on Crystallographic Computing 2004, 3, 22-31.
;
? 
MG ? ? 9.41153 2.53737 ? ? 2.59044  63.03566 ? ? 0.0 
;2-Gaussian fit: Grosse-Kunstleve RW, Sauter NK, Adams PD: Newsletter of the IUCr Commission on Crystallographic Computing 2004, 3, 22-31.
;
? 
N  ? ? 4.01032 2.96436 ? ? 19.97189 1.75589  ? ? 0.0 
;2-Gaussian fit: Grosse-Kunstleve RW, Sauter NK, Adams PD: Newsletter of the IUCr Commission on Crystallographic Computing 2004, 3, 22-31.
;
? 
O  ? ? 4.49882 3.47563 ? ? 15.80542 1.70748  ? ? 0.0 
;2-Gaussian fit: Grosse-Kunstleve RW, Sauter NK, Adams PD: Newsletter of the IUCr Commission on Crystallographic Computing 2004, 3, 22-31.
;
? 
P  ? ? 9.51135 5.44231 ? ? 1.42069  35.72801 ? ? 0.0 
;2-Gaussian fit: Grosse-Kunstleve RW, Sauter NK, Adams PD: Newsletter of the IUCr Commission on Crystallographic Computing 2004, 3, 22-31.
;
? 
# 
loop_
_atom_site.group_PDB 
_atom_site.id 
_atom_site.type_symbol 
_atom_site.label_atom_id 
_atom_site.label_alt_id 
_atom_site.label_comp_id 
_atom_site.label_asym_id 
_atom_site.label_entity_id 
_atom_site.label_seq_id 
_atom_site.pdbx_PDB_ins_code 
_atom_site.Cartn_x 
_atom_site.Cartn_y 
_atom_site.Cartn_z 
_atom_site.occupancy 
_atom_site.B_iso_or_equiv 
_atom_site.pdbx_formal_charge 
_atom_site.auth_seq_id 
_atom_site.auth_comp_id 
_atom_site.auth_asym_id 
_atom_site.auth_atom_id 
_atom_site.pdbx_PDB_model_num 
ATOM   1   O  "O5'" . U   A 1 1  ? 0.02747   -7.61651  -20.71981 1.000 72.23596 ? 1   U   A "O5'" 1 
ATOM   2   C  "C5'" . U   A 1 1  ? -0.53721  -7.13048  -21.92917 1.000 67.98274 ? 1   U   A "C5'" 1 
ATOM   3   C  "C4'" . U   A 1 1  ? -2.03820  -7.23771  -21.90374 1.000 69.65931 ? 1   U   A "C4'" 1 
ATOM   4   O  "O4'" . U   A 1 1  ? -2.43829  -8.57618  -22.31303 1.000 67.34152 ? 1   U   A "O4'" 1 
ATOM   5   C  "C3'" . U   A 1 1  ? -2.67223  -7.05337  -20.53143 1.000 68.80774 ? 1   U   A "C3'" 1 
ATOM   6   O  "O3'" . U   A 1 1  ? -2.86273  -5.69054  -20.18997 1.000 79.83625 ? 1   U   A "O3'" 1 
ATOM   7   C  "C2'" . U   A 1 1  ? -3.96391  -7.84354  -20.64794 1.000 65.17647 ? 1   U   A "C2'" 1 
ATOM   8   O  "O2'" . U   A 1 1  ? -4.94176  -7.09128  -21.35265 1.000 68.94899 ? 1   U   A "O2'" 1 
ATOM   9   C  "C1'" . U   A 1 1  ? -3.51298  -9.02530  -21.51790 1.000 64.46628 ? 1   U   A "C1'" 1 
ATOM   10  N  N1    . U   A 1 1  ? -3.01026  -10.15257 -20.69698 1.000 58.87102 ? 1   U   A N1    1 
ATOM   11  C  C2    . U   A 1 1  ? -3.90483  -10.88013 -19.94419 1.000 57.07934 ? 1   U   A C2    1 
ATOM   12  O  O2    . U   A 1 1  ? -5.09071  -10.65467 -19.93711 1.000 58.05307 ? 1   U   A O2    1 
ATOM   13  N  N3    . U   A 1 1  ? -3.36687  -11.89524 -19.20352 1.000 57.01445 ? 1   U   A N3    1 
ATOM   14  C  C4    . U   A 1 1  ? -2.03341  -12.23690 -19.13090 1.000 53.96837 ? 1   U   A C4    1 
ATOM   15  O  O4    . U   A 1 1  ? -1.69346  -13.17326 -18.41019 1.000 53.29901 ? 1   U   A O4    1 
ATOM   16  C  C5    . U   A 1 1  ? -1.16199  -11.43769 -19.93075 1.000 56.30589 ? 1   U   A C5    1 
ATOM   17  C  C6    . U   A 1 1  ? -1.67009  -10.44752 -20.66500 1.000 58.23495 ? 1   U   A C6    1 
ATOM   18  P  P     . G   A 1 2  ? -2.73003  -5.21148  -18.65902 1.000 78.13849 ? 2   G   A P     1 
ATOM   19  O  OP1   . G   A 1 2  ? -2.61676  -3.73278  -18.65610 1.000 77.43189 ? 2   G   A OP1   1 
ATOM   20  O  OP2   . G   A 1 2  ? -1.64321  -6.01852  -18.03842 1.000 68.75965 ? 2   G   A OP2   1 
ATOM   21  O  "O5'" . G   A 1 2  ? -4.15761  -5.57058  -18.03451 1.000 67.03202 ? 2   G   A "O5'" 1 
ATOM   22  C  "C5'" . G   A 1 2  ? -5.34155  -5.02114  -18.59341 1.000 68.57894 ? 2   G   A "C5'" 1 
ATOM   23  C  "C4'" . G   A 1 2  ? -6.59132  -5.68451  -18.06100 1.000 70.39290 ? 2   G   A "C4'" 1 
ATOM   24  O  "O4'" . G   A 1 2  ? -6.61811  -7.08013  -18.46004 1.000 68.66361 ? 2   G   A "O4'" 1 
ATOM   25  C  "C3'" . G   A 1 2  ? -6.73860  -5.73762  -16.54952 1.000 68.90621 ? 2   G   A "C3'" 1 
ATOM   26  O  "O3'" . G   A 1 2  ? -7.20998  -4.52839  -15.97942 1.000 76.12529 ? 2   G   A "O3'" 1 
ATOM   27  C  "C2'" . G   A 1 2  ? -7.68962  -6.90950  -16.35387 1.000 67.61501 ? 2   G   A "C2'" 1 
ATOM   28  O  "O2'" . G   A 1 2  ? -9.02523  -6.53059  -16.64995 1.000 67.76826 ? 2   G   A "O2'" 1 
ATOM   29  C  "C1'" . G   A 1 2  ? -7.21003  -7.86097  -17.44273 1.000 63.89465 ? 2   G   A "C1'" 1 
ATOM   30  N  N9    . G   A 1 2  ? -6.20329  -8.81006  -16.93046 1.000 60.54096 ? 2   G   A N9    1 
ATOM   31  C  C8    . G   A 1 2  ? -4.84014  -8.77744  -17.08599 1.000 61.15450 ? 2   G   A C8    1 
ATOM   32  N  N7    . G   A 1 2  ? -4.23842  -9.77755  -16.49731 1.000 60.87592 ? 2   G   A N7    1 
ATOM   33  C  C5    . G   A 1 2  ? -5.26904  -10.51286 -15.92025 1.000 57.86173 ? 2   G   A C5    1 
ATOM   34  C  C6    . G   A 1 2  ? -5.25166  -11.70888 -15.15222 1.000 56.36961 ? 2   G   A C6    1 
ATOM   35  O  O6    . G   A 1 2  ? -4.28901  -12.40678 -14.80065 1.000 55.77327 ? 2   G   A O6    1 
ATOM   36  N  N1    . G   A 1 2  ? -6.52934  -12.08135 -14.77070 1.000 51.20278 ? 2   G   A N1    1 
ATOM   37  C  C2    . G   A 1 2  ? -7.67970  -11.40116 -15.08899 1.000 58.01782 ? 2   G   A C2    1 
ATOM   38  N  N2    . G   A 1 2  ? -8.84170  -11.91015 -14.64202 1.000 55.13494 ? 2   G   A N2    1 
ATOM   39  N  N3    . G   A 1 2  ? -7.70596  -10.29351 -15.80189 1.000 59.53467 ? 2   G   A N3    1 
ATOM   40  C  C4    . G   A 1 2  ? -6.47712  -9.91765  -16.17935 1.000 56.40960 ? 2   G   A C4    1 
ATOM   41  P  P     . A   A 1 3  ? -6.78383  -4.14615  -14.47877 1.000 74.30148 ? 3   A   A P     1 
ATOM   42  O  OP1   . A   A 1 3  ? -7.32940  -2.79923  -14.17636 1.000 75.74491 ? 3   A   A OP1   1 
ATOM   43  O  OP2   . A   A 1 3  ? -5.32849  -4.40932  -14.33516 1.000 64.76497 ? 3   A   A OP2   1 
ATOM   44  O  "O5'" . A   A 1 3  ? -7.54453  -5.21626  -13.58083 1.000 65.30841 ? 3   A   A "O5'" 1 
ATOM   45  C  "C5'" . A   A 1 3  ? -8.95945  -5.26808  -13.54631 1.000 62.51386 ? 3   A   A "C5'" 1 
ATOM   46  C  "C4'" . A   A 1 3  ? -9.41430  -6.40112  -12.67256 1.000 62.69312 ? 3   A   A "C4'" 1 
ATOM   47  O  "O4'" . A   A 1 3  ? -9.04423  -7.66241  -13.29078 1.000 60.65002 ? 3   A   A "O4'" 1 
ATOM   48  C  "C3'" . A   A 1 3  ? -8.77009  -6.46898  -11.29388 1.000 63.75387 ? 3   A   A "C3'" 1 
ATOM   49  O  "O3'" . A   A 1 3  ? -9.37194  -5.58977  -10.36082 1.000 67.38682 ? 3   A   A "O3'" 1 
ATOM   50  C  "C2'" . A   A 1 3  ? -8.94390  -7.93501  -10.94169 1.000 65.85186 ? 3   A   A "C2'" 1 
ATOM   51  O  "O2'" . A   A 1 3  ? -10.29033 -8.19073  -10.57480 1.000 61.18495 ? 3   A   A "O2'" 1 
ATOM   52  C  "C1'" . A   A 1 3  ? -8.68088  -8.59335  -12.29916 1.000 56.82834 ? 3   A   A "C1'" 1 
ATOM   53  N  N9    . A   A 1 3  ? -7.25067  -8.89420  -12.47452 1.000 54.93878 ? 3   A   A N9    1 
ATOM   54  C  C8    . A   A 1 3  ? -6.29133  -8.10427  -13.05241 1.000 59.01023 ? 3   A   A C8    1 
ATOM   55  N  N7    . A   A 1 3  ? -5.09064  -8.63585  -13.04527 1.000 59.02024 ? 3   A   A N7    1 
ATOM   56  C  C5    . A   A 1 3  ? -5.28288  -9.85859  -12.41300 1.000 59.11263 ? 3   A   A C5    1 
ATOM   57  C  C6    . A   A 1 3  ? -4.41844  -10.91390 -12.08469 1.000 57.83377 ? 3   A   A C6    1 
ATOM   58  N  N6    . A   A 1 3  ? -3.11132  -10.92301 -12.35331 1.000 59.19289 ? 3   A   A N6    1 
ATOM   59  N  N1    . A   A 1 3  ? -4.93707  -11.98023 -11.44191 1.000 57.28887 ? 3   A   A N1    1 
ATOM   60  C  C2    . A   A 1 3  ? -6.23649  -11.99099 -11.15723 1.000 54.96424 ? 3   A   A C2    1 
ATOM   61  N  N3    . A   A 1 3  ? -7.14459  -11.06499 -11.42004 1.000 56.79468 ? 3   A   A N3    1 
ATOM   62  C  C4    . A   A 1 3  ? -6.60353  -10.01776 -12.04825 1.000 55.63932 ? 3   A   A C4    1 
ATOM   63  P  P     . U   A 1 4  ? -8.55740  -5.01412  -9.10154  1.000 73.02293 ? 4   U   A P     1 
ATOM   64  O  OP1   . U   A 1 4  ? -9.52430  -4.11011  -8.44593  1.000 73.04780 ? 4   U   A OP1   1 
ATOM   65  O  OP2   . U   A 1 4  ? -7.21765  -4.50427  -9.49111  1.000 71.31845 ? 4   U   A OP2   1 
ATOM   66  O  "O5'" . U   A 1 4  ? -8.34637  -6.26600  -8.14449  1.000 69.95333 ? 4   U   A "O5'" 1 
ATOM   67  C  "C5'" . U   A 1 4  ? -9.46198  -6.88901  -7.53277  1.000 66.52616 ? 4   U   A "C5'" 1 
ATOM   68  C  "C4'" . U   A 1 4  ? -9.09360  -8.21972  -6.93038  1.000 65.65713 ? 4   U   A "C4'" 1 
ATOM   69  O  "O4'" . U   A 1 4  ? -8.58253  -9.11888  -7.94772  1.000 63.30876 ? 4   U   A "O4'" 1 
ATOM   70  C  "C3'" . U   A 1 4  ? -7.99745  -8.21134  -5.87828  1.000 62.49714 ? 4   U   A "C3'" 1 
ATOM   71  O  "O3'" . U   A 1 4  ? -8.47386  -7.77675  -4.62180  1.000 64.69955 ? 4   U   A "O3'" 1 
ATOM   72  C  "C2'" . U   A 1 4  ? -7.55461  -9.66469  -5.88189  1.000 60.33013 ? 4   U   A "C2'" 1 
ATOM   73  O  "O2'" . U   A 1 4  ? -8.50289  -10.47123 -5.20162  1.000 62.30601 ? 4   U   A "O2'" 1 
ATOM   74  C  "C1'" . U   A 1 4  ? -7.63807  -9.99494  -7.36751  1.000 60.20955 ? 4   U   A "C1'" 1 
ATOM   75  N  N1    . U   A 1 4  ? -6.33906  -9.80098  -8.02691  1.000 59.67987 ? 4   U   A N1    1 
ATOM   76  C  C2    . U   A 1 4  ? -5.45480  -10.85891 -7.92603  1.000 60.35001 ? 4   U   A C2    1 
ATOM   77  O  O2    . U   A 1 4  ? -5.71515  -11.89860 -7.33525  1.000 57.36722 ? 4   U   A O2    1 
ATOM   78  N  N3    . U   A 1 4  ? -4.25498  -10.65981 -8.55557  1.000 58.06369 ? 4   U   A N3    1 
ATOM   79  C  C4    . U   A 1 4  ? -3.85545  -9.53591  -9.24216  1.000 60.06019 ? 4   U   A C4    1 
ATOM   80  O  O4    . U   A 1 4  ? -2.72816  -9.52857  -9.74899  1.000 61.67195 ? 4   U   A O4    1 
ATOM   81  C  C5    . U   A 1 4  ? -4.82817  -8.47777  -9.28437  1.000 62.04558 ? 4   U   A C5    1 
ATOM   82  C  C6    . U   A 1 4  ? -6.01869  -8.63960  -8.69016  1.000 61.72258 ? 4   U   A C6    1 
ATOM   83  P  P     . C   A 1 5  ? -7.47683  -7.32815  -3.44999  1.000 62.59745 ? 5   C   A P     1 
ATOM   84  O  OP1   . C   A 1 5  ? -8.34051  -7.26788  -2.24269  1.000 65.57441 ? 5   C   A OP1   1 
ATOM   85  O  OP2   . C   A 1 5  ? -6.73345  -6.11299  -3.86630  1.000 64.40288 ? 5   C   A OP2   1 
ATOM   86  O  "O5'" . C   A 1 5  ? -6.47515  -8.55557  -3.27331  1.000 60.35639 ? 5   C   A "O5'" 1 
ATOM   87  C  "C5'" . C   A 1 5  ? -6.84304  -9.69139  -2.50436  1.000 56.28734 ? 5   C   A "C5'" 1 
ATOM   88  C  "C4'" . C   A 1 5  ? -5.69713  -10.66048 -2.35630  1.000 55.23508 ? 5   C   A "C4'" 1 
ATOM   89  O  "O4'" . C   A 1 5  ? -5.24486  -11.10278 -3.65879  1.000 61.55356 ? 5   C   A "O4'" 1 
ATOM   90  C  "C3'" . C   A 1 5  ? -4.44150  -10.10898 -1.71689  1.000 58.31011 ? 5   C   A "C3'" 1 
ATOM   91  O  "O3'" . C   A 1 5  ? -4.51891  -10.03117 -0.31284  1.000 56.57031 ? 5   C   A "O3'" 1 
ATOM   92  C  "C2'" . C   A 1 5  ? -3.37254  -11.06680 -2.21031  1.000 58.71977 ? 5   C   A "C2'" 1 
ATOM   93  O  "O2'" . C   A 1 5  ? -3.42308  -12.28890 -1.49404  1.000 62.79184 ? 5   C   A "O2'" 1 
ATOM   94  C  "C1'" . C   A 1 5  ? -3.85179  -11.33144 -3.62960  1.000 58.18863 ? 5   C   A "C1'" 1 
ATOM   95  N  N1    . C   A 1 5  ? -3.20505  -10.41901 -4.58971  1.000 59.20347 ? 5   C   A N1    1 
ATOM   96  C  C2    . C   A 1 5  ? -1.89151  -10.69762 -4.97850  1.000 58.13215 ? 5   C   A C2    1 
ATOM   97  O  O2    . C   A 1 5  ? -1.32286  -11.70341 -4.51256  1.000 58.19251 ? 5   C   A O2    1 
ATOM   98  N  N3    . C   A 1 5  ? -1.29680  -9.86873  -5.86406  1.000 59.60037 ? 5   C   A N3    1 
ATOM   99  C  C4    . C   A 1 5  ? -1.96027  -8.81199  -6.33636  1.000 57.08346 ? 5   C   A C4    1 
ATOM   100 N  N4    . C   A 1 5  ? -1.34381  -8.02074  -7.21413  1.000 58.69275 ? 5   C   A N4    1 
ATOM   101 C  C5    . C   A 1 5  ? -3.29428  -8.51074  -5.94126  1.000 60.37565 ? 5   C   A C5    1 
ATOM   102 C  C6    . C   A 1 5  ? -3.87898  -9.33481  -5.07164  1.000 59.68088 ? 5   C   A C6    1 
ATOM   103 P  P     . U   A 1 6  ? -3.68208  -8.89414  0.42899   1.000 58.36419 ? 6   U   A P     1 
ATOM   104 O  OP1   . U   A 1 6  ? -4.01874  -8.97523  1.86713   1.000 59.71761 ? 6   U   A OP1   1 
ATOM   105 O  OP2   . U   A 1 6  ? -3.86552  -7.63250  -0.33320  1.000 56.70600 ? 6   U   A OP2   1 
ATOM   106 O  "O5'" . U   A 1 6  ? -2.17106  -9.37225  0.25722   1.000 57.25052 ? 6   U   A "O5'" 1 
ATOM   107 C  "C5'" . U   A 1 6  ? -1.73104  -10.59653 0.82569   1.000 55.32506 ? 6   U   A "C5'" 1 
ATOM   108 C  "C4'" . U   A 1 6  ? -0.26357  -10.81042 0.57988   1.000 56.94740 ? 6   U   A "C4'" 1 
ATOM   109 O  "O4'" . U   A 1 6  ? -0.04707  -11.06455 -0.83040  1.000 58.18874 ? 6   U   A "O4'" 1 
ATOM   110 C  "C3'" . U   A 1 6  ? 0.63791   -9.62281  0.87743   1.000 57.07707 ? 6   U   A "C3'" 1 
ATOM   111 O  "O3'" . U   A 1 6  ? 0.94096   -9.47810  2.25368   1.000 56.17579 ? 6   U   A "O3'" 1 
ATOM   112 C  "C2'" . U   A 1 6  ? 1.84477   -9.90630  -0.00536  1.000 57.66892 ? 6   U   A "C2'" 1 
ATOM   113 O  "O2'" . U   A 1 6  ? 2.64939   -10.92983 0.55742   1.000 54.17181 ? 6   U   A "O2'" 1 
ATOM   114 C  "C1'" . U   A 1 6  ? 1.16849   -10.48120 -1.24288  1.000 56.72270 ? 6   U   A "C1'" 1 
ATOM   115 N  N1    . U   A 1 6  ? 0.86220   -9.44638  -2.24940  1.000 56.82355 ? 6   U   A N1    1 
ATOM   116 C  C2    . U   A 1 6  ? 1.89388   -9.07407  -3.07117  1.000 58.24773 ? 6   U   A C2    1 
ATOM   117 O  O2    . U   A 1 6  ? 3.00608   -9.54552  -2.96718  1.000 58.66087 ? 6   U   A O2    1 
ATOM   118 N  N3    . U   A 1 6  ? 1.57646   -8.12797  -4.00799  1.000 58.42420 ? 6   U   A N3    1 
ATOM   119 C  C4    . U   A 1 6  ? 0.34989   -7.52994  -4.19580  1.000 59.47603 ? 6   U   A C4    1 
ATOM   120 O  O4    . U   A 1 6  ? 0.22715   -6.69631  -5.09188  1.000 59.84445 ? 6   U   A O4    1 
ATOM   121 C  C5    . U   A 1 6  ? -0.67635  -7.96401  -3.29718  1.000 59.05440 ? 6   U   A C5    1 
ATOM   122 C  C6    . U   A 1 6  ? -0.38851  -8.89362  -2.38000  1.000 59.56548 ? 6   U   A C6    1 
ATOM   123 P  P     . G   A 1 7  ? 1.30125   -8.03017  2.86671   1.000 61.98007 ? 7   G   A P     1 
ATOM   124 O  OP1   . G   A 1 7  ? 1.32956   -8.18918  4.34250   1.000 56.33394 ? 7   G   A OP1   1 
ATOM   125 O  OP2   . G   A 1 7  ? 0.43378   -6.94979  2.35073   1.000 64.85262 ? 7   G   A OP2   1 
ATOM   126 O  "O5'" . G   A 1 7  ? 2.74297   -7.73663  2.26444   1.000 58.18423 ? 7   G   A "O5'" 1 
ATOM   127 C  "C5'" . G   A 1 7  ? 3.82502   -8.61623  2.50450   1.000 53.59220 ? 7   G   A "C5'" 1 
ATOM   128 C  "C4'" . G   A 1 7  ? 5.03602   -8.19672  1.71984   1.000 57.38316 ? 7   G   A "C4'" 1 
ATOM   129 O  "O4'" . G   A 1 7  ? 4.82187   -8.40535  0.30766   1.000 55.10879 ? 7   G   A "O4'" 1 
ATOM   130 C  "C3'" . G   A 1 7  ? 5.41399   -6.73221  1.81919   1.000 60.52729 ? 7   G   A "C3'" 1 
ATOM   131 O  "O3'" . G   A 1 7  ? 6.11673   -6.45813  3.01941   1.000 61.49572 ? 7   G   A "O3'" 1 
ATOM   132 C  "C2'" . G   A 1 7  ? 6.23954   -6.52257  0.55463   1.000 60.47568 ? 7   G   A "C2'" 1 
ATOM   133 O  "O2'" . G   A 1 7  ? 7.55565   -7.02281  0.72716   1.000 60.63792 ? 7   G   A "O2'" 1 
ATOM   134 C  "C1'" . G   A 1 7  ? 5.51653   -7.43005  -0.43495  1.000 54.89024 ? 7   G   A "C1'" 1 
ATOM   135 N  N9    . G   A 1 7  ? 4.54218   -6.69374  -1.25106  1.000 54.89488 ? 7   G   A N9    1 
ATOM   136 C  C8    . G   A 1 7  ? 3.19554   -6.62592  -1.03936  1.000 55.83975 ? 7   G   A C8    1 
ATOM   137 N  N7    . G   A 1 7  ? 2.58390   -5.90046  -1.92904  1.000 58.45699 ? 7   G   A N7    1 
ATOM   138 C  C5    . G   A 1 7  ? 3.58659   -5.47065  -2.77857  1.000 56.67609 ? 7   G   A C5    1 
ATOM   139 C  C6    . G   A 1 7  ? 3.51950   -4.65270  -3.92963  1.000 54.04801 ? 7   G   A C6    1 
ATOM   140 O  O6    . G   A 1 7  ? 2.52921   -4.13541  -4.44581  1.000 52.42023 ? 7   G   A O6    1 
ATOM   141 N  N1    . G   A 1 7  ? 4.76837   -4.45288  -4.49173  1.000 54.06546 ? 7   G   A N1    1 
ATOM   142 C  C2    . G   A 1 7  ? 5.93112   -4.97863  -3.99503  1.000 54.28349 ? 7   G   A C2    1 
ATOM   143 N  N2    . G   A 1 7  ? 7.03574   -4.66912  -4.67578  1.000 54.06138 ? 7   G   A N2    1 
ATOM   144 N  N3    . G   A 1 7  ? 6.01797   -5.74626  -2.92243  1.000 54.87889 ? 7   G   A N3    1 
ATOM   145 C  C4    . G   A 1 7  ? 4.80655   -5.95214  -2.37221  1.000 56.25817 ? 7   G   A C4    1 
ATOM   146 P  P     . G   A 1 8  ? 6.43485   -4.95434  3.47102   1.000 67.87894 ? 8   G   A P     1 
ATOM   147 O  OP1   . G   A 1 8  ? 7.32866   -5.01570  4.65301   1.000 74.83000 ? 8   G   A OP1   1 
ATOM   148 O  OP2   . G   A 1 8  ? 5.21478   -4.12004  3.52978   1.000 60.64154 ? 8   G   A OP2   1 
ATOM   149 O  "O5'" . G   A 1 8  ? 7.30995   -4.39729  2.28446   1.000 57.34440 ? 8   G   A "O5'" 1 
ATOM   150 C  "C5'" . G   A 1 8  ? 7.20196   -3.04527  1.92972   1.000 58.01427 ? 8   G   A "C5'" 1 
ATOM   151 C  "C4'" . G   A 1 8  ? 7.93032   -2.78271  0.65635   1.000 58.23463 ? 8   G   A "C4'" 1 
ATOM   152 O  "O4'" . G   A 1 8  ? 7.24038   -3.43263  -0.43400  1.000 62.46646 ? 8   G   A "O4'" 1 
ATOM   153 C  "C3'" . G   A 1 8  ? 7.96860   -1.32725  0.26455   1.000 60.70335 ? 8   G   A "C3'" 1 
ATOM   154 O  "O3'" . G   A 1 8  ? 9.01364   -0.64462  0.91494   1.000 60.18487 ? 8   G   A "O3'" 1 
ATOM   155 C  "C2'" . G   A 1 8  ? 8.10616   -1.38068  -1.24485  1.000 57.98404 ? 8   G   A "C2'" 1 
ATOM   156 O  "O2'" . G   A 1 8  ? 9.44916   -1.64360  -1.60626  1.000 60.06941 ? 8   G   A "O2'" 1 
ATOM   157 C  "C1'" . G   A 1 8  ? 7.25985   -2.60732  -1.57489  1.000 59.09458 ? 8   G   A "C1'" 1 
ATOM   158 N  N9    . G   A 1 8  ? 5.86754   -2.25524  -1.88762  1.000 57.33726 ? 8   G   A N9    1 
ATOM   159 C  C8    . G   A 1 8  ? 4.74818   -2.64339  -1.19706  1.000 56.52688 ? 8   G   A C8    1 
ATOM   160 N  N7    . G   A 1 8  ? 3.65121   -2.18420  -1.71909  1.000 57.99987 ? 8   G   A N7    1 
ATOM   161 C  C5    . G   A 1 8  ? 4.07348   -1.45478  -2.81971  1.000 57.48941 ? 8   G   A C5    1 
ATOM   162 C  C6    . G   A 1 8  ? 3.32731   -0.72821  -3.78480  1.000 60.48226 ? 8   G   A C6    1 
ATOM   163 O  O6    . G   A 1 8  ? 2.09974   -0.58215  -3.85294  1.000 52.89132 ? 8   G   A O6    1 
ATOM   164 N  N1    . G   A 1 8  ? 4.16995   -0.13852  -4.73217  1.000 58.24876 ? 8   G   A N1    1 
ATOM   165 C  C2    . G   A 1 8  ? 5.54334   -0.24658  -4.75066  1.000 58.52879 ? 8   G   A C2    1 
ATOM   166 N  N2    . G   A 1 8  ? 6.19751   0.38036   -5.73939  1.000 56.70344 ? 8   G   A N2    1 
ATOM   167 N  N3    . G   A 1 8  ? 6.23790   -0.92482  -3.86014  1.000 58.29200 ? 8   G   A N3    1 
ATOM   168 C  C4    . G   A 1 8  ? 5.44132   -1.49036  -2.93417  1.000 57.77809 ? 8   G   A C4    1 
ATOM   169 P  P     . G   A 1 9  ? 8.75266   0.82446   1.46823   1.000 61.53901 ? 9   G   A P     1 
ATOM   170 O  OP1   . G   A 1 9  ? 9.87577   1.17010   2.38350   1.000 60.38075 ? 9   G   A OP1   1 
ATOM   171 O  OP2   . G   A 1 9  ? 7.35951   0.89782   1.98173   1.000 63.02326 ? 9   G   A OP2   1 
ATOM   172 O  "O5'" . G   A 1 9  ? 8.85630   1.72075   0.16265   1.000 56.52650 ? 9   G   A "O5'" 1 
ATOM   173 C  "C5'" . G   A 1 9  ? 10.03938  1.73343   -0.61178  1.000 56.86178 ? 9   G   A "C5'" 1 
ATOM   174 C  "C4'" . G   A 1 9  ? 9.87604   2.62182   -1.81282  1.000 57.19412 ? 9   G   A "C4'" 1 
ATOM   175 O  "O4'" . G   A 1 9  ? 8.97213   1.99601   -2.75064  1.000 56.96549 ? 9   G   A "O4'" 1 
ATOM   176 C  "C3'" . G   A 1 9  ? 9.23533   3.97289   -1.54675  1.000 58.12682 ? 9   G   A "C3'" 1 
ATOM   177 O  "O3'" . G   A 1 9  ? 10.13085  4.93272   -1.00641  1.000 53.27632 ? 9   G   A "O3'" 1 
ATOM   178 C  "C2'" . G   A 1 9  ? 8.66928   4.34099   -2.91247  1.000 57.61015 ? 9   G   A "C2'" 1 
ATOM   179 O  "O2'" . G   A 1 9  ? 9.69421   4.79122   -3.78332  1.000 59.48867 ? 9   G   A "O2'" 1 
ATOM   180 C  "C1'" . G   A 1 9  ? 8.21124   2.98257   -3.41581  1.000 59.54618 ? 9   G   A "C1'" 1 
ATOM   181 N  N9    . G   A 1 9  ? 6.76924   2.73199   -3.19661  1.000 58.64660 ? 9   G   A N9    1 
ATOM   182 C  C8    . G   A 1 9  ? 6.18856   1.86883   -2.30266  1.000 57.90464 ? 9   G   A C8    1 
ATOM   183 N  N7    . G   A 1 9  ? 4.88354   1.85531   -2.38578  1.000 61.04561 ? 9   G   A N7    1 
ATOM   184 C  C5    . G   A 1 9  ? 4.58217   2.75571   -3.39602  1.000 58.58649 ? 9   G   A C5    1 
ATOM   185 C  C6    . G   A 1 9  ? 3.32470   3.14830   -3.94144  1.000 60.29033 ? 9   G   A C6    1 
ATOM   186 O  O6    . G   A 1 9  ? 2.18077   2.77118   -3.63021  1.000 54.99870 ? 9   G   A O6    1 
ATOM   187 N  N1    . G   A 1 9  ? 3.49989   4.08985   -4.95535  1.000 60.21860 ? 9   G   A N1    1 
ATOM   188 C  C2    . G   A 1 9  ? 4.71161   4.58369   -5.38366  1.000 57.43253 ? 9   G   A C2    1 
ATOM   189 N  N2    . G   A 1 9  ? 4.67213   5.49495   -6.36638  1.000 55.87494 ? 9   G   A N2    1 
ATOM   190 N  N3    . G   A 1 9  ? 5.87736   4.21273   -4.88817  1.000 55.11604 ? 9   G   A N3    1 
ATOM   191 C  C4    . G   A 1 9  ? 5.73884   3.30173   -3.90751  1.000 56.63029 ? 9   G   A C4    1 
ATOM   192 P  P     . C   A 1 10 ? 9.58079   6.11305   -0.06341  1.000 59.18715 ? 10  C   A P     1 
ATOM   193 O  OP1   . C   A 1 10 ? 10.73702  6.84392   0.49056   1.000 59.69939 ? 10  C   A OP1   1 
ATOM   194 O  OP2   . C   A 1 10 ? 8.56915   5.54483   0.85732   1.000 61.04882 ? 10  C   A OP2   1 
ATOM   195 O  "O5'" . C   A 1 10 ? 8.82644   7.08115   -1.07247  1.000 55.02695 ? 10  C   A "O5'" 1 
ATOM   196 C  "C5'" . C   A 1 10 ? 9.49360   7.58660   -2.21542  1.000 57.34860 ? 10  C   A "C5'" 1 
ATOM   197 C  "C4'" . C   A 1 10 ? 8.55486   8.39182   -3.06676  1.000 59.50841 ? 10  C   A "C4'" 1 
ATOM   198 O  "O4'" . C   A 1 10 ? 7.64358   7.52029   -3.78294  1.000 61.20512 ? 10  C   A "O4'" 1 
ATOM   199 C  "C3'" . C   A 1 10 ? 7.63741   9.30840   -2.29239  1.000 59.99018 ? 10  C   A "C3'" 1 
ATOM   200 O  "O3'" . C   A 1 10 ? 8.29117   10.48282  -1.87059  1.000 65.39542 ? 10  C   A "O3'" 1 
ATOM   201 C  "C2'" . C   A 1 10 ? 6.49288   9.52925   -3.27088  1.000 61.93177 ? 10  C   A "C2'" 1 
ATOM   202 O  "O2'" . C   A 1 10 ? 6.87721   10.43930  -4.28963  1.000 63.88162 ? 10  C   A "O2'" 1 
ATOM   203 C  "C1'" . C   A 1 10 ? 6.37294   8.13874   -3.89320  1.000 57.92513 ? 10  C   A "C1'" 1 
ATOM   204 N  N1    . C   A 1 10 ? 5.37405   7.30267   -3.18892  1.000 53.40987 ? 10  C   A N1    1 
ATOM   205 C  C2    . C   A 1 10 ? 4.03337   7.38129   -3.54603  1.000 58.57649 ? 10  C   A C2    1 
ATOM   206 O  O2    . C   A 1 10 ? 3.71067   8.14780   -4.46389  1.000 60.80400 ? 10  C   A O2    1 
ATOM   207 N  N3    . C   A 1 10 ? 3.12341   6.61690   -2.89326  1.000 58.77066 ? 10  C   A N3    1 
ATOM   208 C  C4    . C   A 1 10 ? 3.51712   5.80703   -1.90976  1.000 57.16496 ? 10  C   A C4    1 
ATOM   209 N  N4    . C   A 1 10 ? 2.60929   5.06920   -1.27156  1.000 55.87790 ? 10  C   A N4    1 
ATOM   210 C  C5    . C   A 1 10 ? 4.87643   5.71668   -1.52334  1.000 56.00226 ? 10  C   A C5    1 
ATOM   211 C  C6    . C   A 1 10 ? 5.75217   6.47344   -2.17935  1.000 57.15471 ? 10  C   A C6    1 
ATOM   212 P  P     . C   A 1 11 ? 7.70517   11.30783  -0.63733  1.000 68.09838 ? 11  C   A P     1 
ATOM   213 O  OP1   . C   A 1 11 ? 8.73844   12.18226  -0.03701  1.000 70.48813 ? 11  C   A OP1   1 
ATOM   214 O  OP2   . C   A 1 11 ? 6.93159   10.37272  0.22404   1.000 65.56447 ? 11  C   A OP2   1 
ATOM   215 O  "O5'" . C   A 1 11 ? 6.67295   12.25480  -1.36125  1.000 67.24690 ? 11  C   A "O5'" 1 
ATOM   216 C  "C5'" . C   A 1 11 ? 5.41873   12.45587  -0.78338  1.000 62.10751 ? 11  C   A "C5'" 1 
ATOM   217 C  "C4'" . C   A 1 11 ? 4.35869   12.67637  -1.81632  1.000 63.37673 ? 11  C   A "C4'" 1 
ATOM   218 O  "O4'" . C   A 1 11 ? 4.04725   11.43340  -2.50062  1.000 63.06533 ? 11  C   A "O4'" 1 
ATOM   219 C  "C3'" . C   A 1 11 ? 3.05921   13.10394  -1.18781  1.000 55.81951 ? 11  C   A "C3'" 1 
ATOM   220 O  "O3'" . C   A 1 11 ? 3.04421   14.49148  -0.97138  1.000 58.53493 ? 11  C   A "O3'" 1 
ATOM   221 C  "C2'" . C   A 1 11 ? 2.00496   12.58427  -2.14742  1.000 57.48056 ? 11  C   A "C2'" 1 
ATOM   222 O  "O2'" . C   A 1 11 ? 1.87000   13.46006  -3.25259  1.000 62.96956 ? 11  C   A "O2'" 1 
ATOM   223 C  "C1'" . C   A 1 11 ? 2.64871   11.27543  -2.61098  1.000 57.81299 ? 11  C   A "C1'" 1 
ATOM   224 N  N1    . C   A 1 11 ? 2.28711   10.14275  -1.73098  1.000 55.79898 ? 11  C   A N1    1 
ATOM   225 C  C2    . C   A 1 11 ? 1.00381   9.60244   -1.69472  1.000 54.78996 ? 11  C   A C2    1 
ATOM   226 O  O2    . C   A 1 11 ? 0.10017   10.05383  -2.42026  1.000 56.98324 ? 11  C   A O2    1 
ATOM   227 N  N3    . C   A 1 11 ? 0.77754   8.57345   -0.84882  1.000 55.65602 ? 11  C   A N3    1 
ATOM   228 C  C4    . C   A 1 11 ? 1.75011   8.09505   -0.07188  1.000 54.07669 ? 11  C   A C4    1 
ATOM   229 N  N4    . C   A 1 11 ? 1.46932   7.08040   0.73995   1.000 55.12776 ? 11  C   A N4    1 
ATOM   230 C  C5    . C   A 1 11 ? 3.05794   8.62584   -0.08471  1.000 53.26887 ? 11  C   A C5    1 
ATOM   231 C  C6    . C   A 1 11 ? 3.26658   9.63386   -0.92228  1.000 55.72861 ? 11  C   A C6    1 
ATOM   232 P  P     . C   A 1 12 ? 2.63258   15.01674  0.47034   1.000 57.89828 ? 12  C   A P     1 
ATOM   233 O  OP1   . C   A 1 12 ? 3.08726   16.42190  0.62961   1.000 53.52629 ? 12  C   A OP1   1 
ATOM   234 O  OP2   . C   A 1 12 ? 3.07268   13.99812  1.45308   1.000 55.84375 ? 12  C   A OP2   1 
ATOM   235 O  "O5'" . C   A 1 12 ? 1.03876   14.92315  0.41066   1.000 57.15009 ? 12  C   A "O5'" 1 
ATOM   236 C  "C5'" . C   A 1 12 ? 0.32732   15.30261  -0.75766  1.000 53.56913 ? 12  C   A "C5'" 1 
ATOM   237 C  "C4'" . C   A 1 12 ? -1.13393  14.95229  -0.64879  1.000 55.31202 ? 12  C   A "C4'" 1 
ATOM   238 O  "O4'" . C   A 1 12 ? -1.33520  13.53363  -0.86751  1.000 56.57714 ? 12  C   A "O4'" 1 
ATOM   239 C  "C3'" . C   A 1 12 ? -1.75365  15.20991  0.70675   1.000 54.61630 ? 12  C   A "C3'" 1 
ATOM   240 O  "O3'" . C   A 1 12 ? -2.10767  16.56738  0.86636   1.000 58.80394 ? 12  C   A "O3'" 1 
ATOM   241 C  "C2'" . C   A 1 12 ? -2.93255  14.24363  0.73827   1.000 52.07029 ? 12  C   A "C2'" 1 
ATOM   242 O  "O2'" . C   A 1 12 ? -4.03795  14.76869  0.02079   1.000 52.43966 ? 12  C   A "O2'" 1 
ATOM   243 C  "C1'" . C   A 1 12 ? -2.38266  13.06242  -0.05190  1.000 53.00600 ? 12  C   A "C1'" 1 
ATOM   244 N  N1    . C   A 1 12 ? -1.85924  11.96653  0.78878   1.000 51.59506 ? 12  C   A N1    1 
ATOM   245 C  C2    . C   A 1 12 ? -2.75651  11.04065  1.32551   1.000 53.33177 ? 12  C   A C2    1 
ATOM   246 O  O2    . C   A 1 12 ? -3.95910  11.18831  1.12160   1.000 50.42563 ? 12  C   A O2    1 
ATOM   247 N  N3    . C   A 1 12 ? -2.30661  10.00237  2.05875   1.000 53.21322 ? 12  C   A N3    1 
ATOM   248 C  C4    . C   A 1 12 ? -0.98778  9.87855   2.26169   1.000 54.80670 ? 12  C   A C4    1 
ATOM   249 N  N4    . C   A 1 12 ? -0.57561  8.83891   2.98981   1.000 48.59357 ? 12  C   A N4    1 
ATOM   250 C  C5    . C   A 1 12 ? -0.04203  10.81039  1.73087   1.000 53.23538 ? 12  C   A C5    1 
ATOM   251 C  C6    . C   A 1 12 ? -0.51897  11.82711  0.99840   1.000 54.83969 ? 12  C   A C6    1 
ATOM   252 P  P     . A   A 1 13 ? -2.22168  17.18873  2.33239   1.000 61.08401 ? 13  A   A P     1 
ATOM   253 O  OP1   . A   A 1 13 ? -2.33614  18.66819  2.22772   1.000 58.58427 ? 13  A   A OP1   1 
ATOM   254 O  OP2   . A   A 1 13 ? -1.19102  16.56939  3.19182   1.000 58.86449 ? 13  A   A OP2   1 
ATOM   255 O  "O5'" . A   A 1 13 ? -3.59723  16.59811  2.85056   1.000 52.73029 ? 13  A   A "O5'" 1 
ATOM   256 C  "C5'" . A   A 1 13 ? -3.66570  16.10163  4.16423   1.000 54.37373 ? 13  A   A "C5'" 1 
ATOM   257 C  "C4'" . A   A 1 13 ? -4.79010  15.13245  4.31058   1.000 53.70210 ? 13  A   A "C4'" 1 
ATOM   258 O  "O4'" . A   A 1 13 ? -4.43050  13.89165  3.67776   1.000 58.00102 ? 13  A   A "O4'" 1 
ATOM   259 C  "C3'" . A   A 1 13 ? -5.10294  14.74512  5.73703   1.000 55.77637 ? 13  A   A "C3'" 1 
ATOM   260 O  "O3'" . A   A 1 13 ? -5.93500  15.69625  6.35333   1.000 61.23005 ? 13  A   A "O3'" 1 
ATOM   261 C  "C2'" . A   A 1 13 ? -5.74392  13.37931  5.58474   1.000 56.80995 ? 13  A   A "C2'" 1 
ATOM   262 O  "O2'" . A   A 1 13 ? -7.10759  13.50495  5.19125   1.000 54.73372 ? 13  A   A "O2'" 1 
ATOM   263 C  "C1'" . A   A 1 13 ? -4.94976  12.81056  4.41214   1.000 55.59890 ? 13  A   A "C1'" 1 
ATOM   264 N  N9    . A   A 1 13 ? -3.81527  11.96642  4.81360   1.000 51.08300 ? 13  A   A N9    1 
ATOM   265 C  C8    . A   A 1 13 ? -2.48581  12.24264  4.65614   1.000 51.27791 ? 13  A   A C8    1 
ATOM   266 N  N7    . A   A 1 13 ? -1.70747  11.25909  5.05363   1.000 53.99103 ? 13  A   A N7    1 
ATOM   267 C  C5    . A   A 1 13 ? -2.58556  10.26722  5.46748   1.000 52.32297 ? 13  A   A C5    1 
ATOM   268 C  C6    . A   A 1 13 ? -2.41025  8.97452   6.00021   1.000 50.90177 ? 13  A   A C6    1 
ATOM   269 N  N6    . A   A 1 13 ? -1.24412  8.39716   6.22640   1.000 48.33995 ? 13  A   A N6    1 
ATOM   270 N  N1    . A   A 1 13 ? -3.49886  8.25133   6.30703   1.000 49.96515 ? 13  A   A N1    1 
ATOM   271 C  C2    . A   A 1 13 ? -4.69029  8.81485   6.09369   1.000 54.37116 ? 13  A   A C2    1 
ATOM   272 N  N3    . A   A 1 13 ? -4.99423  10.01967  5.60722   1.000 54.62777 ? 13  A   A N3    1 
ATOM   273 C  C4    . A   A 1 13 ? -3.88511  10.70232  5.31730   1.000 51.70981 ? 13  A   A C4    1 
ATOM   274 P  P     . G   A 1 14 ? -5.74412  16.04191  7.90197   1.000 58.41197 ? 14  G   A P     1 
ATOM   275 O  OP1   . G   A 1 14 ? -6.65900  17.17731  8.16285   1.000 63.82238 ? 14  G   A OP1   1 
ATOM   276 O  OP2   . G   A 1 14 ? -4.29233  16.13442  8.20236   1.000 58.18107 ? 14  G   A OP2   1 
ATOM   277 O  "O5'" . G   A 1 14 ? -6.37607  14.78380  8.63641   1.000 56.45554 ? 14  G   A "O5'" 1 
ATOM   278 C  "C5'" . G   A 1 14 ? -7.68832  14.34197  8.29471   1.000 56.46048 ? 14  G   A "C5'" 1 
ATOM   279 C  "C4'" . G   A 1 14 ? -8.11976  13.18272  9.15208   1.000 58.77761 ? 14  G   A "C4'" 1 
ATOM   280 O  "O4'" . G   A 1 14 ? -7.28132  12.02963  8.85816   1.000 57.25936 ? 14  G   A "O4'" 1 
ATOM   281 C  "C3'" . G   A 1 14 ? -7.98494  13.43688  10.64827  1.000 63.01272 ? 14  G   A "C3'" 1 
ATOM   282 O  "O3'" . G   A 1 14 ? -8.99219  12.71771  11.34300  1.000 69.16554 ? 14  G   A "O3'" 1 
ATOM   283 C  "C2'" . G   A 1 14 ? -6.61730  12.85291  10.96756  1.000 61.96276 ? 14  G   A "C2'" 1 
ATOM   284 O  "O2'" . G   A 1 14 ? -6.42652  12.47215  12.31526  1.000 65.98355 ? 14  G   A "O2'" 1 
ATOM   285 C  "C1'" . G   A 1 14 ? -6.55615  11.65794  10.01873  1.000 59.93533 ? 14  G   A "C1'" 1 
ATOM   286 N  N9    . G   A 1 14 ? -5.17913  11.35316  9.64226   1.000 57.44530 ? 14  G   A N9    1 
ATOM   287 C  C8    . G   A 1 14 ? -4.24714  12.23074  9.14779   1.000 51.66281 ? 14  G   A C8    1 
ATOM   288 N  N7    . G   A 1 14 ? -3.08919  11.65701  8.95631   1.000 53.04350 ? 14  G   A N7    1 
ATOM   289 C  C5    . G   A 1 14 ? -3.27661  10.33751  9.36502   1.000 52.76131 ? 14  G   A C5    1 
ATOM   290 C  C6    . G   A 1 14 ? -2.38526  9.23375   9.39534   1.000 53.22087 ? 14  G   A C6    1 
ATOM   291 O  O6    . G   A 1 14 ? -1.19099  9.18875   9.05698   1.000 56.38909 ? 14  G   A O6    1 
ATOM   292 N  N1    . G   A 1 14 ? -3.00417  8.09822   9.90167   1.000 51.87455 ? 14  G   A N1    1 
ATOM   293 C  C2    . G   A 1 14 ? -4.31220  8.02119   10.31504  1.000 55.06464 ? 14  G   A C2    1 
ATOM   294 N  N2    . G   A 1 14 ? -4.73942  6.82957   10.76634  1.000 53.64062 ? 14  G   A N2    1 
ATOM   295 N  N3    . G   A 1 14 ? -5.14818  9.03928   10.28730  1.000 53.83342 ? 14  G   A N3    1 
ATOM   296 C  C4    . G   A 1 14 ? -4.56192  10.14748  9.80549   1.000 53.57869 ? 14  G   A C4    1 
ATOM   297 P  P     . U   A 1 15 ? -10.41738 13.41609  11.59762  1.000 76.31084 ? 15  U   A P     1 
ATOM   298 O  OP1   . U   A 1 15 ? -11.25633 13.16646  10.39297  1.000 65.69988 ? 15  U   A OP1   1 
ATOM   299 O  OP2   . U   A 1 15 ? -10.17105 14.79986  12.08361  1.000 67.71163 ? 15  U   A OP2   1 
ATOM   300 O  "O5'" . U   A 1 15 ? -11.01812 12.59653  12.81308  1.000 69.95355 ? 15  U   A "O5'" 1 
ATOM   301 C  "C5'" . U   A 1 15 ? -10.53208 12.78863  14.12897  1.000 73.47899 ? 15  U   A "C5'" 1 
ATOM   302 C  "C4'" . U   A 1 15 ? -11.47385 12.14793  15.10625  1.000 76.66779 ? 15  U   A "C4'" 1 
ATOM   303 O  "O4'" . U   A 1 15 ? -12.70914 12.90332  15.15334  1.000 75.77024 ? 15  U   A "O4'" 1 
ATOM   304 C  "C3'" . U   A 1 15 ? -11.91606 10.74611  14.72904  1.000 73.23409 ? 15  U   A "C3'" 1 
ATOM   305 O  "O3'" . U   A 1 15 ? -10.97377 9.77338   15.11863  1.000 75.60366 ? 15  U   A "O3'" 1 
ATOM   306 C  "C2'" . U   A 1 15 ? -13.25233 10.60731  15.44487  1.000 72.91305 ? 15  U   A "C2'" 1 
ATOM   307 O  "O2'" . U   A 1 15 ? -13.04859 10.29473  16.81410  1.000 70.38568 ? 15  U   A "O2'" 1 
ATOM   308 C  "C1'" . U   A 1 15 ? -13.79992 12.03091  15.35331  1.000 69.78645 ? 15  U   A "C1'" 1 
ATOM   309 N  N1    . U   A 1 15 ? -14.75935 12.20181  14.24304  1.000 69.10114 ? 15  U   A N1    1 
ATOM   310 C  C2    . U   A 1 15 ? -16.06281 11.81033  14.47745  1.000 70.46635 ? 15  U   A C2    1 
ATOM   311 O  O2    . U   A 1 15 ? -16.42275 11.32853  15.54177  1.000 65.89747 ? 15  U   A O2    1 
ATOM   312 N  N3    . U   A 1 15 ? -16.92343 12.00485  13.42084  1.000 74.51447 ? 15  U   A N3    1 
ATOM   313 C  C4    . U   A 1 15 ? -16.59507 12.53985  12.18918  1.000 75.41612 ? 15  U   A C4    1 
ATOM   314 O  O4    . U   A 1 15 ? -17.46548 12.65775  11.32988  1.000 77.82318 ? 15  U   A O4    1 
ATOM   315 C  C5    . U   A 1 15 ? -15.22416 12.92393  12.03608  1.000 74.84342 ? 15  U   A C5    1 
ATOM   316 C  C6    . U   A 1 15 ? -14.37118 12.74943  13.04641  1.000 71.28965 ? 15  U   A C6    1 
ATOM   317 P  P     . A   A 1 16 ? -10.34686 8.76507   14.03844  1.000 83.20492 ? 16  A   A P     1 
ATOM   318 O  OP1   . A   A 1 16 ? -9.40249  9.51766   13.16301  1.000 76.19330 ? 16  A   A OP1   1 
ATOM   319 O  OP2   . A   A 1 16 ? -11.45552 7.96560   13.45880  1.000 77.86469 ? 16  A   A OP2   1 
ATOM   320 O  "O5'" . A   A 1 16 ? -9.49235  7.76891   14.93511  1.000 75.65827 ? 16  A   A "O5'" 1 
ATOM   321 C  "C5'" . A   A 1 16 ? -8.50630  8.24351   15.84154  1.000 67.91648 ? 16  A   A "C5'" 1 
ATOM   322 C  "C4'" . A   A 1 16 ? -7.54245  7.13510   16.16678  1.000 66.47310 ? 16  A   A "C4'" 1 
ATOM   323 O  "O4'" . A   A 1 16 ? -6.91223  6.67764   14.94272  1.000 64.05371 ? 16  A   A "O4'" 1 
ATOM   324 C  "C3'" . A   A 1 16 ? -6.36975  7.47339   17.06838  1.000 62.90529 ? 16  A   A "C3'" 1 
ATOM   325 O  "O3'" . A   A 1 16 ? -6.71429  7.49510   18.43637  1.000 67.21366 ? 16  A   A "O3'" 1 
ATOM   326 C  "C2'" . A   A 1 16 ? -5.38570  6.37577   16.71390  1.000 60.55967 ? 16  A   A "C2'" 1 
ATOM   327 O  "O2'" . A   A 1 16 ? -5.79860  5.14014   17.27600  1.000 61.26874 ? 16  A   A "O2'" 1 
ATOM   328 C  "C1'" . A   A 1 16 ? -5.58323  6.29911   15.20509  1.000 57.86889 ? 16  A   A "C1'" 1 
ATOM   329 N  N9    . A   A 1 16 ? -4.68763  7.24384   14.52111  1.000 57.38262 ? 16  A   A N9    1 
ATOM   330 C  C8    . A   A 1 16 ? -4.89927  8.53633   14.10293  1.000 58.15073 ? 16  A   A C8    1 
ATOM   331 N  N7    . A   A 1 16 ? -3.83491  9.09388   13.56172  1.000 58.49557 ? 16  A   A N7    1 
ATOM   332 C  C5    . A   A 1 16 ? -2.85928  8.09772   13.63840  1.000 59.09456 ? 16  A   A C5    1 
ATOM   333 C  C6    . A   A 1 16 ? -1.50087  8.02101   13.23949  1.000 56.97457 ? 16  A   A C6    1 
ATOM   334 N  N6    . A   A 1 16 ? -0.81248  8.99992   12.63815  1.000 53.06936 ? 16  A   A N6    1 
ATOM   335 N  N1    . A   A 1 16 ? -0.85074  6.86138   13.48509  1.000 56.96428 ? 16  A   A N1    1 
ATOM   336 C  C2    . A   A 1 16 ? -1.49800  5.84954   14.08134  1.000 55.84138 ? 16  A   A C2    1 
ATOM   337 N  N3    . A   A 1 16 ? -2.76556  5.79200   14.48920  1.000 57.15692 ? 16  A   A N3    1 
ATOM   338 C  C4    . A   A 1 16 ? -3.38527  6.95894   14.23462  1.000 58.29721 ? 16  A   A C4    1 
ATOM   339 P  P     . U   A 1 17 ? -5.77359  8.23927   19.50435  1.000 69.67416 ? 17  U   A P     1 
ATOM   340 O  OP1   . U   A 1 17 ? -6.43198  7.91186   20.79384  1.000 72.36574 ? 17  U   A OP1   1 
ATOM   341 O  OP2   . U   A 1 17 ? -5.52497  9.65502   19.10291  1.000 69.25002 ? 17  U   A OP2   1 
ATOM   342 O  "O5'" . U   A 1 17 ? -4.37058  7.47343   19.44018  1.000 66.74513 ? 17  U   A "O5'" 1 
ATOM   343 C  "C5'" . U   A 1 17 ? -4.11258  6.39190   20.31988  1.000 64.55696 ? 17  U   A "C5'" 1 
ATOM   344 C  "C4'" . U   A 1 17 ? -2.84104  5.63190   20.00720  1.000 63.89780 ? 17  U   A "C4'" 1 
ATOM   345 O  "O4'" . U   A 1 17 ? -2.59002  5.51371   18.57452  1.000 66.01140 ? 17  U   A "O4'" 1 
ATOM   346 C  "C3'" . U   A 1 17 ? -1.53400  6.18856   20.53385  1.000 60.02233 ? 17  U   A "C3'" 1 
ATOM   347 O  "O3'" . U   A 1 17 ? -1.37930  6.08309   21.94016  1.000 65.62199 ? 17  U   A "O3'" 1 
ATOM   348 C  "C2'" . U   A 1 17 ? -0.52875  5.36723   19.74812  1.000 62.45065 ? 17  U   A "C2'" 1 
ATOM   349 O  "O2'" . U   A 1 17 ? -0.47337  4.04507   20.26116  1.000 66.46993 ? 17  U   A "O2'" 1 
ATOM   350 C  "C1'" . U   A 1 17 ? -1.19615  5.32867   18.36731  1.000 62.67213 ? 17  U   A "C1'" 1 
ATOM   351 N  N1    . U   A 1 17 ? -0.64579  6.41303   17.52084  1.000 58.26534 ? 17  U   A N1    1 
ATOM   352 C  C2    . U   A 1 17 ? 0.61679   6.19150   16.99470  1.000 57.74775 ? 17  U   A C2    1 
ATOM   353 O  O2    . U   A 1 17 ? 1.23105   5.14512   17.14789  1.000 57.53139 ? 17  U   A O2    1 
ATOM   354 N  N3    . U   A 1 17 ? 1.12551   7.22577   16.25614  1.000 53.81771 ? 17  U   A N3    1 
ATOM   355 C  C4    . U   A 1 17 ? 0.52807   8.44121   16.00828  1.000 56.00002 ? 17  U   A C4    1 
ATOM   356 O  O4    . U   A 1 17 ? 1.11176   9.27836   15.31773  1.000 55.28937 ? 17  U   A O4    1 
ATOM   357 C  C5    . U   A 1 17 ? -0.76181  8.60568   16.60330  1.000 54.46396 ? 17  U   A C5    1 
ATOM   358 C  C6    . U   A 1 17 ? -1.28318  7.61455   17.33201  1.000 57.41814 ? 17  U   A C6    1 
ATOM   359 P  P     . C   A 1 18 ? -0.39533  7.10284   22.70514  1.000 70.39813 ? 18  C   A P     1 
ATOM   360 O  OP1   . C   A 1 18 ? -0.44920  6.87890   24.17109  1.000 64.88626 ? 18  C   A OP1   1 
ATOM   361 O  OP2   . C   A 1 18 ? -0.61881  8.48284   22.19786  1.000 62.60643 ? 18  C   A OP2   1 
ATOM   362 O  "O5'" . C   A 1 18 ? 1.03945   6.61514   22.24058  1.000 63.57413 ? 18  C   A "O5'" 1 
ATOM   363 C  "C5'" . C   A 1 18 ? 1.46378   5.29193   22.50836  1.000 64.85637 ? 18  C   A "C5'" 1 
ATOM   364 C  "C4'" . C   A 1 18 ? 2.80913   5.02240   21.89405  1.000 67.94407 ? 18  C   A "C4'" 1 
ATOM   365 O  "O4'" . C   A 1 18 ? 2.74884   5.18857   20.45481  1.000 69.44129 ? 18  C   A "O4'" 1 
ATOM   366 C  "C3'" . C   A 1 18 ? 3.93026   5.95239   22.30987  1.000 69.00113 ? 18  C   A "C3'" 1 
ATOM   367 O  "O3'" . C   A 1 18 ? 4.44422   5.65731   23.59543  1.000 73.22094 ? 18  C   A "O3'" 1 
ATOM   368 C  "C2'" . C   A 1 18 ? 4.93139   5.76436   21.18073  1.000 67.41151 ? 18  C   A "C2'" 1 
ATOM   369 O  "O2'" . C   A 1 18 ? 5.61888   4.53406   21.33402  1.000 73.27182 ? 18  C   A "O2'" 1 
ATOM   370 C  "C1'" . C   A 1 18 ? 3.99854   5.63855   19.97642  1.000 65.36857 ? 18  C   A "C1'" 1 
ATOM   371 N  N1    . C   A 1 18 ? 3.80477   6.93521   19.29584  1.000 62.94107 ? 18  C   A N1    1 
ATOM   372 C  C2    . C   A 1 18 ? 4.79201   7.38742   18.41931  1.000 62.54468 ? 18  C   A C2    1 
ATOM   373 O  O2    . C   A 1 18 ? 5.79462   6.68422   18.22351  1.000 67.87808 ? 18  C   A O2    1 
ATOM   374 N  N3    . C   A 1 18 ? 4.63564   8.57284   17.79254  1.000 59.38968 ? 18  C   A N3    1 
ATOM   375 C  C4    . C   A 1 18 ? 3.54163   9.29285   18.01099  1.000 59.76424 ? 18  C   A C4    1 
ATOM   376 N  N4    . C   A 1 18 ? 3.42616   10.45201  17.36092  1.000 58.97649 ? 18  C   A N4    1 
ATOM   377 C  C5    . C   A 1 18 ? 2.52009   8.86023   18.90787  1.000 60.62646 ? 18  C   A C5    1 
ATOM   378 C  C6    . C   A 1 18 ? 2.68908   7.68505   19.52571  1.000 60.80646 ? 18  C   A C6    1 
ATOM   379 P  P     . A   A 1 19 ? 5.01352   6.83464   24.52616  1.000 67.33019 ? 19  A   A P     1 
ATOM   380 O  OP1   . A   A 1 19 ? 5.16612   6.27466   25.89470  1.000 73.84678 ? 19  A   A OP1   1 
ATOM   381 O  OP2   . A   A 1 19 ? 4.19344   8.04879   24.32332  1.000 72.56863 ? 19  A   A OP2   1 
ATOM   382 O  "O5'" . A   A 1 19 ? 6.44261   7.14192   23.89905  1.000 66.89870 ? 19  A   A "O5'" 1 
ATOM   383 C  "C5'" . A   A 1 19 ? 7.33781   6.07981   23.61347  1.000 69.16124 ? 19  A   A "C5'" 1 
ATOM   384 C  "C4'" . A   A 1 19 ? 8.44065   6.49264   22.66605  1.000 73.10835 ? 19  A   A "C4'" 1 
ATOM   385 O  "O4'" . A   A 1 19 ? 7.88100   7.15364   21.48910  1.000 71.89429 ? 19  A   A "O4'" 1 
ATOM   386 C  "C3'" . A   A 1 19 ? 9.47388   7.46131   23.24587  1.000 70.80884 ? 19  A   A "C3'" 1 
ATOM   387 O  "O3'" . A   A 1 19 ? 10.75324  7.15862   22.70266  1.000 75.72806 ? 19  A   A "O3'" 1 
ATOM   388 C  "C2'" . A   A 1 19 ? 9.01403   8.79504   22.68629  1.000 71.54667 ? 19  A   A "C2'" 1 
ATOM   389 O  "O2'" . A   A 1 19 ? 10.00253  9.79420   22.63047  1.000 74.62990 ? 19  A   A "O2'" 1 
ATOM   390 C  "C1'" . A   A 1 19 ? 8.54444   8.38262   21.29926  1.000 67.58306 ? 19  A   A "C1'" 1 
ATOM   391 N  N9    . A   A 1 19 ? 7.64460   9.35972   20.70099  1.000 64.19243 ? 19  A   A N9    1 
ATOM   392 C  C8    . A   A 1 19 ? 6.37562   9.69278   21.08429  1.000 63.60309 ? 19  A   A C8    1 
ATOM   393 N  N7    . A   A 1 19 ? 5.86695   10.66431  20.37334  1.000 62.83767 ? 19  A   A N7    1 
ATOM   394 C  C5    . A   A 1 19 ? 6.87100   10.99706  19.48143  1.000 60.67311 ? 19  A   A C5    1 
ATOM   395 C  C6    . A   A 1 19 ? 6.94896   11.96060  18.46638  1.000 59.42556 ? 19  A   A C6    1 
ATOM   396 N  N6    . A   A 1 19 ? 5.94858   12.79182  18.16267  1.000 57.32939 ? 19  A   A N6    1 
ATOM   397 N  N1    . A   A 1 19 ? 8.10292   12.04286  17.77001  1.000 59.44589 ? 19  A   A N1    1 
ATOM   398 C  C2    . A   A 1 19 ? 9.09836   11.20538  18.08626  1.000 60.51731 ? 19  A   A C2    1 
ATOM   399 N  N3    . A   A 1 19 ? 9.14206   10.26069  19.02036  1.000 61.78820 ? 19  A   A N3    1 
ATOM   400 C  C4    . A   A 1 19 ? 7.97923   10.20630  19.68208  1.000 61.68426 ? 19  A   A C4    1 
ATOM   401 O  "O5'" . U   B 1 1  ? 9.19855   17.64662  11.16761  1.000 58.38334 ? 1   U   D "O5'" 1 
ATOM   402 C  "C5'" . U   B 1 1  ? 10.59606  17.86126  11.04346  1.000 52.56633 ? 1   U   D "C5'" 1 
ATOM   403 C  "C4'" . U   B 1 1  ? 11.36494  16.79892  11.77504  1.000 54.81830 ? 1   U   D "C4'" 1 
ATOM   404 O  "O4'" . U   B 1 1  ? 11.17411  16.94408  13.20435  1.000 52.73555 ? 1   U   D "O4'" 1 
ATOM   405 C  "C3'" . U   B 1 1  ? 10.91868  15.37850  11.49407  1.000 52.41619 ? 1   U   D "C3'" 1 
ATOM   406 O  "O3'" . U   B 1 1  ? 11.45382  14.87755  10.29674  1.000 56.21365 ? 1   U   D "O3'" 1 
ATOM   407 C  "C2'" . U   B 1 1  ? 11.39996  14.63689  12.72314  1.000 49.95928 ? 1   U   D "C2'" 1 
ATOM   408 O  "O2'" . U   B 1 1  ? 12.79594  14.44391  12.65703  1.000 56.68485 ? 1   U   D "O2'" 1 
ATOM   409 C  "C1'" . U   B 1 1  ? 11.12714  15.67029  13.80890  1.000 53.69731 ? 1   U   D "C1'" 1 
ATOM   410 N  N1    . U   B 1 1  ? 9.79403   15.49693  14.41800  1.000 51.76279 ? 1   U   D N1    1 
ATOM   411 C  C2    . U   B 1 1  ? 9.64298   14.42349  15.26060  1.000 52.55901 ? 1   U   D C2    1 
ATOM   412 O  O2    . U   B 1 1  ? 10.54586  13.63867  15.47987  1.000 56.85648 ? 1   U   D O2    1 
ATOM   413 N  N3    . U   B 1 1  ? 8.41152   14.29635  15.82834  1.000 50.46160 ? 1   U   D N3    1 
ATOM   414 C  C4    . U   B 1 1  ? 7.33855   15.13783  15.63647  1.000 55.25231 ? 1   U   D C4    1 
ATOM   415 O  O4    . U   B 1 1  ? 6.28494   14.90057  16.22567  1.000 57.56646 ? 1   U   D O4    1 
ATOM   416 C  C5    . U   B 1 1  ? 7.57694   16.23853  14.75077  1.000 53.94825 ? 1   U   D C5    1 
ATOM   417 C  C6    . U   B 1 1  ? 8.77542   16.37524  14.17571  1.000 52.25183 ? 1   U   D C6    1 
ATOM   418 P  P     . G   B 1 2  ? 10.69102  13.71493  9.49792   1.000 59.84005 ? 2   G   D P     1 
ATOM   419 O  OP1   . G   B 1 2  ? 11.44253  13.53000  8.23114   1.000 56.89937 ? 2   G   D OP1   1 
ATOM   420 O  OP2   . G   B 1 2  ? 9.24119   14.02799  9.51108   1.000 59.19505 ? 2   G   D OP2   1 
ATOM   421 O  "O5'" . G   B 1 2  ? 10.94450  12.42482  10.38686  1.000 54.98009 ? 2   G   D "O5'" 1 
ATOM   422 C  "C5'" . G   B 1 2  ? 12.24206  11.87428  10.49944  1.000 50.75026 ? 2   G   D "C5'" 1 
ATOM   423 C  "C4'" . G   B 1 2  ? 12.22776  10.68846  11.41923  1.000 54.25831 ? 2   G   D "C4'" 1 
ATOM   424 O  "O4'" . G   B 1 2  ? 11.84641  11.13795  12.74354  1.000 53.07776 ? 2   G   D "O4'" 1 
ATOM   425 C  "C3'" . G   B 1 2  ? 11.20498  9.60246   11.10103  1.000 57.78286 ? 2   G   D "C3'" 1 
ATOM   426 O  "O3'" . G   B 1 2  ? 11.59509  8.70812   10.06295  1.000 53.02166 ? 2   G   D "O3'" 1 
ATOM   427 C  "C2'" . G   B 1 2  ? 11.02041  8.94165   12.45922  1.000 58.48142 ? 2   G   D "C2'" 1 
ATOM   428 O  "O2'" . G   B 1 2  ? 12.14462  8.13384   12.77969  1.000 56.69747 ? 2   G   D "O2'" 1 
ATOM   429 C  "C1'" . G   B 1 2  ? 11.05779  10.15820  13.37586  1.000 53.67262 ? 2   G   D "C1'" 1 
ATOM   430 N  N9    . G   B 1 2  ? 9.71369   10.71845  13.59893  1.000 55.27811 ? 2   G   D N9    1 
ATOM   431 C  C8    . G   B 1 2  ? 9.13777   11.82691  13.02768  1.000 52.21633 ? 2   G   D C8    1 
ATOM   432 N  N7    . G   B 1 2  ? 7.92693   12.03872  13.47760  1.000 57.93290 ? 2   G   D N7    1 
ATOM   433 C  C5    . G   B 1 2  ? 7.70050   11.01189  14.39371  1.000 57.32325 ? 2   G   D C5    1 
ATOM   434 C  C6    . G   B 1 2  ? 6.57295   10.69552  15.20112  1.000 57.49059 ? 2   G   D C6    1 
ATOM   435 O  O6    . G   B 1 2  ? 5.48474   11.27969  15.29464  1.000 56.60440 ? 2   G   D O6    1 
ATOM   436 N  N1    . G   B 1 2  ? 6.81124   9.55919   15.96831  1.000 60.25347 ? 2   G   D N1    1 
ATOM   437 C  C2    . G   B 1 2  ? 7.97055   8.81730   15.96636  1.000 58.79854 ? 2   G   D C2    1 
ATOM   438 N  N2    . G   B 1 2  ? 8.01879   7.74278   16.76852  1.000 60.38978 ? 2   G   D N2    1 
ATOM   439 N  N3    . G   B 1 2  ? 9.01256   9.09680   15.21529  1.000 55.90101 ? 2   G   D N3    1 
ATOM   440 C  C4    . G   B 1 2  ? 8.80406   10.19509  14.46976  1.000 55.59966 ? 2   G   D C4    1 
ATOM   441 P  P     . A   B 1 3  ? 10.47425  7.93185   9.20411   1.000 62.54702 ? 3   A   D P     1 
ATOM   442 O  OP1   . A   B 1 3  ? 11.12197  7.14376   8.12894   1.000 64.91805 ? 3   A   D OP1   1 
ATOM   443 O  OP2   . A   B 1 3  ? 9.40982   8.88094   8.83802   1.000 62.48014 ? 3   A   D OP2   1 
ATOM   444 O  "O5'" . A   B 1 3  ? 9.86350   6.88750   10.23072  1.000 57.45498 ? 3   A   D "O5'" 1 
ATOM   445 C  "C5'" . A   B 1 3  ? 10.66626  5.81802   10.69857  1.000 59.86724 ? 3   A   D "C5'" 1 
ATOM   446 C  "C4'" . A   B 1 3  ? 9.95566   5.02523   11.75800  1.000 60.64248 ? 3   A   D "C4'" 1 
ATOM   447 O  "O4'" . A   B 1 3  ? 9.58918   5.89868   12.85493  1.000 60.19472 ? 3   A   D "O4'" 1 
ATOM   448 C  "C3'" . A   B 1 3  ? 8.63855   4.40259   11.34139  1.000 55.88059 ? 3   A   D "C3'" 1 
ATOM   449 O  "O3'" . A   B 1 3  ? 8.80080   3.20293   10.61657  1.000 62.36412 ? 3   A   D "O3'" 1 
ATOM   450 C  "C2'" . A   B 1 3  ? 7.92930   4.21457   12.67255  1.000 58.73878 ? 3   A   D "C2'" 1 
ATOM   451 O  "O2'" . A   B 1 3  ? 8.42834   3.07816   13.36011  1.000 64.51150 ? 3   A   D "O2'" 1 
ATOM   452 C  "C1'" . A   B 1 3  ? 8.37313   5.46374   13.42664  1.000 58.05656 ? 3   A   D "C1'" 1 
ATOM   453 N  N9    . A   B 1 3  ? 7.37455   6.53810   13.31576  1.000 54.67582 ? 3   A   D N9    1 
ATOM   454 C  C8    . A   B 1 3  ? 7.39031   7.66506   12.53804  1.000 54.03684 ? 3   A   D C8    1 
ATOM   455 N  N7    . A   B 1 3  ? 6.31841   8.40781   12.68524  1.000 58.18005 ? 3   A   D N7    1 
ATOM   456 C  C5    . A   B 1 3  ? 5.54520   7.71632   13.60910  1.000 56.83060 ? 3   A   D C5    1 
ATOM   457 C  C6    . A   B 1 3  ? 4.28915   7.97434   14.19328  1.000 57.86727 ? 3   A   D C6    1 
ATOM   458 N  N6    . A   B 1 3  ? 3.54023   9.04544   13.91843  1.000 53.18880 ? 3   A   D N6    1 
ATOM   459 N  N1    . A   B 1 3  ? 3.82085   7.07453   15.08683  1.000 58.72307 ? 3   A   D N1    1 
ATOM   460 C  C2    . A   B 1 3  ? 4.56752   5.99359   15.36589  1.000 60.11900 ? 3   A   D C2    1 
ATOM   461 N  N3    . A   B 1 3  ? 5.75923   5.64173   14.88267  1.000 58.00689 ? 3   A   D N3    1 
ATOM   462 C  C4    . A   B 1 3  ? 6.19217   6.56007   14.00318  1.000 56.75159 ? 3   A   D C4    1 
ATOM   463 P  P     . U   B 1 4  ? 7.66263   2.72333   9.59005   1.000 64.10721 ? 4   U   D P     1 
ATOM   464 O  OP1   . U   B 1 4  ? 8.13571   1.41351   9.05807   1.000 59.14381 ? 4   U   D OP1   1 
ATOM   465 O  OP2   . U   B 1 4  ? 7.37133   3.83084   8.64857   1.000 59.43479 ? 4   U   D OP2   1 
ATOM   466 O  "O5'" . U   B 1 4  ? 6.37210   2.51543   10.50444  1.000 53.30814 ? 4   U   D "O5'" 1 
ATOM   467 C  "C5'" . U   B 1 4  ? 6.16289   1.28026   11.16508  1.000 57.98100 ? 4   U   D "C5'" 1 
ATOM   468 C  "C4'" . U   B 1 4  ? 5.03592   1.32141   12.16802  1.000 60.13224 ? 4   U   D "C4'" 1 
ATOM   469 O  "O4'" . U   B 1 4  ? 5.01751   2.57136   12.90585  1.000 60.28827 ? 4   U   D "O4'" 1 
ATOM   470 C  "C3'" . U   B 1 4  ? 3.61702   1.21100   11.64367  1.000 52.20917 ? 4   U   D "C3'" 1 
ATOM   471 O  "O3'" . U   B 1 4  ? 3.26919   -0.09761  11.25659  1.000 55.19605 ? 4   U   D "O3'" 1 
ATOM   472 C  "C2'" . U   B 1 4  ? 2.81904   1.68116   12.84186  1.000 57.73456 ? 4   U   D "C2'" 1 
ATOM   473 O  "O2'" . U   B 1 4  ? 2.79386   0.65921   13.82395  1.000 63.04748 ? 4   U   D "O2'" 1 
ATOM   474 C  "C1'" . U   B 1 4  ? 3.70007   2.82222   13.35671  1.000 59.19315 ? 4   U   D "C1'" 1 
ATOM   475 N  N1    . U   B 1 4  ? 3.24409   4.12037   12.82384  1.000 56.72979 ? 4   U   D N1    1 
ATOM   476 C  C2    . U   B 1 4  ? 2.01864   4.58762   13.27493  1.000 57.41091 ? 4   U   D C2    1 
ATOM   477 O  O2    . U   B 1 4  ? 1.32484   4.00274   14.09891  1.000 53.49979 ? 4   U   D O2    1 
ATOM   478 N  N3    . U   B 1 4  ? 1.64250   5.78881   12.73418  1.000 57.26824 ? 4   U   D N3    1 
ATOM   479 C  C4    . U   B 1 4  ? 2.34329   6.53506   11.80940  1.000 55.72780 ? 4   U   D C4    1 
ATOM   480 O  O4    . U   B 1 4  ? 1.88074   7.60847   11.41992  1.000 54.42896 ? 4   U   D O4    1 
ATOM   481 C  C5    . U   B 1 4  ? 3.59055   5.97310   11.39978  1.000 52.38056 ? 4   U   D C5    1 
ATOM   482 C  C6    . U   B 1 4  ? 3.99228   4.80812   11.90576  1.000 54.22363 ? 4   U   D C6    1 
ATOM   483 P  P     . C   B 1 5  ? 2.49805   -0.36162  9.87028   1.000 60.11081 ? 5   C   D P     1 
ATOM   484 O  OP1   . C   B 1 5  ? 2.80166   -1.75217  9.43307   1.000 56.91378 ? 5   C   D OP1   1 
ATOM   485 O  OP2   . C   B 1 5  ? 2.78911   0.74431   8.92955   1.000 58.43030 ? 5   C   D OP2   1 
ATOM   486 O  "O5'" . C   B 1 5  ? 0.96624   -0.20321  10.27253  1.000 59.28501 ? 5   C   D "O5'" 1 
ATOM   487 C  "C5'" . C   B 1 5  ? 0.50908   -0.57903  11.56230  1.000 55.55235 ? 5   C   D "C5'" 1 
ATOM   488 C  "C4'" . C   B 1 5  ? -0.80519  0.07802   11.88791  1.000 58.68421 ? 5   C   D "C4'" 1 
ATOM   489 O  "O4'" . C   B 1 5  ? -0.57012  1.42508   12.35032  1.000 58.17872 ? 5   C   D "O4'" 1 
ATOM   490 C  "C3'" . C   B 1 5  ? -1.76331  0.26014   10.72081  1.000 60.10130 ? 5   C   D "C3'" 1 
ATOM   491 O  "O3'" . C   B 1 5  ? -2.48838  -0.90950  10.39955  1.000 56.31305 ? 5   C   D "O3'" 1 
ATOM   492 C  "C2'" . C   B 1 5  ? -2.64290  1.39778   11.19682  1.000 55.58283 ? 5   C   D "C2'" 1 
ATOM   493 O  "O2'" . C   B 1 5  ? -3.59718  0.91994   12.12764  1.000 62.01658 ? 5   C   D "O2'" 1 
ATOM   494 C  "C1'" . C   B 1 5  ? -1.63734  2.25522   11.95469  1.000 55.15378 ? 5   C   D "C1'" 1 
ATOM   495 N  N1    . C   B 1 5  ? -1.10142  3.37038   11.14785  1.000 56.42670 ? 5   C   D N1    1 
ATOM   496 C  C2    . C   B 1 5  ? -1.89953  4.51265   11.08297  1.000 55.77573 ? 5   C   D C2    1 
ATOM   497 O  O2    . C   B 1 5  ? -2.98100  4.48844   11.67622  1.000 53.91384 ? 5   C   D O2    1 
ATOM   498 N  N3    . C   B 1 5  ? -1.48179  5.59435   10.39136  1.000 53.65855 ? 5   C   D N3    1 
ATOM   499 C  C4    . C   B 1 5  ? -0.29464  5.55539   9.79891   1.000 52.49391 ? 5   C   D C4    1 
ATOM   500 N  N4    . C   B 1 5  ? 0.06998   6.64987   9.13853   1.000 51.24119 ? 5   C   D N4    1 
ATOM   501 C  C5    . C   B 1 5  ? 0.54890   4.39927   9.84237   1.000 53.18678 ? 5   C   D C5    1 
ATOM   502 C  C6    . C   B 1 5  ? 0.11978   3.33199   10.53303  1.000 53.63864 ? 5   C   D C6    1 
ATOM   503 P  P     . U   B 1 6  ? -2.97740  -1.16068  8.89731   1.000 57.42424 ? 6   U   D P     1 
ATOM   504 O  OP1   . U   B 1 6  ? -3.52488  -2.54281  8.87168   1.000 59.13429 ? 6   U   D OP1   1 
ATOM   505 O  OP2   . U   B 1 6  ? -1.90463  -0.74976  7.95679   1.000 54.81600 ? 6   U   D OP2   1 
ATOM   506 O  "O5'" . U   B 1 6  ? -4.16440  -0.12734  8.68208   1.000 58.87223 ? 6   U   D "O5'" 1 
ATOM   507 C  "C5'" . U   B 1 6  ? -5.41057  -0.28627  9.33388   1.000 54.14609 ? 6   U   D "C5'" 1 
ATOM   508 C  "C4'" . U   B 1 6  ? -6.30046  0.89241   9.05095   1.000 57.22534 ? 6   U   D "C4'" 1 
ATOM   509 O  "O4'" . U   B 1 6  ? -5.71478  2.09595   9.60908   1.000 54.89814 ? 6   U   D "O4'" 1 
ATOM   510 C  "C3'" . U   B 1 6  ? -6.48649  1.22330   7.58286   1.000 54.73797 ? 6   U   D "C3'" 1 
ATOM   511 O  "O3'" . U   B 1 6  ? -7.45213  0.41075   6.96533   1.000 55.68207 ? 6   U   D "O3'" 1 
ATOM   512 C  "C2'" . U   B 1 6  ? -6.85159  2.70067   7.61280   1.000 54.94884 ? 6   U   D "C2'" 1 
ATOM   513 O  "O2'" . U   B 1 6  ? -8.22223  2.88177   7.95444   1.000 60.14783 ? 6   U   D "O2'" 1 
ATOM   514 C  "C1'" . U   B 1 6  ? -5.97768  3.19850   8.76686   1.000 54.31054 ? 6   U   D "C1'" 1 
ATOM   515 N  N1    . U   B 1 6  ? -4.69039  3.73951   8.26856   1.000 52.26260 ? 6   U   D N1    1 
ATOM   516 C  C2    . U   B 1 6  ? -4.68594  5.06763   7.88929   1.000 52.61181 ? 6   U   D C2    1 
ATOM   517 O  O2    . U   B 1 6  ? -5.65888  5.79141   7.98294   1.000 54.43110 ? 6   U   D O2    1 
ATOM   518 N  N3    . U   B 1 6  ? -3.50491  5.54587   7.40982   1.000 50.18173 ? 6   U   D N3    1 
ATOM   519 C  C4    . U   B 1 6  ? -2.34270  4.84238   7.27551   1.000 50.86902 ? 6   U   D C4    1 
ATOM   520 O  O4    . U   B 1 6  ? -1.37381  5.43734   6.82354   1.000 51.47258 ? 6   U   D O4    1 
ATOM   521 C  C5    . U   B 1 6  ? -2.41289  3.46559   7.66947   1.000 51.69139 ? 6   U   D C5    1 
ATOM   522 C  C6    . U   B 1 6  ? -3.55945  2.96794   8.14289   1.000 52.81874 ? 6   U   D C6    1 
ATOM   523 P  P     . G   B 1 7  ? -7.25870  -0.01451  5.43671   1.000 62.92696 ? 7   G   D P     1 
ATOM   524 O  OP1   . G   B 1 7  ? -8.13668  -1.19242  5.18014   1.000 56.88469 ? 7   G   D OP1   1 
ATOM   525 O  OP2   . G   B 1 7  ? -5.81848  -0.13094  5.15194   1.000 60.95762 ? 7   G   D OP2   1 
ATOM   526 O  "O5'" . G   B 1 7  ? -7.75560  1.27395   4.65053   1.000 58.38812 ? 7   G   D "O5'" 1 
ATOM   527 C  "C5'" . G   B 1 7  ? -9.08428  1.72888   4.78975   1.000 53.35159 ? 7   G   D "C5'" 1 
ATOM   528 C  "C4'" . G   B 1 7  ? -9.26853  3.07057   4.14170   1.000 52.21229 ? 7   G   D "C4'" 1 
ATOM   529 O  "O4'" . G   B 1 7  ? -8.58182  4.09133   4.90806   1.000 53.72739 ? 7   G   D "O4'" 1 
ATOM   530 C  "C3'" . G   B 1 7  ? -8.69488  3.24423   2.75012   1.000 51.93849 ? 7   G   D "C3'" 1 
ATOM   531 O  "O3'" . G   B 1 7  ? -9.46572  2.63683   1.72973   1.000 55.19880 ? 7   G   D "O3'" 1 
ATOM   532 C  "C2'" . G   B 1 7  ? -8.63250  4.75590   2.64022   1.000 51.32215 ? 7   G   D "C2'" 1 
ATOM   533 O  "O2'" . G   B 1 7  ? -9.93122  5.29331   2.46763   1.000 52.55431 ? 7   G   D "O2'" 1 
ATOM   534 C  "C1'" . G   B 1 7  ? -8.15671  5.12136   4.04097   1.000 52.86101 ? 7   G   D "C1'" 1 
ATOM   535 N  N9    . G   B 1 7  ? -6.68902  5.20159   4.05712   1.000 50.70843 ? 7   G   D N9    1 
ATOM   536 C  C8    . G   B 1 7  ? -5.75809  4.27227   4.42811   1.000 49.98531 ? 7   G   D C8    1 
ATOM   537 N  N7    . G   B 1 7  ? -4.53848  4.71494   4.24163   1.000 53.34280 ? 7   G   D N7    1 
ATOM   538 C  C5    . G   B 1 7  ? -4.68919  5.99552   3.71082   1.000 50.13787 ? 7   G   D C5    1 
ATOM   539 C  C6    . G   B 1 7  ? -3.75484  6.98458   3.30347   1.000 49.34865 ? 7   G   D C6    1 
ATOM   540 O  O6    . G   B 1 7  ? -2.53449  6.95453   3.32057   1.000 46.94635 ? 7   G   D O6    1 
ATOM   541 N  N1    . G   B 1 7  ? -4.37238  8.12379   2.80635   1.000 51.62379 ? 7   G   D N1    1 
ATOM   542 C  C2    . G   B 1 7  ? -5.72460  8.30274   2.71080   1.000 51.27135 ? 7   G   D C2    1 
ATOM   543 N  N2    . G   B 1 7  ? -6.15397  9.46902   2.20434   1.000 51.90850 ? 7   G   D N2    1 
ATOM   544 N  N3    . G   B 1 7  ? -6.60240  7.40028   3.09389   1.000 54.27127 ? 7   G   D N3    1 
ATOM   545 C  C4    . G   B 1 7  ? -6.01479  6.28646   3.57161   1.000 48.84728 ? 7   G   D C4    1 
ATOM   546 P  P     . G   B 1 8  ? -8.74651  2.08010   0.40992   1.000 58.44027 ? 8   G   D P     1 
ATOM   547 O  OP1   . G   B 1 8  ? -9.70489  1.27464   -0.39498  1.000 56.70953 ? 8   G   D OP1   1 
ATOM   548 O  OP2   . G   B 1 8  ? -7.48441  1.45854   0.85463   1.000 60.49307 ? 8   G   D OP2   1 
ATOM   549 O  "O5'" . G   B 1 8  ? -8.39602  3.37755   -0.42850  1.000 53.78396 ? 8   G   D "O5'" 1 
ATOM   550 C  "C5'" . G   B 1 8  ? -9.39507  4.32023   -0.76318  1.000 46.75238 ? 8   G   D "C5'" 1 
ATOM   551 C  "C4'" . G   B 1 8  ? -8.76625  5.54326   -1.36958  1.000 50.64779 ? 8   G   D "C4'" 1 
ATOM   552 O  "O4'" . G   B 1 8  ? -7.95689  6.24843   -0.38270  1.000 53.95540 ? 8   G   D "O4'" 1 
ATOM   553 C  "C3'" . G   B 1 8  ? -7.79284  5.28539   -2.50259  1.000 50.41379 ? 8   G   D "C3'" 1 
ATOM   554 O  "O3'" . G   B 1 8  ? -8.44978  5.00639   -3.71599  1.000 51.84870 ? 8   G   D "O3'" 1 
ATOM   555 C  "C2'" . G   B 1 8  ? -6.99272  6.57723   -2.52641  1.000 52.94453 ? 8   G   D "C2'" 1 
ATOM   556 O  "O2'" . G   B 1 8  ? -7.75973  7.60946   -3.12585  1.000 55.07216 ? 8   G   D "O2'" 1 
ATOM   557 C  "C1'" . G   B 1 8  ? -6.86576  6.87558   -1.02648  1.000 49.69214 ? 8   G   D "C1'" 1 
ATOM   558 N  N9    . G   B 1 8  ? -5.60513  6.33821   -0.47166  1.000 51.23302 ? 8   G   D N9    1 
ATOM   559 C  C8    . G   B 1 8  ? -5.42854  5.17661   0.24168   1.000 51.63534 ? 8   G   D C8    1 
ATOM   560 N  N7    . G   B 1 8  ? -4.17580  4.97784   0.58797   1.000 53.77971 ? 8   G   D N7    1 
ATOM   561 C  C5    . G   B 1 8  ? -3.47568  6.04818   0.06286   1.000 49.91128 ? 8   G   D C5    1 
ATOM   562 C  C6    . G   B 1 8  ? -2.08323  6.35369   0.10488   1.000 53.37501 ? 8   G   D C6    1 
ATOM   563 O  O6    . G   B 1 8  ? -1.15609  5.73518   0.65584   1.000 49.09707 ? 8   G   D O6    1 
ATOM   564 N  N1    . G   B 1 8  ? -1.81253  7.54353   -0.55759  1.000 52.17753 ? 8   G   D N1    1 
ATOM   565 C  C2    . G   B 1 8  ? -2.75838  8.32100   -1.17586  1.000 53.20141 ? 8   G   D C2    1 
ATOM   566 N  N2    . G   B 1 8  ? -2.31308  9.43218   -1.76572  1.000 55.79743 ? 8   G   D N2    1 
ATOM   567 N  N3    . G   B 1 8  ? -4.05039  8.04119   -1.22938  1.000 50.90875 ? 8   G   D N3    1 
ATOM   568 C  C4    . G   B 1 8  ? -4.34391  6.89465   -0.59211  1.000 49.85653 ? 8   G   D C4    1 
ATOM   569 P  P     . G   B 1 9  ? -7.70159  4.26011   -4.91825  1.000 58.45057 ? 9   G   D P     1 
ATOM   570 O  OP1   . G   B 1 9  ? -8.75089  3.92866   -5.92670  1.000 59.82520 ? 9   G   D OP1   1 
ATOM   571 O  OP2   . G   B 1 9  ? -6.88670  3.14567   -4.38467  1.000 57.33012 ? 9   G   D OP2   1 
ATOM   572 O  "O5'" . G   B 1 9  ? -6.75024  5.37872   -5.52356  1.000 53.53081 ? 9   G   D "O5'" 1 
ATOM   573 C  "C5'" . G   B 1 9  ? -7.29028  6.46296   -6.25773  1.000 53.65104 ? 9   G   D "C5'" 1 
ATOM   574 C  "C4'" . G   B 1 9  ? -6.20048  7.36454   -6.76818  1.000 58.17054 ? 9   G   D "C4'" 1 
ATOM   575 O  "O4'" . G   B 1 9  ? -5.46131  7.89608   -5.63787  1.000 54.79709 ? 9   G   D "O4'" 1 
ATOM   576 C  "C3'" . G   B 1 9  ? -5.13892  6.69535   -7.62894  1.000 54.63691 ? 9   G   D "C3'" 1 
ATOM   577 O  "O3'" . G   B 1 9  ? -5.52093  6.56466   -8.98760  1.000 58.89857 ? 9   G   D "O3'" 1 
ATOM   578 C  "C2'" . G   B 1 9  ? -3.92057  7.58421   -7.41634  1.000 57.47039 ? 9   G   D "C2'" 1 
ATOM   579 O  "O2'" . G   B 1 9  ? -4.00703  8.75976   -8.21250  1.000 57.28874 ? 9   G   D "O2'" 1 
ATOM   580 C  "C1'" . G   B 1 9  ? -4.08701  7.97944   -5.94797  1.000 55.74870 ? 9   G   D "C1'" 1 
ATOM   581 N  N9    . G   B 1 9  ? -3.35674  7.08729   -5.02193  1.000 54.37920 ? 9   G   D N9    1 
ATOM   582 C  C8    . G   B 1 9  ? -3.90113  6.03952   -4.30901  1.000 54.79251 ? 9   G   D C8    1 
ATOM   583 N  N7    . G   B 1 9  ? -3.03789  5.41034   -3.55017  1.000 47.61316 ? 9   G   D N7    1 
ATOM   584 C  C5    . G   B 1 9  ? -1.85977  6.08587   -3.77998  1.000 50.21816 ? 9   G   D C5    1 
ATOM   585 C  C6    . G   B 1 9  ? -0.58440  5.84451   -3.21666  1.000 55.21219 ? 9   G   D C6    1 
ATOM   586 O  O6    . G   B 1 9  ? -0.27869  4.96199   -2.39834  1.000 54.06177 ? 9   G   D O6    1 
ATOM   587 N  N1    . G   B 1 9  ? 0.35816   6.75633   -3.68787  1.000 55.13667 ? 9   G   D N1    1 
ATOM   588 C  C2    . G   B 1 9  ? 0.08722   7.75720   -4.59385  1.000 56.55449 ? 9   G   D C2    1 
ATOM   589 N  N2    . G   B 1 9  ? 1.13267   8.52517   -4.93085  1.000 55.56496 ? 9   G   D N2    1 
ATOM   590 N  N3    . G   B 1 9  ? -1.10683  7.98826   -5.13313  1.000 55.86860 ? 9   G   D N3    1 
ATOM   591 C  C4    . G   B 1 9  ? -2.02859  7.11953   -4.67843  1.000 51.48427 ? 9   G   D C4    1 
ATOM   592 P  P     . C   B 1 10 ? -5.05498  5.27555   -9.83120  1.000 64.51866 ? 10  C   D P     1 
ATOM   593 O  OP1   . C   B 1 10 ? -5.74230  5.28624   -11.14571 1.000 67.81477 ? 10  C   D OP1   1 
ATOM   594 O  OP2   . C   B 1 10 ? -5.23046  4.08310   -8.96794  1.000 64.59494 ? 10  C   D OP2   1 
ATOM   595 O  "O5'" . C   B 1 10 ? -3.49525  5.50306   -10.05745 1.000 62.03955 ? 10  C   D "O5'" 1 
ATOM   596 C  "C5'" . C   B 1 10 ? -3.02437  6.61547   -10.79981 1.000 61.82576 ? 10  C   D "C5'" 1 
ATOM   597 C  "C4'" . C   B 1 10 ? -1.54072  6.83943   -10.61637 1.000 58.85054 ? 10  C   D "C4'" 1 
ATOM   598 O  "O4'" . C   B 1 10 ? -1.24595  7.19220   -9.23813  1.000 66.83891 ? 10  C   D "O4'" 1 
ATOM   599 C  "C3'" . C   B 1 10 ? -0.61524  5.66434   -10.88444 1.000 59.14080 ? 10  C   D "C3'" 1 
ATOM   600 O  "O3'" . C   B 1 10 ? -0.38467  5.42940   -12.25772 1.000 64.08248 ? 10  C   D "O3'" 1 
ATOM   601 C  "C2'" . C   B 1 10 ? 0.63907   6.08590   -10.14436 1.000 60.66354 ? 10  C   D "C2'" 1 
ATOM   602 O  "O2'" . C   B 1 10 ? 1.30431   7.10706   -10.86842 1.000 66.85140 ? 10  C   D "O2'" 1 
ATOM   603 C  "C1'" . C   B 1 10 ? 0.03764   6.71752   -8.89120  1.000 58.59081 ? 10  C   D "C1'" 1 
ATOM   604 N  N1    . C   B 1 10 ? -0.10838  5.72180   -7.81155  1.000 55.99922 ? 10  C   D N1    1 
ATOM   605 C  C2    . C   B 1 10 ? 1.02790   5.40837   -7.09168  1.000 57.12819 ? 10  C   D C2    1 
ATOM   606 O  O2    . C   B 1 10 ? 2.07017   6.00001   -7.38394  1.000 61.48562 ? 10  C   D O2    1 
ATOM   607 N  N3    . C   B 1 10 ? 0.96252   4.49997   -6.10237  1.000 56.88108 ? 10  C   D N3    1 
ATOM   608 C  C4    . C   B 1 10 ? -0.19372  3.90491   -5.83586  1.000 56.23592 ? 10  C   D C4    1 
ATOM   609 N  N4    . C   B 1 10 ? -0.21072  3.01911   -4.84213  1.000 54.91154 ? 10  C   D N4    1 
ATOM   610 C  C5    . C   B 1 10 ? -1.38126  4.18333   -6.57260  1.000 57.17019 ? 10  C   D C5    1 
ATOM   611 C  C6    . C   B 1 10 ? -1.29463  5.08986   -7.55397  1.000 58.82650 ? 10  C   D C6    1 
ATOM   612 P  P     . C   B 1 11 ? -0.13070  3.93652   -12.79276 1.000 64.06292 ? 11  C   D P     1 
ATOM   613 O  OP1   . C   B 1 11 ? -0.17919  4.03420   -14.27416 1.000 61.98863 ? 11  C   D OP1   1 
ATOM   614 O  OP2   . C   B 1 11 ? -1.02926  2.96605   -12.13410 1.000 61.68323 ? 11  C   D OP2   1 
ATOM   615 O  "O5'" . C   B 1 11 ? 1.32795   3.56599   -12.26522 1.000 58.51178 ? 11  C   D "O5'" 1 
ATOM   616 C  "C5'" . C   B 1 11 ? 2.47031   4.30947   -12.65724 1.000 61.68935 ? 11  C   D "C5'" 1 
ATOM   617 C  "C4'" . C   B 1 11 ? 3.66951   3.99759   -11.79233 1.000 55.33592 ? 11  C   D "C4'" 1 
ATOM   618 O  "O4'" . C   B 1 11 ? 3.39873   4.31462   -10.39852 1.000 65.93495 ? 11  C   D "O4'" 1 
ATOM   619 C  "C3'" . C   B 1 11 ? 4.10885   2.54890   -11.73480 1.000 59.65919 ? 11  C   D "C3'" 1 
ATOM   620 O  "O3'" . C   B 1 11 ? 4.81134   2.12060   -12.88532 1.000 68.36983 ? 11  C   D "O3'" 1 
ATOM   621 C  "C2'" . C   B 1 11 ? 4.95295   2.53134   -10.47406 1.000 60.09986 ? 11  C   D "C2'" 1 
ATOM   622 O  "O2'" . C   B 1 11 ? 6.19179   3.17655   -10.70185 1.000 64.75762 ? 11  C   D "O2'" 1 
ATOM   623 C  "C1'" . C   B 1 11 ? 4.12889   3.43294   -9.56487  1.000 60.79849 ? 11  C   D "C1'" 1 
ATOM   624 N  N1    . C   B 1 11 ? 3.20040   2.63331   -8.73713  1.000 55.64245 ? 11  C   D N1    1 
ATOM   625 C  C2    . C   B 1 11 ? 3.76158   2.00954   -7.62874  1.000 56.06543 ? 11  C   D C2    1 
ATOM   626 O  O2    . C   B 1 11 ? 4.96493   2.17169   -7.40290  1.000 56.85260 ? 11  C   D O2    1 
ATOM   627 N  N3    . C   B 1 11 ? 2.99823   1.25209   -6.82252  1.000 56.50444 ? 11  C   D N3    1 
ATOM   628 C  C4    . C   B 1 11 ? 1.70682   1.11210   -7.07955  1.000 57.12802 ? 11  C   D C4    1 
ATOM   629 N  N4    . C   B 1 11 ? 1.00753   0.36099   -6.22493  1.000 54.91060 ? 11  C   D N4    1 
ATOM   630 C  C5    . C   B 1 11 ? 1.09892   1.72946   -8.21730  1.000 56.76501 ? 11  C   D C5    1 
ATOM   631 C  C6    . C   B 1 11 ? 1.87610   2.47341   -9.02143  1.000 54.90694 ? 11  C   D C6    1 
ATOM   632 P  P     . C   B 1 12 ? 4.92839   0.55595   -13.22491 1.000 63.69387 ? 12  C   D P     1 
ATOM   633 O  OP1   . C   B 1 12 ? 5.63107   0.50504   -14.52743 1.000 70.39685 ? 12  C   D OP1   1 
ATOM   634 O  OP2   . C   B 1 12 ? 3.62176   -0.11346  -13.04801 1.000 60.93895 ? 12  C   D OP2   1 
ATOM   635 O  "O5'" . C   B 1 12 ? 5.88420   -0.03313  -12.09542 1.000 59.80928 ? 12  C   D "O5'" 1 
ATOM   636 C  "C5'" . C   B 1 12 ? 7.28824   0.08846   -12.20278 1.000 59.29613 ? 12  C   D "C5'" 1 
ATOM   637 C  "C4'" . C   B 1 12 ? 7.99786   -0.54494  -11.03137 1.000 63.96000 ? 12  C   D "C4'" 1 
ATOM   638 O  "O4'" . C   B 1 12 ? 7.37337   -0.14969  -9.78155  1.000 62.81293 ? 12  C   D "O4'" 1 
ATOM   639 C  "C3'" . C   B 1 12 ? 7.98761   -2.05984  -10.96240 1.000 60.54151 ? 12  C   D "C3'" 1 
ATOM   640 O  "O3'" . C   B 1 12 ? 8.89325   -2.67500  -11.85917 1.000 62.07252 ? 12  C   D "O3'" 1 
ATOM   641 C  "C2'" . C   B 1 12 ? 8.30802   -2.31200  -9.49820  1.000 57.54903 ? 12  C   D "C2'" 1 
ATOM   642 O  "O2'" . C   B 1 12 ? 9.68526   -2.08036  -9.24184  1.000 59.10823 ? 12  C   D "O2'" 1 
ATOM   643 C  "C1'" . C   B 1 12 ? 7.52251   -1.18554  -8.82946  1.000 57.75235 ? 12  C   D "C1'" 1 
ATOM   644 N  N1    . C   B 1 12 ? 6.18642   -1.62942  -8.37977  1.000 57.40001 ? 12  C   D N1    1 
ATOM   645 C  C2    . C   B 1 12 ? 6.12060   -2.39668  -7.21704  1.000 57.03491 ? 12  C   D C2    1 
ATOM   646 O  O2    . C   B 1 12 ? 7.18043   -2.66766  -6.63111  1.000 54.32030 ? 12  C   D O2    1 
ATOM   647 N  N3    . C   B 1 12 ? 4.91860   -2.81890  -6.76839  1.000 55.03474 ? 12  C   D N3    1 
ATOM   648 C  C4    . C   B 1 12 ? 3.81177   -2.49440  -7.45294  1.000 58.25265 ? 12  C   D C4    1 
ATOM   649 N  N4    . C   B 1 12 ? 2.63277   -2.91675  -6.98713  1.000 52.18809 ? 12  C   D N4    1 
ATOM   650 C  C5    . C   B 1 12 ? 3.85447   -1.71720  -8.64877  1.000 56.08126 ? 12  C   D C5    1 
ATOM   651 C  C6    . C   B 1 12 ? 5.05388   -1.30168  -9.06929  1.000 56.69687 ? 12  C   D C6    1 
ATOM   652 P  P     . A   B 1 13 ? 8.50344   -4.07798  -12.54427 1.000 63.36081 ? 13  A   D P     1 
ATOM   653 O  OP1   . A   B 1 13 ? 9.61119   -4.42062  -13.47494 1.000 67.33161 ? 13  A   D OP1   1 
ATOM   654 O  OP2   . A   B 1 13 ? 7.12668   -4.02382  -13.07034 1.000 53.33976 ? 13  A   D OP2   1 
ATOM   655 O  "O5'" . A   B 1 13 ? 8.57219   -5.11387  -11.33983 1.000 56.12603 ? 13  A   D "O5'" 1 
ATOM   656 C  "C5'" . A   B 1 13 ? 9.77736   -5.26472  -10.60716 1.000 58.48218 ? 13  A   D "C5'" 1 
ATOM   657 C  "C4'" . A   B 1 13 ? 9.59252   -6.18099  -9.43213  1.000 56.24877 ? 13  A   D "C4'" 1 
ATOM   658 O  "O4'" . A   B 1 13 ? 8.72638   -5.55892  -8.45510  1.000 58.40923 ? 13  A   D "O4'" 1 
ATOM   659 C  "C3'" . A   B 1 13 ? 8.90265   -7.49904  -9.72051  1.000 59.71859 ? 13  A   D "C3'" 1 
ATOM   660 O  "O3'" . A   B 1 13 ? 9.76332   -8.44348  -10.31622 1.000 62.70001 ? 13  A   D "O3'" 1 
ATOM   661 C  "C2'" . A   B 1 13 ? 8.40947   -7.90101  -8.34036  1.000 59.04769 ? 13  A   D "C2'" 1 
ATOM   662 O  "O2'" . A   B 1 13 ? 9.49028   -8.32942  -7.53034  1.000 53.59649 ? 13  A   D "O2'" 1 
ATOM   663 C  "C1'" . A   B 1 13 ? 7.97075   -6.55399  -7.79325  1.000 58.03120 ? 13  A   D "C1'" 1 
ATOM   664 N  N9    . A   B 1 13 ? 6.53725   -6.29882  -7.99711  1.000 53.17198 ? 13  A   D N9    1 
ATOM   665 C  C8    . A   B 1 13 ? 5.91789   -5.57706  -8.97664  1.000 51.52891 ? 13  A   D C8    1 
ATOM   666 N  N7    . A   B 1 13 ? 4.61950   -5.54047  -8.82486  1.000 55.87321 ? 13  A   D N7    1 
ATOM   667 C  C5    . A   B 1 13 ? 4.38117   -6.27724  -7.67025  1.000 57.23668 ? 13  A   D C5    1 
ATOM   668 C  C6    . A   B 1 13 ? 3.20905   -6.60660  -6.96153  1.000 55.65458 ? 13  A   D C6    1 
ATOM   669 N  N6    . A   B 1 13 ? 1.99305   -6.21692  -7.33215  1.000 55.29539 ? 13  A   D N6    1 
ATOM   670 N  N1    . A   B 1 13 ? 3.33673   -7.35972  -5.84262  1.000 54.52337 ? 13  A   D N1    1 
ATOM   671 C  C2    . A   B 1 13 ? 4.56423   -7.74872  -5.46987  1.000 54.28798 ? 13  A   D C2    1 
ATOM   672 N  N3    . A   B 1 13 ? 5.73475   -7.49547  -6.04712  1.000 53.33450 ? 13  A   D N3    1 
ATOM   673 C  C4    . A   B 1 13 ? 5.56410   -6.75127  -7.15278  1.000 53.85224 ? 13  A   D C4    1 
ATOM   674 P  P     . G   B 1 14 ? 9.19130   -9.58176  -11.28774 1.000 64.35870 ? 14  G   D P     1 
ATOM   675 O  OP1   . G   B 1 14 ? 10.40014  -10.18242 -11.90601 1.000 64.03399 ? 14  G   D OP1   1 
ATOM   676 O  OP2   . G   B 1 14 ? 8.11013   -9.05228  -12.14942 1.000 63.13636 ? 14  G   D OP2   1 
ATOM   677 O  "O5'" . G   B 1 14 ? 8.55200   -10.63538 -10.28714 1.000 58.69133 ? 14  G   D "O5'" 1 
ATOM   678 C  "C5'" . G   B 1 14 ? 9.30585   -11.14030 -9.19754  1.000 59.88340 ? 14  G   D "C5'" 1 
ATOM   679 C  "C4'" . G   B 1 14 ? 8.45398   -12.02707 -8.33561  1.000 62.05321 ? 14  G   D "C4'" 1 
ATOM   680 O  "O4'" . G   B 1 14 ? 7.54003   -11.22472 -7.54292  1.000 59.42844 ? 14  G   D "O4'" 1 
ATOM   681 C  "C3'" . G   B 1 14 ? 7.55319   -12.98196 -9.09741  1.000 59.73893 ? 14  G   D "C3'" 1 
ATOM   682 O  "O3'" . G   B 1 14 ? 8.25342   -14.14013 -9.49970  1.000 62.62108 ? 14  G   D "O3'" 1 
ATOM   683 C  "C2'" . G   B 1 14 ? 6.43343   -13.25319 -8.10138  1.000 64.65285 ? 14  G   D "C2'" 1 
ATOM   684 O  "O2'" . G   B 1 14 ? 6.85085   -14.21432 -7.14354  1.000 61.89899 ? 14  G   D "O2'" 1 
ATOM   685 C  "C1'" . G   B 1 14 ? 6.31060   -11.89458 -7.39878  1.000 55.76748 ? 14  G   D "C1'" 1 
ATOM   686 N  N9    . G   B 1 14 ? 5.25516   -11.03465 -7.96592  1.000 55.09269 ? 14  G   D N9    1 
ATOM   687 C  C8    . G   B 1 14 ? 5.32231   -10.22677 -9.07760  1.000 56.34394 ? 14  G   D C8    1 
ATOM   688 N  N7    . G   B 1 14 ? 4.20386   -9.57940  -9.30686  1.000 55.76596 ? 14  G   D N7    1 
ATOM   689 C  C5    . G   B 1 14 ? 3.35134   -9.96564  -8.27591  1.000 54.51820 ? 14  G   D C5    1 
ATOM   690 C  C6    . G   B 1 14 ? 2.00275   -9.59316  -7.97602  1.000 56.16317 ? 14  G   D C6    1 
ATOM   691 O  O6    . G   B 1 14 ? 1.22943   -8.81976  -8.57178  1.000 55.33991 ? 14  G   D O6    1 
ATOM   692 N  N1    . G   B 1 14 ? 1.54532   -10.24465 -6.84024  1.000 54.13647 ? 14  G   D N1    1 
ATOM   693 C  C2    . G   B 1 14 ? 2.26849   -11.12491 -6.07535  1.000 56.70209 ? 14  G   D C2    1 
ATOM   694 N  N2    . G   B 1 14 ? 1.63349   -11.63527 -5.00739  1.000 54.22076 ? 14  G   D N2    1 
ATOM   695 N  N3    . G   B 1 14 ? 3.52093   -11.48120 -6.33813  1.000 57.70403 ? 14  G   D N3    1 
ATOM   696 C  C4    . G   B 1 14 ? 3.99361   -10.86724 -7.44582  1.000 56.30990 ? 14  G   D C4    1 
ATOM   697 P  P     . U   B 1 15 ? 7.83828   -14.94112 -10.82485 1.000 66.23071 ? 15  U   D P     1 
ATOM   698 O  OP1   . U   B 1 15 ? 9.04092   -15.69066 -11.26573 1.000 73.52127 ? 15  U   D OP1   1 
ATOM   699 O  OP2   . U   B 1 15 ? 7.21848   -13.98214 -11.76939 1.000 66.06372 ? 15  U   D OP2   1 
ATOM   700 O  "O5'" . U   B 1 15 ? 6.77977   -16.00304 -10.28349 1.000 67.18073 ? 15  U   D "O5'" 1 
ATOM   701 C  "C5'" . U   B 1 15 ? 6.25217   -17.03132 -11.10851 1.000 67.92086 ? 15  U   D "C5'" 1 
ATOM   702 C  "C4'" . U   B 1 15 ? 6.24480   -18.35416 -10.38445 1.000 65.41712 ? 15  U   D "C4'" 1 
ATOM   703 O  "O4'" . U   B 1 15 ? 7.53192   -18.98231 -10.53121 1.000 65.25186 ? 15  U   D "O4'" 1 
ATOM   704 C  "C3'" . U   B 1 15 ? 6.03578   -18.28591 -8.88024  1.000 68.45539 ? 15  U   D "C3'" 1 
ATOM   705 O  "O3'" . U   B 1 15 ? 4.66913   -18.22926 -8.54214  1.000 76.72695 ? 15  U   D "O3'" 1 
ATOM   706 C  "C2'" . U   B 1 15 ? 6.70301   -19.55572 -8.37685  1.000 66.32649 ? 15  U   D "C2'" 1 
ATOM   707 O  "O2'" . U   B 1 15 ? 5.82813   -20.66670 -8.51012  1.000 66.61981 ? 15  U   D "O2'" 1 
ATOM   708 C  "C1'" . U   B 1 15 ? 7.84539   -19.72347 -9.37480  1.000 62.44717 ? 15  U   D "C1'" 1 
ATOM   709 N  N1    . U   B 1 15 ? 9.14321   -19.25501 -8.85540  1.000 61.12359 ? 15  U   D N1    1 
ATOM   710 C  C2    . U   B 1 15 ? 9.79507   -20.06653 -7.94915  1.000 59.13172 ? 15  U   D C2    1 
ATOM   711 O  O2    . U   B 1 15 ? 9.35180   -21.12619 -7.55730  1.000 63.96392 ? 15  U   D O2    1 
ATOM   712 N  N3    . U   B 1 15 ? 10.99860  -19.60034 -7.51124  1.000 55.95108 ? 15  U   D N3    1 
ATOM   713 C  C4    . U   B 1 15 ? 11.59838  -18.43071 -7.89185  1.000 54.22264 ? 15  U   D C4    1 
ATOM   714 O  O4    . U   B 1 15 ? 12.68717  -18.16713 -7.40309  1.000 57.41082 ? 15  U   D O4    1 
ATOM   715 C  C5    . U   B 1 15 ? 10.86256  -17.63390 -8.82721  1.000 55.52520 ? 15  U   D C5    1 
ATOM   716 C  C6    . U   B 1 15 ? 9.68325   -18.06644 -9.27640  1.000 59.66743 ? 15  U   D C6    1 
ATOM   717 P  P     . A   B 1 16 ? 4.01725   -16.85379 -8.04353  1.000 78.82334 ? 16  A   D P     1 
ATOM   718 O  OP1   . A   B 1 16 ? 3.57032   -16.12241 -9.26122  1.000 74.11996 ? 16  A   D OP1   1 
ATOM   719 O  OP2   . A   B 1 16 ? 4.89420   -16.19864 -7.04998  1.000 65.20573 ? 16  A   D OP2   1 
ATOM   720 O  "O5'" . A   B 1 16 ? 2.73028   -17.34170 -7.25225  1.000 73.06830 ? 16  A   D "O5'" 1 
ATOM   721 C  "C5'" . A   B 1 16 ? 2.84011   -18.10365 -6.06134  1.000 65.29596 ? 16  A   D "C5'" 1 
ATOM   722 C  "C4'" . A   B 1 16 ? 1.55396   -18.00552 -5.29883  1.000 63.59359 ? 16  A   D "C4'" 1 
ATOM   723 O  "O4'" . A   B 1 16 ? 1.44796   -16.65953 -4.76421  1.000 62.29828 ? 16  A   D "O4'" 1 
ATOM   724 C  "C3'" . A   B 1 16 ? 0.30316   -18.16823 -6.15366  1.000 60.27503 ? 16  A   D "C3'" 1 
ATOM   725 O  "O3'" . A   B 1 16 ? -0.08067  -19.52084 -6.34001  1.000 54.00843 ? 16  A   D "O3'" 1 
ATOM   726 C  "C2'" . A   B 1 16 ? -0.70933  -17.32453 -5.40635  1.000 62.35259 ? 16  A   D "C2'" 1 
ATOM   727 O  "O2'" . A   B 1 16 ? -1.10918  -17.99367 -4.21989  1.000 65.38280 ? 16  A   D "O2'" 1 
ATOM   728 C  "C1'" . A   B 1 16 ? 0.16302   -16.14865 -4.99325  1.000 60.14853 ? 16  A   D "C1'" 1 
ATOM   729 N  N9    . A   B 1 16 ? 0.29245   -15.14331 -6.06364  1.000 59.91870 ? 16  A   D N9    1 
ATOM   730 C  C8    . A   B 1 16 ? 1.42555   -14.85559 -6.77734  1.000 59.51419 ? 16  A   D C8    1 
ATOM   731 N  N7    . A   B 1 16 ? 1.26914   -13.91315 -7.67149  1.000 61.14025 ? 16  A   D N7    1 
ATOM   732 C  C5    . A   B 1 16 ? -0.06175  -13.54695 -7.54039  1.000 57.83066 ? 16  A   D C5    1 
ATOM   733 C  C6    . A   B 1 16 ? -0.85768  -12.58996 -8.20381  1.000 57.96908 ? 16  A   D C6    1 
ATOM   734 N  N6    . A   B 1 16 ? -0.43313  -11.78100 -9.17923  1.000 59.34605 ? 16  A   D N6    1 
ATOM   735 N  N1    . A   B 1 16 ? -2.14478  -12.48694 -7.82862  1.000 57.33698 ? 16  A   D N1    1 
ATOM   736 C  C2    . A   B 1 16 ? -2.59493  -13.29423 -6.86468  1.000 58.51942 ? 16  A   D C2    1 
ATOM   737 N  N3    . A   B 1 16 ? -1.96208  -14.22518 -6.16331  1.000 58.18781 ? 16  A   D N3    1 
ATOM   738 C  C4    . A   B 1 16 ? -0.67562  -14.30300 -6.55553  1.000 60.13909 ? 16  A   D C4    1 
ATOM   739 P  P     . U   B 1 17 ? -0.51878  -20.03782 -7.79225  1.000 61.73402 ? 17  U   D P     1 
ATOM   740 O  OP1   . U   B 1 17 ? -0.55731  -21.52048 -7.74944  1.000 56.95007 ? 17  U   D OP1   1 
ATOM   741 O  OP2   . U   B 1 17 ? 0.25862   -19.29743 -8.81323  1.000 61.20597 ? 17  U   D OP2   1 
ATOM   742 O  "O5'" . U   B 1 17 ? -2.02522  -19.53704 -7.93293  1.000 58.94316 ? 17  U   D "O5'" 1 
ATOM   743 C  "C5'" . U   B 1 17 ? -2.95220  -19.81132 -6.89573  1.000 55.35537 ? 17  U   D "C5'" 1 
ATOM   744 C  "C4'" . U   B 1 17 ? -4.18710  -18.96155 -7.00129  1.000 59.71485 ? 17  U   D "C4'" 1 
ATOM   745 O  "O4'" . U   B 1 17 ? -3.86599  -17.55621 -6.80557  1.000 60.12603 ? 17  U   D "O4'" 1 
ATOM   746 C  "C3'" . U   B 1 17 ? -4.89371  -18.99018 -8.34001  1.000 59.16907 ? 17  U   D "C3'" 1 
ATOM   747 O  "O3'" . U   B 1 17 ? -5.67601  -20.15895 -8.51148  1.000 61.34622 ? 17  U   D "O3'" 1 
ATOM   748 C  "C2'" . U   B 1 17 ? -5.70337  -17.70987 -8.29319  1.000 53.91602 ? 17  U   D "C2'" 1 
ATOM   749 O  "O2'" . U   B 1 17 ? -6.81355  -17.88074 -7.42525  1.000 60.09304 ? 17  U   D "O2'" 1 
ATOM   750 C  "C1'" . U   B 1 17 ? -4.72006  -16.76518 -7.60353  1.000 57.62964 ? 17  U   D "C1'" 1 
ATOM   751 N  N1    . U   B 1 17 ? -3.90455  -16.00187 -8.57120  1.000 56.56384 ? 17  U   D N1    1 
ATOM   752 C  C2    . U   B 1 17 ? -4.48748  -14.92463 -9.20988  1.000 57.20190 ? 17  U   D C2    1 
ATOM   753 O  O2    . U   B 1 17 ? -5.63299  -14.55635 -9.03364  1.000 55.68683 ? 17  U   D O2    1 
ATOM   754 N  N3    . U   B 1 17 ? -3.67810  -14.26638 -10.08867 1.000 59.89623 ? 17  U   D N3    1 
ATOM   755 C  C4    . U   B 1 17 ? -2.36808  -14.55806 -10.38466 1.000 59.01700 ? 17  U   D C4    1 
ATOM   756 O  O4    . U   B 1 17 ? -1.78729  -13.84863 -11.20225 1.000 63.16013 ? 17  U   D O4    1 
ATOM   757 C  C5    . U   B 1 17 ? -1.82375  -15.68660 -9.69049  1.000 56.56829 ? 17  U   D C5    1 
ATOM   758 C  C6    . U   B 1 17 ? -2.59528  -16.35221 -8.82624  1.000 59.72804 ? 17  U   D C6    1 
ATOM   759 P  P     . C   B 1 18 ? -6.07149  -20.68958 -9.97478  1.000 59.93076 ? 18  C   D P     1 
ATOM   760 O  OP1   . C   B 1 18 ? -6.78190  -21.97702 -9.76634  1.000 58.88219 ? 18  C   D OP1   1 
ATOM   761 O  OP2   . C   B 1 18 ? -4.90654  -20.59779 -10.89002 1.000 64.04882 ? 18  C   D OP2   1 
ATOM   762 O  "O5'" . C   B 1 18 ? -7.16510  -19.66161 -10.48586 1.000 58.65257 ? 18  C   D "O5'" 1 
ATOM   763 C  "C5'" . C   B 1 18 ? -8.37145  -19.46627 -9.76437  1.000 53.89715 ? 18  C   D "C5'" 1 
ATOM   764 C  "C4'" . C   B 1 18 ? -9.23296  -18.46687 -10.47059 1.000 51.36709 ? 18  C   D "C4'" 1 
ATOM   765 O  "O4'" . C   B 1 18 ? -8.71223  -17.13062 -10.24345 1.000 54.56104 ? 18  C   D "O4'" 1 
ATOM   766 C  "C3'" . C   B 1 18 ? -9.25877  -18.59522 -11.98335 1.000 55.81455 ? 18  C   D "C3'" 1 
ATOM   767 O  "O3'" . C   B 1 18 ? -10.11560 -19.62298 -12.45867 1.000 48.54282 ? 18  C   D "O3'" 1 
ATOM   768 C  "C2'" . C   B 1 18 ? -9.65502  -17.19489 -12.41906 1.000 55.47805 ? 18  C   D "C2'" 1 
ATOM   769 O  "O2'" . C   B 1 18 ? -11.04353 -16.99286 -12.23648 1.000 55.28597 ? 18  C   D "O2'" 1 
ATOM   770 C  "C1'" . C   B 1 18 ? -8.89199  -16.34208 -11.39796 1.000 53.07751 ? 18  C   D "C1'" 1 
ATOM   771 N  N1    . C   B 1 18 ? -7.56145  -15.96362 -11.92994 1.000 55.80030 ? 18  C   D N1    1 
ATOM   772 C  C2    . C   B 1 18 ? -7.52466  -14.85891 -12.77638 1.000 55.80747 ? 18  C   D C2    1 
ATOM   773 O  O2    . C   B 1 18 ? -8.58840  -14.25423 -12.99225 1.000 53.06510 ? 18  C   D O2    1 
ATOM   774 N  N3    . C   B 1 18 ? -6.35150  -14.47472 -13.32317 1.000 53.53316 ? 18  C   D N3    1 
ATOM   775 C  C4    . C   B 1 18 ? -5.24511  -15.16452 -13.06596 1.000 54.59274 ? 18  C   D C4    1 
ATOM   776 N  N4    . C   B 1 18 ? -4.11207  -14.73372 -13.62992 1.000 54.23994 ? 18  C   D N4    1 
ATOM   777 C  C5    . C   B 1 18 ? -5.25134  -16.30766 -12.21239 1.000 53.70812 ? 18  C   D C5    1 
ATOM   778 C  C6    . C   B 1 18 ? -6.41830  -16.66983 -11.66647 1.000 52.64707 ? 18  C   D C6    1 
ATOM   779 P  P     . A   B 1 19 ? -10.09169 -20.02020 -14.01614 1.000 53.38467 ? 19  A   D P     1 
ATOM   780 O  OP1   . A   B 1 19 ? -10.67291 -21.37331 -14.19644 1.000 48.78789 ? 19  A   D OP1   1 
ATOM   781 O  OP2   . A   B 1 19 ? -8.75897  -19.72961 -14.55531 1.000 56.57906 ? 19  A   D OP2   1 
ATOM   782 O  "O5'" . A   B 1 19 ? -10.99664 -18.90610 -14.67635 1.000 54.85136 ? 19  A   D "O5'" 1 
ATOM   783 C  "C5'" . A   B 1 19 ? -10.91337 -18.63540 -16.05646 1.000 54.97848 ? 19  A   D "C5'" 1 
ATOM   784 C  "C4'" . A   B 1 19 ? -11.30811 -17.21481 -16.33932 1.000 55.23762 ? 19  A   D "C4'" 1 
ATOM   785 O  "O4'" . A   B 1 19 ? -10.54777 -16.33431 -15.47927 1.000 49.15148 ? 19  A   D "O4'" 1 
ATOM   786 C  "C3'" . A   B 1 19 ? -10.99950 -16.75232 -17.75158 1.000 55.06757 ? 19  A   D "C3'" 1 
ATOM   787 O  "O3'" . A   B 1 19 ? -12.06725 -17.01987 -18.64004 1.000 63.97509 ? 19  A   D "O3'" 1 
ATOM   788 C  "C2'" . A   B 1 19 ? -10.70507 -15.27244 -17.58525 1.000 54.74482 ? 19  A   D "C2'" 1 
ATOM   789 O  "O2'" . A   B 1 19 ? -11.90530 -14.53128 -17.52221 1.000 53.29582 ? 19  A   D "O2'" 1 
ATOM   790 C  "C1'" . A   B 1 19 ? -10.04117 -15.24715 -16.21622 1.000 52.59311 ? 19  A   D "C1'" 1 
ATOM   791 N  N9    . A   B 1 19 ? -8.57781  -15.41318 -16.31832 1.000 52.25286 ? 19  A   D N9    1 
ATOM   792 C  C8    . A   B 1 19 ? -7.82241  -16.40834 -15.75633 1.000 50.14883 ? 19  A   D C8    1 
ATOM   793 N  N7    . A   B 1 19 ? -6.53502  -16.28159 -15.98749 1.000 55.38019 ? 19  A   D N7    1 
ATOM   794 C  C5    . A   B 1 19 ? -6.44490  -15.13752 -16.75649 1.000 50.33509 ? 19  A   D C5    1 
ATOM   795 C  C6    . A   B 1 19 ? -5.35569  -14.50371 -17.35069 1.000 50.39708 ? 19  A   D C6    1 
ATOM   796 N  N6    . A   B 1 19 ? -4.10332  -14.93622 -17.23666 1.000 45.86741 ? 19  A   D N6    1 
ATOM   797 N  N1    . A   B 1 19 ? -5.60022  -13.39755 -18.07164 1.000 51.49454 ? 19  A   D N1    1 
ATOM   798 C  C2    . A   B 1 19 ? -6.86016  -12.96496 -18.17434 1.000 49.60540 ? 19  A   D C2    1 
ATOM   799 N  N3    . A   B 1 19 ? -7.97224  -13.47812 -17.66607 1.000 50.72151 ? 19  A   D N3    1 
ATOM   800 C  C4    . A   B 1 19 ? -7.69146  -14.58638 -16.96602 1.000 52.29110 ? 19  A   D C4    1 
HETATM 801 MG MG    . MG  C 2 .  ? -0.28910  -3.52283  -1.71192  1.000 70.96576 ? 101 MG  A MG    1 
HETATM 802 C  C1    . GOL D 3 .  ? 2.24159   -7.52976  -11.89389 1.000 63.11704 ? 101 GOL D C1    1 
HETATM 803 O  O1    . GOL D 3 .  ? 3.57506   -7.76960  -11.43789 1.000 62.02682 ? 101 GOL D O1    1 
HETATM 804 C  C2    . GOL D 3 .  ? 1.67107   -6.21881  -11.22420 1.000 56.89533 ? 101 GOL D C2    1 
HETATM 805 O  O2    . GOL D 3 .  ? 2.67556   -5.43098  -10.62953 1.000 59.96945 ? 101 GOL D O2    1 
HETATM 806 C  C3    . GOL D 3 .  ? 0.98270   -5.46091  -12.39259 1.000 58.22142 ? 101 GOL D C3    1 
HETATM 807 O  O3    . GOL D 3 .  ? 0.60401   -4.20061  -11.92991 1.000 63.78412 ? 101 GOL D O3    1 
HETATM 808 O  O     . HOH E 4 .  ? 6.38422   -0.13162  5.26640   1.000 67.29457 ? 201 HOH A O     1 
# 
